data_7KH2
#
_entry.id   7KH2
#
_cell.length_a   70.839
_cell.length_b   279.061
_cell.length_c   108.625
_cell.angle_alpha   90.000
_cell.angle_beta   90.000
_cell.angle_gamma   90.000
#
_symmetry.space_group_name_H-M   'P 21 21 2'
#
loop_
_entity.id
_entity.type
_entity.pdbx_description
1 polymer 'N-citrylornithine decarboxylase'
2 non-polymer "PYRIDOXAL-5'-PHOSPHATE"
3 non-polymer 'SULFATE ION'
4 non-polymer GLYCEROL
5 water water
#
_entity_poly.entity_id   1
_entity_poly.type   'polypeptide(L)'
_entity_poly.pdbx_seq_one_letter_code
;(MSE)GHHHHHHAENLYFQGADP(MSE)SKLSDSKSVFSKLSNKQIETIIQRYASPCFIIDENALLERARLFQQAILNQY
QNSIAAYSVKTQSLNTIIQKFYEVGFIPEVVSSDEFEQIQKLQLCDKSIIFNGPYKNDASLIKALQLNA(MSE)INCDHF
DEILRIAKIAKKLNITAKIGLRIADNKTPQNWSRFGFALTDQQNNSDIFTTIDKIQQIANIQLAGLHCHIGTNIRDISRF
TA(MSE)AKNIAELAETILTKYKLTLEWIDLGGGLAGISPTLSDKRLQPYNPFDLELYAATIIAPLKEYLNKTNDKTKLI
FELGRSLVDYSVALLTTIVGTREQNEDFQSLITDAGIHTIPTISTYRHPIYHLKTDSYHKKTLLLGPSC(MSE)QHDFLH
DDIFLPKLEYGDKLLIDGVGAYNISRNNEFIHLKPSVILIDKNQQYQVLRVRQTHQ
;
_entity_poly.pdbx_strand_id   A,B,C,D
#
# COMPACT_ATOMS: atom_id res chain seq x y z
N SER A 21 -15.54 50.06 11.84
CA SER A 21 -15.22 49.39 13.10
C SER A 21 -16.15 48.21 13.34
N LYS A 22 -17.45 48.47 13.32
CA LYS A 22 -18.44 47.40 13.49
C LYS A 22 -18.66 46.67 12.18
N LEU A 23 -18.97 45.37 12.29
CA LEU A 23 -19.03 44.52 11.10
C LEU A 23 -20.08 45.00 10.11
N SER A 24 -21.25 45.41 10.60
CA SER A 24 -22.33 45.77 9.68
C SER A 24 -21.95 46.94 8.80
N ASP A 25 -21.24 47.91 9.36
CA ASP A 25 -20.86 49.12 8.66
C ASP A 25 -19.55 48.97 7.90
N SER A 26 -19.00 47.76 7.84
CA SER A 26 -17.72 47.51 7.20
C SER A 26 -17.89 47.31 5.70
N LYS A 27 -16.77 47.38 4.99
CA LYS A 27 -16.67 47.03 3.59
C LYS A 27 -16.34 45.55 3.38
N SER A 28 -16.47 44.74 4.43
CA SER A 28 -16.07 43.34 4.37
C SER A 28 -17.15 42.48 3.73
N VAL A 29 -16.71 41.47 2.99
CA VAL A 29 -17.66 40.57 2.36
C VAL A 29 -18.51 39.84 3.38
N PHE A 30 -18.09 39.83 4.65
CA PHE A 30 -18.88 39.32 5.75
C PHE A 30 -19.65 40.42 6.46
N SER A 31 -19.61 41.64 5.93
CA SER A 31 -20.41 42.74 6.50
C SER A 31 -21.83 42.31 6.79
N LYS A 32 -22.43 41.55 5.87
CA LYS A 32 -23.73 40.91 5.81
C LYS A 32 -23.92 39.86 6.80
N LEU A 33 -23.02 39.63 7.74
CA LEU A 33 -23.12 38.46 8.59
C LEU A 33 -23.73 38.83 9.94
N SER A 34 -24.69 38.04 10.37
CA SER A 34 -25.52 38.34 11.53
C SER A 34 -24.91 37.77 12.80
N ASN A 35 -25.29 38.36 13.93
CA ASN A 35 -24.89 37.81 15.22
C ASN A 35 -25.42 36.39 15.40
N LYS A 36 -26.67 36.16 14.99
CA LYS A 36 -27.25 34.82 15.10
C LYS A 36 -26.55 33.85 14.16
N GLN A 37 -26.22 34.27 12.94
CA GLN A 37 -25.45 33.43 12.04
C GLN A 37 -24.09 33.10 12.66
N ILE A 38 -23.37 34.11 13.14
CA ILE A 38 -22.06 33.89 13.73
C ILE A 38 -22.16 32.96 14.93
N GLU A 39 -23.07 33.27 15.86
CA GLU A 39 -23.25 32.42 17.03
C GLU A 39 -23.66 31.01 16.62
N THR A 40 -24.39 30.87 15.51
CA THR A 40 -24.72 29.53 15.01
C THR A 40 -23.47 28.82 14.49
N ILE A 41 -22.64 29.53 13.73
CA ILE A 41 -21.39 28.95 13.23
C ILE A 41 -20.58 28.39 14.39
N ILE A 42 -20.39 29.21 15.43
CA ILE A 42 -19.53 28.83 16.54
C ILE A 42 -20.15 27.70 17.35
N GLN A 43 -21.45 27.79 17.63
CA GLN A 43 -22.14 26.72 18.34
C GLN A 43 -22.02 25.39 17.60
N ARG A 44 -21.91 25.44 16.27
CA ARG A 44 -21.88 24.22 15.47
C ARG A 44 -20.46 23.72 15.23
N TYR A 45 -19.49 24.62 15.07
CA TYR A 45 -18.14 24.23 14.70
C TYR A 45 -17.07 24.77 15.64
N ALA A 46 -17.47 25.38 16.76
CA ALA A 46 -16.57 25.84 17.80
C ALA A 46 -15.80 27.08 17.38
N SER A 47 -15.21 27.78 18.36
CA SER A 47 -14.38 28.94 18.19
C SER A 47 -12.96 28.64 18.63
N PRO A 48 -11.93 29.16 17.93
CA PRO A 48 -12.02 29.99 16.72
C PRO A 48 -12.44 29.16 15.50
N CYS A 49 -12.81 29.83 14.42
CA CYS A 49 -13.37 29.16 13.25
C CYS A 49 -13.10 29.99 12.00
N PHE A 50 -12.45 29.38 11.02
CA PHE A 50 -12.29 30.01 9.72
C PHE A 50 -13.59 29.91 8.93
N ILE A 51 -13.91 30.96 8.18
CA ILE A 51 -15.06 30.96 7.29
C ILE A 51 -14.62 31.49 5.92
N ILE A 52 -15.12 30.86 4.86
CA ILE A 52 -14.77 31.20 3.49
C ILE A 52 -16.06 31.50 2.75
N ASP A 53 -16.15 32.69 2.15
CA ASP A 53 -17.32 33.07 1.36
C ASP A 53 -17.09 32.61 -0.08
N GLU A 54 -17.85 31.61 -0.51
CA GLU A 54 -17.66 31.07 -1.86
C GLU A 54 -17.94 32.13 -2.93
N ASN A 55 -19.05 32.85 -2.77
CA ASN A 55 -19.46 33.82 -3.80
C ASN A 55 -18.34 34.82 -4.08
N ALA A 56 -17.91 35.55 -3.04
CA ALA A 56 -16.85 36.54 -3.21
C ALA A 56 -15.62 35.90 -3.84
N LEU A 57 -15.28 34.68 -3.43
CA LEU A 57 -14.05 34.05 -3.89
C LEU A 57 -14.11 33.76 -5.39
N LEU A 58 -15.18 33.10 -5.84
CA LEU A 58 -15.25 32.75 -7.25
C LEU A 58 -15.52 33.96 -8.14
N GLU A 59 -16.20 34.98 -7.62
CA GLU A 59 -16.38 36.22 -8.38
C GLU A 59 -15.04 36.87 -8.68
N ARG A 60 -14.18 36.98 -7.65
CA ARG A 60 -12.82 37.47 -7.87
C ARG A 60 -12.09 36.63 -8.91
N ALA A 61 -12.26 35.30 -8.85
CA ALA A 61 -11.58 34.42 -9.78
C ALA A 61 -12.02 34.70 -11.21
N ARG A 62 -13.33 34.80 -11.44
CA ARG A 62 -13.82 35.02 -12.79
C ARG A 62 -13.38 36.37 -13.33
N LEU A 63 -13.40 37.40 -12.49
CA LEU A 63 -13.00 38.73 -12.95
C LEU A 63 -11.54 38.74 -13.39
N PHE A 64 -10.68 37.99 -12.69
CA PHE A 64 -9.28 37.95 -13.08
C PHE A 64 -9.11 37.28 -14.43
N GLN A 65 -9.73 36.12 -14.62
CA GLN A 65 -9.69 35.46 -15.92
C GLN A 65 -10.22 36.36 -17.01
N GLN A 66 -11.35 37.03 -16.75
CA GLN A 66 -11.90 37.95 -17.73
C GLN A 66 -10.95 39.10 -18.02
N ALA A 67 -10.23 39.57 -17.00
CA ALA A 67 -9.32 40.69 -17.21
C ALA A 67 -8.16 40.29 -18.13
N ILE A 68 -7.54 39.15 -17.86
CA ILE A 68 -6.35 38.78 -18.63
C ILE A 68 -6.73 38.30 -20.02
N LEU A 69 -7.93 37.75 -20.19
CA LEU A 69 -8.32 37.24 -21.51
C LEU A 69 -8.67 38.36 -22.46
N ASN A 70 -9.31 39.43 -21.96
CA ASN A 70 -9.62 40.56 -22.82
C ASN A 70 -8.36 41.32 -23.25
N GLN A 71 -7.24 41.12 -22.57
CA GLN A 71 -5.98 41.70 -22.99
C GLN A 71 -5.21 40.80 -23.95
N TYR A 72 -5.32 39.48 -23.79
CA TYR A 72 -4.58 38.54 -24.62
C TYR A 72 -5.34 37.22 -24.62
N GLN A 73 -5.64 36.70 -25.82
CA GLN A 73 -6.54 35.55 -25.92
C GLN A 73 -5.95 34.31 -25.28
N ASN A 74 -4.65 34.08 -25.43
CA ASN A 74 -4.01 32.88 -24.90
C ASN A 74 -3.48 33.08 -23.49
N SER A 75 -4.23 33.75 -22.63
CA SER A 75 -3.85 33.94 -21.24
C SER A 75 -4.48 32.85 -20.37
N ILE A 76 -3.70 32.35 -19.42
CA ILE A 76 -4.11 31.24 -18.57
C ILE A 76 -3.93 31.66 -17.12
N ALA A 77 -5.00 31.56 -16.34
CA ALA A 77 -4.93 31.79 -14.90
C ALA A 77 -4.52 30.49 -14.21
N ALA A 78 -3.48 30.57 -13.38
CA ALA A 78 -2.97 29.42 -12.65
C ALA A 78 -3.34 29.57 -11.17
N TYR A 79 -3.72 28.48 -10.54
CA TYR A 79 -4.11 28.51 -9.14
C TYR A 79 -2.89 28.24 -8.26
N SER A 80 -2.57 29.20 -7.39
CA SER A 80 -1.42 29.07 -6.49
C SER A 80 -1.80 28.18 -5.32
N VAL A 81 -1.44 26.90 -5.41
CA VAL A 81 -1.86 25.93 -4.41
C VAL A 81 -1.41 26.35 -3.02
N LYS A 82 -0.15 26.78 -2.90
CA LYS A 82 0.41 27.04 -1.58
C LYS A 82 -0.37 28.13 -0.84
N THR A 83 -0.95 29.07 -1.57
CA THR A 83 -1.66 30.18 -0.94
C THR A 83 -2.92 29.70 -0.22
N GLN A 84 -3.57 28.66 -0.75
CA GLN A 84 -4.83 28.16 -0.21
C GLN A 84 -4.98 26.75 -0.76
N SER A 85 -4.53 25.76 0.01
CA SER A 85 -4.32 24.41 -0.49
C SER A 85 -5.46 23.45 -0.16
N LEU A 86 -6.59 23.95 0.34
CA LEU A 86 -7.73 23.08 0.60
C LEU A 86 -8.24 22.48 -0.71
N ASN A 87 -8.33 21.15 -0.73
CA ASN A 87 -8.65 20.45 -1.98
C ASN A 87 -9.93 20.99 -2.60
N THR A 88 -10.93 21.29 -1.79
CA THR A 88 -12.20 21.77 -2.34
C THR A 88 -12.00 23.09 -3.06
N ILE A 89 -11.22 24.00 -2.48
CA ILE A 89 -10.99 25.29 -3.13
C ILE A 89 -10.24 25.09 -4.45
N ILE A 90 -9.25 24.20 -4.45
CA ILE A 90 -8.52 23.90 -5.68
C ILE A 90 -9.50 23.47 -6.77
N GLN A 91 -10.38 22.52 -6.44
CA GLN A 91 -11.32 22.00 -7.44
C GLN A 91 -12.21 23.11 -7.99
N LYS A 92 -12.66 24.02 -7.13
CA LYS A 92 -13.48 25.15 -7.59
C LYS A 92 -12.76 25.93 -8.68
N PHE A 93 -11.55 26.40 -8.38
CA PHE A 93 -10.81 27.21 -9.35
C PHE A 93 -10.54 26.42 -10.62
N TYR A 94 -10.28 25.11 -10.48
CA TYR A 94 -10.11 24.27 -11.66
C TYR A 94 -11.36 24.29 -12.54
N GLU A 95 -12.54 24.31 -11.91
CA GLU A 95 -13.78 24.32 -12.68
C GLU A 95 -14.00 25.67 -13.36
N VAL A 96 -13.48 26.75 -12.78
CA VAL A 96 -13.56 28.06 -13.43
C VAL A 96 -12.57 28.17 -14.58
N GLY A 97 -11.58 27.29 -14.65
CA GLY A 97 -10.61 27.31 -15.72
C GLY A 97 -9.17 27.45 -15.27
N PHE A 98 -8.90 27.53 -13.97
CA PHE A 98 -7.53 27.67 -13.50
C PHE A 98 -6.78 26.34 -13.65
N ILE A 99 -5.49 26.44 -13.98
CA ILE A 99 -4.60 25.28 -14.02
C ILE A 99 -3.84 25.24 -12.70
N PRO A 100 -3.62 24.07 -12.08
CA PRO A 100 -2.90 24.05 -10.81
C PRO A 100 -1.44 24.45 -10.97
N GLU A 101 -0.93 25.21 -10.00
CA GLU A 101 0.47 25.63 -9.95
C GLU A 101 1.02 25.20 -8.60
N VAL A 102 2.08 24.40 -8.61
CA VAL A 102 2.63 23.80 -7.40
C VAL A 102 4.11 24.18 -7.29
N VAL A 103 4.62 24.18 -6.05
CA VAL A 103 5.99 24.59 -5.80
C VAL A 103 6.73 23.54 -4.99
N SER A 104 6.20 22.32 -4.94
CA SER A 104 6.86 21.24 -4.24
C SER A 104 6.38 19.91 -4.79
N SER A 105 7.17 18.87 -4.51
CA SER A 105 6.76 17.52 -4.91
C SER A 105 5.50 17.09 -4.18
N ASP A 106 5.35 17.49 -2.91
CA ASP A 106 4.14 17.14 -2.17
C ASP A 106 2.91 17.79 -2.78
N GLU A 107 3.00 19.08 -3.12
CA GLU A 107 1.88 19.74 -3.79
C GLU A 107 1.57 19.08 -5.13
N PHE A 108 2.61 18.79 -5.92
CA PHE A 108 2.43 18.05 -7.16
C PHE A 108 1.60 16.80 -6.89
N GLU A 109 2.01 16.00 -5.91
CA GLU A 109 1.29 14.77 -5.61
C GLU A 109 -0.12 15.05 -5.10
N GLN A 110 -0.31 16.14 -4.35
CA GLN A 110 -1.65 16.50 -3.92
C GLN A 110 -2.56 16.69 -5.13
N ILE A 111 -2.05 17.31 -6.20
CA ILE A 111 -2.89 17.55 -7.37
C ILE A 111 -3.22 16.25 -8.07
N GLN A 112 -2.22 15.36 -8.22
CA GLN A 112 -2.49 14.10 -8.91
C GLN A 112 -3.56 13.29 -8.20
N LYS A 113 -3.56 13.32 -6.86
CA LYS A 113 -4.58 12.59 -6.11
C LYS A 113 -5.97 13.15 -6.34
N LEU A 114 -6.08 14.37 -6.87
CA LEU A 114 -7.38 14.90 -7.24
C LEU A 114 -7.93 14.23 -8.51
N GLN A 115 -7.07 13.59 -9.27
CA GLN A 115 -7.45 12.91 -10.52
C GLN A 115 -8.31 13.83 -11.39
N LEU A 116 -7.69 14.94 -11.82
CA LEU A 116 -8.34 15.88 -12.70
C LEU A 116 -8.35 15.35 -14.13
N CYS A 117 -9.44 15.63 -14.85
CA CYS A 117 -9.52 15.22 -16.25
C CYS A 117 -8.38 15.84 -17.06
N ASP A 118 -8.18 17.13 -16.91
CA ASP A 118 -7.06 17.82 -17.55
C ASP A 118 -5.87 17.80 -16.60
N LYS A 119 -4.80 17.12 -17.02
CA LYS A 119 -3.59 16.95 -16.21
C LYS A 119 -2.64 18.13 -16.33
N SER A 120 -2.99 19.16 -17.09
CA SER A 120 -2.11 20.31 -17.23
C SER A 120 -1.77 20.89 -15.86
N ILE A 121 -0.50 21.18 -15.65
CA ILE A 121 -0.02 21.64 -14.35
C ILE A 121 1.24 22.45 -14.55
N ILE A 122 1.47 23.39 -13.63
CA ILE A 122 2.68 24.19 -13.58
C ILE A 122 3.48 23.71 -12.36
N PHE A 123 4.72 23.33 -12.60
CA PHE A 123 5.60 22.74 -11.58
C PHE A 123 6.76 23.71 -11.37
N ASN A 124 6.66 24.53 -10.33
CA ASN A 124 7.70 25.46 -9.94
C ASN A 124 8.43 24.94 -8.72
N GLY A 125 9.36 25.75 -8.19
CA GLY A 125 9.97 25.47 -6.92
C GLY A 125 11.41 25.01 -7.00
N PRO A 126 12.17 25.23 -5.91
CA PRO A 126 13.60 24.91 -5.94
C PRO A 126 13.94 23.45 -5.67
N TYR A 127 12.97 22.63 -5.31
CA TYR A 127 13.24 21.22 -5.03
C TYR A 127 12.13 20.36 -5.63
N LYS A 128 12.46 19.66 -6.71
CA LYS A 128 11.57 18.69 -7.35
C LYS A 128 12.26 17.34 -7.29
N ASN A 129 11.70 16.41 -6.53
CA ASN A 129 12.33 15.11 -6.35
C ASN A 129 12.13 14.25 -7.60
N ASP A 130 12.91 13.16 -7.67
CA ASP A 130 12.95 12.35 -8.88
C ASP A 130 11.58 11.76 -9.20
N ALA A 131 10.87 11.28 -8.19
CA ALA A 131 9.58 10.65 -8.43
C ALA A 131 8.60 11.62 -9.08
N SER A 132 8.58 12.87 -8.61
CA SER A 132 7.67 13.85 -9.21
C SER A 132 8.12 14.26 -10.61
N LEU A 133 9.43 14.32 -10.83
CA LEU A 133 9.92 14.68 -12.16
C LEU A 133 9.61 13.59 -13.18
N ILE A 134 9.89 12.33 -12.82
CA ILE A 134 9.55 11.21 -13.71
C ILE A 134 8.09 11.31 -14.12
N LYS A 135 7.22 11.66 -13.17
CA LYS A 135 5.79 11.78 -13.46
C LYS A 135 5.49 13.03 -14.27
N ALA A 136 6.08 14.16 -13.89
CA ALA A 136 5.77 15.41 -14.58
C ALA A 136 6.28 15.42 -16.01
N LEU A 137 7.43 14.78 -16.27
CA LEU A 137 7.97 14.74 -17.62
C LEU A 137 7.07 13.95 -18.56
N GLN A 138 6.24 13.05 -18.02
CA GLN A 138 5.39 12.20 -18.84
C GLN A 138 3.93 12.64 -18.81
N LEU A 139 3.62 13.80 -18.22
CA LEU A 139 2.28 14.35 -18.26
C LEU A 139 2.22 15.71 -18.93
N ASN A 140 3.27 16.14 -19.63
CA ASN A 140 3.20 17.39 -20.39
C ASN A 140 3.02 18.60 -19.47
N ALA A 141 3.64 18.55 -18.29
CA ALA A 141 3.59 19.65 -17.34
C ALA A 141 4.61 20.70 -17.72
N ILE A 143 7.40 22.76 -16.52
CA ILE A 143 8.36 22.64 -15.44
C ILE A 143 9.33 23.81 -15.55
N ASN A 144 9.29 24.71 -14.56
CA ASN A 144 10.14 25.88 -14.54
C ASN A 144 11.28 25.65 -13.54
N CYS A 145 12.50 25.61 -14.05
CA CYS A 145 13.69 25.38 -13.23
C CYS A 145 14.31 26.72 -12.83
N ASP A 146 14.83 26.78 -11.61
CA ASP A 146 15.46 27.99 -11.10
C ASP A 146 16.93 27.83 -10.79
N HIS A 147 17.51 26.65 -10.99
CA HIS A 147 18.95 26.46 -10.80
C HIS A 147 19.41 25.35 -11.73
N PHE A 148 20.69 25.44 -12.14
CA PHE A 148 21.14 24.66 -13.29
C PHE A 148 21.17 23.17 -12.98
N ASP A 149 21.58 22.77 -11.77
CA ASP A 149 21.74 21.34 -11.54
C ASP A 149 20.40 20.59 -11.59
N GLU A 150 19.27 21.29 -11.38
CA GLU A 150 17.98 20.66 -11.63
C GLU A 150 17.82 20.34 -13.11
N ILE A 151 18.27 21.25 -13.98
CA ILE A 151 18.22 21.00 -15.42
C ILE A 151 18.93 19.69 -15.74
N LEU A 152 20.11 19.50 -15.16
CA LEU A 152 20.90 18.30 -15.48
C LEU A 152 20.23 17.04 -14.95
N ARG A 153 19.59 17.12 -13.78
CA ARG A 153 18.86 15.95 -13.28
C ARG A 153 17.70 15.60 -14.19
N ILE A 154 17.02 16.62 -14.73
CA ILE A 154 15.95 16.38 -15.69
C ILE A 154 16.51 15.75 -16.95
N ALA A 155 17.62 16.30 -17.46
CA ALA A 155 18.22 15.77 -18.68
C ALA A 155 18.56 14.30 -18.54
N LYS A 156 19.16 13.91 -17.40
CA LYS A 156 19.52 12.52 -17.22
C LYS A 156 18.29 11.63 -17.09
N ILE A 157 17.25 12.12 -16.43
CA ILE A 157 15.99 11.36 -16.38
C ILE A 157 15.40 11.26 -17.78
N ALA A 158 15.37 12.38 -18.51
CA ALA A 158 14.79 12.37 -19.85
C ALA A 158 15.51 11.38 -20.76
N LYS A 159 16.82 11.25 -20.61
CA LYS A 159 17.55 10.30 -21.43
C LYS A 159 17.13 8.86 -21.10
N LYS A 160 16.94 8.54 -19.82
CA LYS A 160 16.48 7.21 -19.45
C LYS A 160 15.14 6.90 -20.12
N LEU A 161 14.29 7.90 -20.28
CA LEU A 161 13.00 7.71 -20.92
C LEU A 161 13.04 7.94 -22.43
N ASN A 162 14.21 8.28 -22.98
CA ASN A 162 14.35 8.50 -24.41
C ASN A 162 13.39 9.58 -24.90
N ILE A 163 13.32 10.67 -24.14
CA ILE A 163 12.51 11.83 -24.51
C ILE A 163 13.36 13.08 -24.36
N THR A 164 12.85 14.18 -24.92
CA THR A 164 13.45 15.50 -24.77
C THR A 164 12.52 16.34 -23.90
N ALA A 165 13.01 16.75 -22.73
CA ALA A 165 12.19 17.48 -21.77
C ALA A 165 12.11 18.95 -22.17
N LYS A 166 10.88 19.47 -22.22
CA LYS A 166 10.66 20.90 -22.37
C LYS A 166 10.67 21.55 -20.99
N ILE A 167 11.49 22.57 -20.81
CA ILE A 167 11.61 23.22 -19.51
C ILE A 167 11.46 24.72 -19.67
N GLY A 168 10.99 25.35 -18.60
CA GLY A 168 11.02 26.80 -18.48
C GLY A 168 12.16 27.20 -17.56
N LEU A 169 12.66 28.41 -17.75
CA LEU A 169 13.71 28.97 -16.90
C LEU A 169 13.11 30.07 -16.05
N ARG A 170 13.27 29.97 -14.73
CA ARG A 170 12.87 31.05 -13.86
C ARG A 170 13.92 32.16 -13.92
N ILE A 171 13.47 33.39 -14.14
CA ILE A 171 14.33 34.54 -14.35
C ILE A 171 14.22 35.47 -13.15
N ALA A 172 15.37 35.97 -12.69
CA ALA A 172 15.40 37.01 -11.67
C ALA A 172 15.52 38.37 -12.37
N ASP A 173 14.52 39.23 -12.19
CA ASP A 173 14.47 40.52 -12.87
C ASP A 173 15.37 41.52 -12.15
N ASN A 174 16.67 41.25 -12.21
CA ASN A 174 17.64 42.02 -11.43
C ASN A 174 17.97 43.38 -12.04
N LYS A 175 17.42 43.71 -13.21
CA LYS A 175 17.57 45.07 -13.71
C LYS A 175 16.65 46.05 -12.98
N THR A 176 15.54 45.55 -12.41
CA THR A 176 14.62 46.39 -11.65
C THR A 176 15.06 46.41 -10.19
N PRO A 177 15.33 47.58 -9.59
CA PRO A 177 15.86 47.59 -8.22
C PRO A 177 15.04 46.78 -7.23
N GLN A 178 13.72 46.92 -7.26
CA GLN A 178 12.89 46.27 -6.25
C GLN A 178 12.75 44.77 -6.48
N ASN A 179 13.05 44.28 -7.68
CA ASN A 179 12.82 42.89 -8.03
C ASN A 179 14.07 42.02 -7.91
N TRP A 180 15.19 42.58 -7.48
CA TRP A 180 16.43 41.80 -7.36
C TRP A 180 16.18 40.55 -6.54
N SER A 181 16.77 39.43 -6.96
CA SER A 181 16.50 38.17 -6.29
C SER A 181 17.60 37.16 -6.55
N ARG A 182 17.79 36.27 -5.57
CA ARG A 182 18.70 35.13 -5.73
C ARG A 182 18.04 33.96 -6.44
N PHE A 183 16.71 33.96 -6.53
CA PHE A 183 15.96 32.80 -7.01
C PHE A 183 15.74 32.95 -8.50
N GLY A 184 16.37 32.08 -9.28
CA GLY A 184 16.29 32.12 -10.72
C GLY A 184 17.59 32.61 -11.34
N PHE A 185 17.65 32.50 -12.66
CA PHE A 185 18.81 32.94 -13.41
C PHE A 185 18.74 34.44 -13.64
N ALA A 186 19.87 35.11 -13.43
CA ALA A 186 19.91 36.56 -13.38
C ALA A 186 19.78 37.16 -14.77
N LEU A 187 18.84 38.08 -14.92
CA LEU A 187 18.68 38.90 -16.12
C LEU A 187 19.18 40.29 -15.76
N THR A 188 20.40 40.61 -16.20
CA THR A 188 21.04 41.86 -15.84
C THR A 188 21.67 42.58 -17.01
N ASP A 195 24.94 37.62 -19.15
CA ASP A 195 25.54 36.29 -19.23
C ASP A 195 24.51 35.19 -18.94
N ILE A 196 23.25 35.58 -18.71
CA ILE A 196 22.16 34.61 -18.72
C ILE A 196 22.30 33.76 -19.97
N PHE A 197 22.69 34.37 -21.09
CA PHE A 197 22.82 33.63 -22.33
C PHE A 197 23.93 32.59 -22.25
N THR A 198 24.94 32.82 -21.41
CA THR A 198 25.88 31.75 -21.12
C THR A 198 25.17 30.52 -20.58
N THR A 199 24.05 30.72 -19.86
CA THR A 199 23.30 29.58 -19.35
C THR A 199 22.50 28.89 -20.44
N ILE A 200 21.84 29.65 -21.31
CA ILE A 200 21.08 29.01 -22.37
C ILE A 200 22.02 28.45 -23.45
N ASP A 201 23.17 29.09 -23.67
CA ASP A 201 24.19 28.49 -24.52
C ASP A 201 24.54 27.08 -24.03
N LYS A 202 24.73 26.93 -22.72
CA LYS A 202 25.01 25.61 -22.17
C LYS A 202 23.80 24.68 -22.31
N ILE A 203 22.59 25.23 -22.22
CA ILE A 203 21.40 24.39 -22.37
C ILE A 203 21.25 23.92 -23.81
N GLN A 204 21.69 24.73 -24.78
CA GLN A 204 21.60 24.33 -26.18
C GLN A 204 22.41 23.06 -26.44
N GLN A 205 23.52 22.88 -25.72
CA GLN A 205 24.38 21.72 -25.93
C GLN A 205 23.86 20.47 -25.23
N ILE A 206 23.04 20.62 -24.19
CA ILE A 206 22.62 19.47 -23.40
C ILE A 206 21.59 18.68 -24.18
N ALA A 207 21.87 17.41 -24.42
CA ALA A 207 20.91 16.52 -25.06
C ALA A 207 19.71 16.28 -24.14
N ASN A 208 18.55 16.07 -24.77
CA ASN A 208 17.30 15.74 -24.11
C ASN A 208 16.67 16.93 -23.39
N ILE A 209 17.16 18.14 -23.63
CA ILE A 209 16.60 19.35 -23.06
C ILE A 209 16.28 20.31 -24.20
N GLN A 210 15.14 20.99 -24.10
CA GLN A 210 14.83 22.09 -25.00
C GLN A 210 14.17 23.21 -24.21
N LEU A 211 14.74 24.41 -24.33
CA LEU A 211 14.15 25.60 -23.72
C LEU A 211 12.78 25.85 -24.34
N ALA A 212 11.77 26.02 -23.49
CA ALA A 212 10.40 26.21 -23.96
C ALA A 212 9.66 27.35 -23.29
N GLY A 213 10.11 27.86 -22.14
CA GLY A 213 9.35 28.89 -21.45
C GLY A 213 10.21 29.72 -20.52
N LEU A 214 9.63 30.84 -20.09
CA LEU A 214 10.22 31.71 -19.09
C LEU A 214 9.26 31.89 -17.93
N HIS A 215 9.82 32.08 -16.74
CA HIS A 215 9.04 32.17 -15.51
C HIS A 215 9.61 33.30 -14.66
N CYS A 216 8.75 34.18 -14.17
CA CYS A 216 9.20 35.30 -13.36
C CYS A 216 8.22 35.55 -12.22
N HIS A 217 8.72 35.48 -10.99
CA HIS A 217 7.94 35.76 -9.79
C HIS A 217 8.75 36.73 -8.94
N ILE A 218 8.31 37.99 -8.87
CA ILE A 218 9.19 39.07 -8.44
C ILE A 218 9.07 39.43 -6.96
N GLY A 219 8.05 38.94 -6.26
CA GLY A 219 7.92 39.26 -4.85
C GLY A 219 6.52 38.97 -4.35
N THR A 220 6.20 39.56 -3.20
CA THR A 220 4.90 39.36 -2.58
C THR A 220 4.38 40.68 -2.03
N ASN A 221 3.05 40.78 -1.92
CA ASN A 221 2.37 41.98 -1.45
C ASN A 221 2.89 43.22 -2.15
N ILE A 222 2.95 43.15 -3.47
CA ILE A 222 3.44 44.25 -4.30
C ILE A 222 2.27 45.18 -4.61
N ARG A 223 2.36 46.42 -4.15
CA ARG A 223 1.35 47.43 -4.44
C ARG A 223 1.78 48.41 -5.52
N ASP A 224 3.05 48.39 -5.92
CA ASP A 224 3.59 49.27 -6.95
C ASP A 224 3.67 48.46 -8.25
N ILE A 225 2.61 48.52 -9.06
CA ILE A 225 2.59 47.74 -10.28
C ILE A 225 3.63 48.19 -11.29
N SER A 226 4.27 49.34 -11.06
CA SER A 226 5.43 49.71 -11.85
C SER A 226 6.47 48.60 -11.86
N ARG A 227 6.53 47.82 -10.79
CA ARG A 227 7.47 46.70 -10.74
C ARG A 227 7.08 45.60 -11.72
N PHE A 228 5.77 45.40 -11.92
CA PHE A 228 5.33 44.40 -12.89
C PHE A 228 5.60 44.89 -14.31
N THR A 229 5.22 46.13 -14.62
CA THR A 229 5.45 46.65 -15.96
C THR A 229 6.93 46.63 -16.30
N ALA A 230 7.79 46.96 -15.33
CA ALA A 230 9.23 46.90 -15.57
C ALA A 230 9.67 45.48 -15.90
N ALA A 232 7.80 42.95 -17.01
CA ALA A 232 7.22 42.52 -18.29
C ALA A 232 8.00 43.07 -19.46
N LYS A 233 8.50 44.30 -19.35
CA LYS A 233 9.30 44.87 -20.42
C LYS A 233 10.63 44.14 -20.56
N ASN A 234 11.29 43.84 -19.43
CA ASN A 234 12.55 43.12 -19.49
C ASN A 234 12.35 41.70 -20.00
N ILE A 235 11.28 41.02 -19.58
CA ILE A 235 11.00 39.69 -20.08
C ILE A 235 10.71 39.75 -21.57
N ALA A 236 9.98 40.77 -22.02
CA ALA A 236 9.72 40.93 -23.44
C ALA A 236 11.02 41.03 -24.23
N GLU A 237 11.95 41.86 -23.74
CA GLU A 237 13.24 42.02 -24.42
C GLU A 237 13.99 40.69 -24.45
N LEU A 238 14.04 39.98 -23.32
CA LEU A 238 14.70 38.69 -23.31
C LEU A 238 14.08 37.74 -24.31
N ALA A 239 12.74 37.69 -24.37
CA ALA A 239 12.07 36.82 -25.33
C ALA A 239 12.40 37.21 -26.76
N GLU A 240 12.59 38.51 -27.02
CA GLU A 240 12.93 38.94 -28.37
C GLU A 240 14.35 38.50 -28.73
N THR A 241 15.30 38.69 -27.81
CA THR A 241 16.68 38.27 -28.08
C THR A 241 16.75 36.77 -28.31
N ILE A 242 16.07 35.97 -27.47
CA ILE A 242 16.05 34.53 -27.68
C ILE A 242 15.55 34.21 -29.08
N LEU A 243 14.48 34.88 -29.51
CA LEU A 243 13.93 34.61 -30.83
C LEU A 243 14.93 34.93 -31.93
N THR A 244 15.75 35.96 -31.74
CA THR A 244 16.70 36.31 -32.79
C THR A 244 18.00 35.52 -32.69
N LYS A 245 18.49 35.24 -31.48
CA LYS A 245 19.76 34.53 -31.35
C LYS A 245 19.61 33.04 -31.65
N TYR A 246 18.54 32.42 -31.15
CA TYR A 246 18.34 30.98 -31.30
C TYR A 246 17.16 30.65 -32.21
N LYS A 247 16.59 31.63 -32.90
CA LYS A 247 15.42 31.42 -33.75
C LYS A 247 14.32 30.67 -33.00
N LEU A 248 14.23 30.90 -31.69
CA LEU A 248 13.36 30.13 -30.81
C LEU A 248 12.19 30.99 -30.35
N THR A 249 10.98 30.52 -30.63
CA THR A 249 9.76 31.12 -30.13
C THR A 249 9.32 30.36 -28.89
N LEU A 250 9.14 31.08 -27.79
CA LEU A 250 8.80 30.44 -26.53
C LEU A 250 7.37 29.91 -26.54
N GLU A 251 7.16 28.82 -25.80
CA GLU A 251 5.86 28.19 -25.69
C GLU A 251 5.03 28.78 -24.55
N TRP A 252 5.67 29.30 -23.50
CA TRP A 252 4.93 30.00 -22.47
C TRP A 252 5.81 31.05 -21.82
N ILE A 253 5.15 32.08 -21.30
CA ILE A 253 5.76 33.09 -20.44
C ILE A 253 4.91 33.17 -19.18
N ASP A 254 5.51 32.84 -18.03
CA ASP A 254 4.82 32.80 -16.75
C ASP A 254 5.23 34.04 -15.96
N LEU A 255 4.28 34.93 -15.69
CA LEU A 255 4.56 36.19 -15.02
C LEU A 255 4.38 36.11 -13.52
N GLY A 256 4.19 34.91 -12.97
CA GLY A 256 4.14 34.73 -11.54
C GLY A 256 2.94 35.44 -10.91
N GLY A 257 3.06 35.65 -9.60
CA GLY A 257 2.04 36.38 -8.86
C GLY A 257 2.62 37.59 -8.17
N GLY A 258 2.18 37.82 -6.92
CA GLY A 258 2.79 38.82 -6.08
C GLY A 258 1.97 40.06 -5.82
N LEU A 259 0.81 40.21 -6.45
CA LEU A 259 0.00 41.41 -6.26
C LEU A 259 -0.48 41.51 -4.81
N ALA A 260 -0.63 42.74 -4.35
CA ALA A 260 -0.91 42.99 -2.94
C ALA A 260 -2.34 42.61 -2.59
N GLY A 261 -2.54 42.33 -1.30
CA GLY A 261 -3.85 42.08 -0.75
C GLY A 261 -4.43 43.33 -0.11
N ILE A 262 -5.44 43.14 0.72
CA ILE A 262 -6.15 44.27 1.30
C ILE A 262 -5.57 44.74 2.63
N SER A 263 -4.78 43.91 3.30
CA SER A 263 -4.32 44.27 4.63
C SER A 263 -3.01 45.04 4.54
N PRO A 264 -2.90 46.20 5.20
CA PRO A 264 -1.60 46.86 5.28
C PRO A 264 -0.63 46.06 6.13
N THR A 265 0.66 46.25 5.87
CA THR A 265 1.67 45.72 6.78
C THR A 265 1.65 46.51 8.08
N LEU A 266 2.25 45.93 9.11
CA LEU A 266 2.35 46.64 10.38
C LEU A 266 3.35 47.78 10.32
N SER A 267 4.31 47.73 9.39
CA SER A 267 5.18 48.87 9.13
C SER A 267 4.46 49.97 8.35
N ASP A 268 3.30 49.67 7.77
CA ASP A 268 2.52 50.66 7.04
C ASP A 268 1.92 51.68 7.99
N LYS A 269 1.98 52.95 7.59
CA LYS A 269 1.35 54.00 8.39
C LYS A 269 -0.17 53.90 8.34
N ARG A 270 -0.72 53.44 7.23
CA ARG A 270 -2.17 53.35 7.06
C ARG A 270 -2.71 52.19 7.88
N LEU A 271 -3.86 52.41 8.52
CA LEU A 271 -4.47 51.43 9.40
C LEU A 271 -5.69 50.74 8.80
N GLN A 272 -6.39 51.39 7.89
CA GLN A 272 -7.60 50.84 7.29
C GLN A 272 -7.25 49.98 6.08
N PRO A 273 -8.05 48.95 5.80
CA PRO A 273 -7.75 48.08 4.67
C PRO A 273 -7.80 48.81 3.34
N TYR A 274 -6.97 48.36 2.41
CA TYR A 274 -7.05 48.82 1.04
C TYR A 274 -8.21 48.14 0.31
N ASN A 275 -8.71 48.80 -0.74
CA ASN A 275 -9.63 48.11 -1.63
C ASN A 275 -8.91 46.96 -2.32
N PRO A 276 -9.59 45.85 -2.60
CA PRO A 276 -8.99 44.80 -3.43
C PRO A 276 -8.39 45.41 -4.69
N PHE A 277 -7.13 45.06 -4.98
CA PHE A 277 -6.44 45.75 -6.05
C PHE A 277 -7.17 45.58 -7.37
N ASP A 278 -7.12 46.63 -8.19
CA ASP A 278 -7.83 46.69 -9.46
C ASP A 278 -7.17 45.74 -10.46
N LEU A 279 -7.84 44.63 -10.74
CA LEU A 279 -7.24 43.61 -11.60
C LEU A 279 -7.16 44.05 -13.05
N GLU A 280 -8.17 44.79 -13.54
CA GLU A 280 -8.09 45.33 -14.89
C GLU A 280 -6.83 46.17 -15.07
N LEU A 281 -6.55 47.05 -14.10
CA LEU A 281 -5.33 47.84 -14.14
C LEU A 281 -4.10 46.94 -14.18
N TYR A 282 -4.05 45.94 -13.28
CA TYR A 282 -2.92 45.02 -13.27
C TYR A 282 -2.77 44.33 -14.61
N ALA A 283 -3.86 43.74 -15.11
CA ALA A 283 -3.79 42.96 -16.35
C ALA A 283 -3.33 43.84 -17.51
N ALA A 284 -3.98 44.99 -17.70
CA ALA A 284 -3.66 45.83 -18.85
C ALA A 284 -2.21 46.29 -18.83
N THR A 285 -1.67 46.60 -17.64
CA THR A 285 -0.35 47.19 -17.57
C THR A 285 0.76 46.15 -17.69
N ILE A 286 0.59 44.97 -17.10
CA ILE A 286 1.65 43.98 -17.17
C ILE A 286 1.67 43.32 -18.56
N ILE A 287 0.53 43.26 -19.24
CA ILE A 287 0.49 42.59 -20.54
C ILE A 287 0.99 43.51 -21.65
N ALA A 288 0.75 44.82 -21.52
CA ALA A 288 1.05 45.74 -22.61
C ALA A 288 2.48 45.65 -23.11
N PRO A 289 3.51 45.56 -22.26
CA PRO A 289 4.88 45.50 -22.79
C PRO A 289 5.18 44.23 -23.58
N LEU A 290 4.28 43.24 -23.55
CA LEU A 290 4.56 41.94 -24.15
C LEU A 290 3.81 41.69 -25.45
N LYS A 291 2.88 42.56 -25.83
CA LYS A 291 2.03 42.24 -26.97
C LYS A 291 2.80 42.33 -28.29
N GLU A 292 3.83 43.18 -28.38
CA GLU A 292 4.65 43.21 -29.58
C GLU A 292 5.26 41.83 -29.85
N TYR A 293 5.82 41.20 -28.81
CA TYR A 293 6.35 39.86 -28.99
C TYR A 293 5.23 38.86 -29.25
N LEU A 294 4.17 38.89 -28.45
CA LEU A 294 3.13 37.87 -28.54
C LEU A 294 2.40 37.91 -29.87
N ASN A 295 2.22 39.10 -30.46
CA ASN A 295 1.62 39.17 -31.78
C ASN A 295 2.61 38.70 -32.85
N LYS A 296 3.89 39.08 -32.71
CA LYS A 296 4.92 38.57 -33.59
C LYS A 296 4.90 37.05 -33.65
N THR A 297 4.44 36.40 -32.58
CA THR A 297 4.33 34.95 -32.52
C THR A 297 2.94 34.45 -32.94
N ASN A 298 2.12 35.32 -33.54
CA ASN A 298 0.73 34.99 -33.89
C ASN A 298 0.01 34.40 -32.68
N ASP A 299 0.29 34.99 -31.52
CA ASP A 299 -0.42 34.69 -30.28
C ASP A 299 -0.41 33.21 -29.90
N LYS A 300 0.63 32.46 -30.25
CA LYS A 300 0.64 31.08 -29.79
C LYS A 300 1.38 30.91 -28.44
N THR A 301 2.27 31.83 -28.07
CA THR A 301 2.88 31.80 -26.74
C THR A 301 1.76 31.94 -25.71
N LYS A 302 1.72 31.02 -24.75
CA LYS A 302 0.77 31.11 -23.65
C LYS A 302 1.31 32.04 -22.58
N LEU A 303 0.42 32.83 -21.98
CA LEU A 303 0.77 33.82 -20.97
C LEU A 303 0.08 33.43 -19.67
N ILE A 304 0.86 33.06 -18.66
CA ILE A 304 0.34 32.43 -17.45
C ILE A 304 0.49 33.39 -16.28
N PHE A 305 -0.51 33.40 -15.42
CA PHE A 305 -0.57 34.25 -14.25
C PHE A 305 -0.79 33.39 -13.02
N GLU A 306 -0.09 33.72 -11.93
CA GLU A 306 -0.11 32.92 -10.71
C GLU A 306 -0.42 33.79 -9.51
N LEU A 307 -1.43 34.66 -9.63
CA LEU A 307 -1.85 35.47 -8.49
C LEU A 307 -2.52 34.61 -7.43
N GLY A 308 -2.14 34.82 -6.17
CA GLY A 308 -2.75 34.10 -5.07
C GLY A 308 -3.38 35.03 -4.04
N ARG A 309 -2.55 35.70 -3.25
CA ARG A 309 -3.05 36.54 -2.17
C ARG A 309 -4.18 37.46 -2.64
N SER A 310 -3.94 38.19 -3.73
CA SER A 310 -4.91 39.19 -4.16
C SER A 310 -6.23 38.58 -4.59
N LEU A 311 -6.27 37.28 -4.84
CA LEU A 311 -7.50 36.64 -5.25
C LEU A 311 -8.27 36.02 -4.09
N VAL A 312 -7.59 35.59 -3.04
CA VAL A 312 -8.20 34.74 -2.02
C VAL A 312 -8.21 35.35 -0.63
N ASP A 313 -7.50 36.45 -0.40
CA ASP A 313 -7.25 36.86 0.98
C ASP A 313 -8.53 37.37 1.66
N TYR A 314 -9.29 38.23 0.98
CA TYR A 314 -10.42 38.89 1.63
C TYR A 314 -11.69 38.05 1.67
N SER A 315 -11.71 36.89 1.02
CA SER A 315 -12.86 36.00 1.06
C SER A 315 -12.82 35.05 2.24
N VAL A 316 -11.89 35.25 3.18
CA VAL A 316 -11.71 34.36 4.32
C VAL A 316 -11.56 35.19 5.58
N ALA A 317 -12.26 34.80 6.64
CA ALA A 317 -12.18 35.49 7.92
C ALA A 317 -12.01 34.46 9.04
N LEU A 318 -11.63 34.96 10.21
CA LEU A 318 -11.51 34.14 11.41
C LEU A 318 -12.41 34.71 12.49
N LEU A 319 -13.33 33.88 12.99
CA LEU A 319 -14.15 34.23 14.14
C LEU A 319 -13.43 33.82 15.41
N THR A 320 -13.29 34.76 16.34
CA THR A 320 -12.61 34.52 17.60
C THR A 320 -13.44 35.09 18.74
N THR A 321 -13.29 34.49 19.92
CA THR A 321 -14.10 34.82 21.08
C THR A 321 -13.21 35.33 22.19
N ILE A 322 -13.65 36.41 22.85
CA ILE A 322 -12.98 36.88 24.05
C ILE A 322 -13.20 35.86 25.17
N VAL A 323 -12.12 35.43 25.81
CA VAL A 323 -12.19 34.40 26.84
C VAL A 323 -11.67 34.87 28.20
N GLY A 324 -11.26 36.11 28.31
CA GLY A 324 -10.75 36.60 29.59
C GLY A 324 -10.33 38.05 29.48
N THR A 325 -10.13 38.65 30.65
CA THR A 325 -9.72 40.04 30.75
C THR A 325 -8.54 40.17 31.72
N ARG A 326 -7.56 40.96 31.33
CA ARG A 326 -6.42 41.29 32.19
C ARG A 326 -6.51 42.70 32.76
N GLU A 327 -6.88 43.68 31.93
CA GLU A 327 -7.09 45.05 32.37
C GLU A 327 -8.39 45.56 31.76
N GLN A 328 -9.05 46.46 32.49
CA GLN A 328 -10.31 47.03 32.00
C GLN A 328 -10.50 48.38 32.71
N ASN A 329 -9.92 49.42 32.13
CA ASN A 329 -10.19 50.81 32.45
C ASN A 329 -11.13 51.36 31.39
N GLU A 330 -11.48 52.63 31.49
CA GLU A 330 -12.21 53.25 30.40
C GLU A 330 -11.29 53.92 29.40
N ASP A 331 -9.98 53.97 29.67
CA ASP A 331 -9.00 54.42 28.68
C ASP A 331 -8.21 53.28 28.06
N PHE A 332 -8.31 52.06 28.59
CA PHE A 332 -7.51 50.95 28.11
C PHE A 332 -8.11 49.64 28.60
N GLN A 333 -8.04 48.61 27.75
CA GLN A 333 -8.47 47.27 28.10
C GLN A 333 -7.52 46.25 27.48
N SER A 334 -7.24 45.18 28.22
CA SER A 334 -6.37 44.11 27.76
C SER A 334 -7.14 42.80 27.89
N LEU A 335 -7.37 42.14 26.76
CA LEU A 335 -8.23 40.96 26.74
C LEU A 335 -7.50 39.76 26.17
N ILE A 336 -8.06 38.59 26.44
CA ILE A 336 -7.53 37.31 25.99
C ILE A 336 -8.50 36.74 24.96
N THR A 337 -7.99 36.44 23.76
CA THR A 337 -8.76 35.82 22.70
C THR A 337 -8.45 34.33 22.65
N ASP A 338 -9.33 33.57 22.00
CA ASP A 338 -9.10 32.15 21.80
C ASP A 338 -8.39 31.84 20.48
N ALA A 339 -7.86 32.86 19.80
CA ALA A 339 -7.04 32.69 18.61
C ALA A 339 -5.87 33.66 18.66
N GLY A 340 -4.72 33.21 18.18
CA GLY A 340 -3.53 34.04 18.23
C GLY A 340 -2.61 33.84 17.03
N ILE A 341 -1.33 34.16 17.19
CA ILE A 341 -0.41 34.11 16.05
C ILE A 341 -0.23 32.69 15.54
N HIS A 342 -0.57 31.68 16.34
CA HIS A 342 -0.48 30.31 15.87
C HIS A 342 -1.70 29.90 15.06
N THR A 343 -2.79 30.66 15.15
CA THR A 343 -3.96 30.40 14.31
C THR A 343 -3.93 31.24 13.04
N ILE A 344 -3.48 32.49 13.13
CA ILE A 344 -3.30 33.32 11.95
C ILE A 344 -1.91 33.93 12.01
N PRO A 345 -0.87 33.17 11.61
CA PRO A 345 0.50 33.68 11.77
C PRO A 345 0.81 34.93 10.96
N THR A 346 0.06 35.24 9.90
CA THR A 346 0.37 36.47 9.17
C THR A 346 0.00 37.71 9.97
N ILE A 347 -0.68 37.56 11.11
CA ILE A 347 -1.01 38.69 11.96
C ILE A 347 0.25 39.36 12.50
N SER A 348 1.37 38.63 12.56
CA SER A 348 2.62 39.24 13.01
C SER A 348 3.20 40.18 11.97
N THR A 349 2.76 40.08 10.71
CA THR A 349 3.26 40.91 9.63
C THR A 349 2.23 41.91 9.13
N TYR A 350 0.95 41.58 9.20
CA TYR A 350 -0.10 42.37 8.57
C TYR A 350 -1.09 42.88 9.60
N ARG A 351 -1.57 44.10 9.37
CA ARG A 351 -2.63 44.71 10.16
C ARG A 351 -3.96 44.26 9.57
N HIS A 352 -4.33 43.02 9.87
CA HIS A 352 -5.59 42.48 9.39
C HIS A 352 -6.75 43.24 10.02
N PRO A 353 -7.78 43.60 9.25
CA PRO A 353 -8.93 44.29 9.84
C PRO A 353 -9.58 43.44 10.93
N ILE A 354 -9.96 44.10 12.02
CA ILE A 354 -10.61 43.45 13.15
C ILE A 354 -11.93 44.16 13.40
N TYR A 355 -13.04 43.43 13.28
CA TYR A 355 -14.37 43.99 13.44
C TYR A 355 -15.07 43.32 14.61
N HIS A 356 -15.91 44.09 15.28
CA HIS A 356 -16.74 43.62 16.38
C HIS A 356 -18.19 43.60 15.95
N LEU A 357 -19.06 43.06 16.81
CA LEU A 357 -20.46 42.91 16.50
C LEU A 357 -21.33 43.70 17.46
N LYS A 358 -20.76 44.68 18.14
CA LYS A 358 -21.53 45.43 19.11
C LYS A 358 -22.06 46.73 18.53
N THR A 359 -22.69 47.47 19.40
CA THR A 359 -23.44 48.65 19.08
C THR A 359 -22.91 49.78 19.93
N ASP A 360 -21.67 50.25 19.70
CA ASP A 360 -21.27 51.37 20.56
C ASP A 360 -20.17 52.32 20.09
N SER A 361 -20.47 53.58 20.40
CA SER A 361 -19.71 54.70 19.88
C SER A 361 -18.35 54.84 20.56
N TYR A 362 -18.29 54.46 21.80
CA TYR A 362 -17.15 54.72 22.65
C TYR A 362 -16.09 53.65 22.39
N HIS A 363 -14.89 54.10 22.04
CA HIS A 363 -13.75 53.23 21.82
C HIS A 363 -12.64 53.53 22.83
N LYS A 364 -11.63 52.67 22.82
CA LYS A 364 -10.53 52.77 23.77
C LYS A 364 -9.38 51.90 23.27
N LYS A 365 -8.15 52.33 23.56
CA LYS A 365 -6.98 51.53 23.21
C LYS A 365 -7.16 50.12 23.73
N THR A 366 -7.06 49.14 22.84
CA THR A 366 -7.36 47.75 23.18
C THR A 366 -6.15 46.87 22.82
N LEU A 367 -5.78 46.00 23.76
CA LEU A 367 -4.74 45.00 23.54
C LEU A 367 -5.42 43.64 23.46
N LEU A 368 -5.20 42.93 22.36
CA LEU A 368 -5.79 41.60 22.14
C LEU A 368 -4.68 40.57 22.29
N LEU A 369 -4.74 39.81 23.39
CA LEU A 369 -3.73 38.81 23.71
C LEU A 369 -4.21 37.44 23.25
N GLY A 370 -3.33 36.70 22.58
CA GLY A 370 -3.63 35.35 22.16
C GLY A 370 -3.65 34.37 23.32
N PRO A 371 -4.15 33.16 23.09
CA PRO A 371 -4.29 32.19 24.19
C PRO A 371 -2.99 31.48 24.55
N SER A 372 -1.95 32.26 24.59
CA SER A 372 -0.61 31.84 24.93
C SER A 372 -0.01 32.98 25.72
N CYS A 373 0.83 32.68 26.68
CA CYS A 373 1.51 33.75 27.43
C CYS A 373 2.91 33.98 26.89
N GLN A 375 5.30 36.60 24.73
CA GLN A 375 5.33 38.05 24.53
C GLN A 375 4.80 38.46 23.16
N HIS A 376 5.06 37.67 22.12
CA HIS A 376 4.76 38.13 20.77
C HIS A 376 3.37 37.71 20.31
N ASP A 377 2.63 36.94 21.11
CA ASP A 377 1.30 36.43 20.71
C ASP A 377 0.23 37.47 21.06
N PHE A 378 0.05 38.42 20.14
CA PHE A 378 -1.03 39.39 20.24
C PHE A 378 -1.54 39.71 18.85
N LEU A 379 -2.87 39.86 18.74
CA LEU A 379 -3.47 40.14 17.44
C LEU A 379 -3.34 41.60 17.04
N HIS A 380 -3.22 42.48 18.02
CA HIS A 380 -3.16 43.93 17.78
C HIS A 380 -2.94 44.60 19.12
N ASP A 381 -1.98 45.55 19.19
CA ASP A 381 -1.62 46.16 20.45
C ASP A 381 -1.97 47.63 20.56
N ASP A 382 -2.43 48.27 19.49
CA ASP A 382 -2.94 49.64 19.63
C ASP A 382 -4.05 49.84 18.60
N ILE A 383 -5.17 49.20 18.85
CA ILE A 383 -6.40 49.36 18.09
C ILE A 383 -7.46 49.88 19.05
N PHE A 384 -8.37 50.72 18.56
CA PHE A 384 -9.44 51.30 19.36
C PHE A 384 -10.71 50.52 19.11
N LEU A 385 -11.26 49.91 20.15
CA LEU A 385 -12.43 49.06 20.04
C LEU A 385 -13.39 49.39 21.19
N PRO A 386 -14.68 49.13 21.01
CA PRO A 386 -15.61 49.26 22.13
C PRO A 386 -15.26 48.29 23.24
N LYS A 387 -15.71 48.61 24.45
CA LYS A 387 -15.48 47.73 25.59
C LYS A 387 -16.05 46.34 25.30
N LEU A 388 -15.23 45.32 25.45
CA LEU A 388 -15.66 43.96 25.24
C LEU A 388 -15.43 43.11 26.49
N GLU A 389 -16.16 42.00 26.54
CA GLU A 389 -16.23 41.17 27.74
C GLU A 389 -16.16 39.71 27.33
N TYR A 390 -16.01 38.85 28.34
CA TYR A 390 -16.03 37.41 28.10
C TYR A 390 -17.26 37.02 27.29
N GLY A 391 -17.05 36.21 26.27
CA GLY A 391 -18.11 35.77 25.40
C GLY A 391 -18.36 36.64 24.20
N ASP A 392 -17.81 37.85 24.17
CA ASP A 392 -17.92 38.69 22.99
C ASP A 392 -17.08 38.10 21.86
N LYS A 393 -17.42 38.49 20.63
CA LYS A 393 -16.82 37.88 19.45
C LYS A 393 -16.26 38.94 18.54
N LEU A 394 -15.19 38.58 17.83
CA LEU A 394 -14.59 39.42 16.82
C LEU A 394 -14.43 38.61 15.54
N LEU A 395 -14.36 39.34 14.43
CA LEU A 395 -14.08 38.77 13.11
C LEU A 395 -12.83 39.43 12.58
N ILE A 396 -11.80 38.62 12.28
CA ILE A 396 -10.57 39.12 11.65
C ILE A 396 -10.62 38.76 10.18
N ASP A 397 -10.61 39.79 9.33
CA ASP A 397 -10.84 39.64 7.90
C ASP A 397 -9.52 39.60 7.14
N GLY A 398 -9.61 39.13 5.89
CA GLY A 398 -8.46 39.12 5.01
C GLY A 398 -7.41 38.10 5.36
N VAL A 399 -7.81 36.95 5.90
CA VAL A 399 -6.86 35.95 6.40
C VAL A 399 -6.69 34.78 5.44
N GLY A 400 -7.24 34.87 4.23
CA GLY A 400 -7.32 33.72 3.36
C GLY A 400 -6.02 33.29 2.73
N ALA A 401 -4.94 34.04 2.93
CA ALA A 401 -3.65 33.73 2.31
C ALA A 401 -2.65 33.38 3.39
N TYR A 402 -2.09 32.16 3.30
CA TYR A 402 -0.92 31.75 4.07
C TYR A 402 -1.18 31.67 5.57
N ASN A 403 -2.37 31.24 5.96
CA ASN A 403 -2.68 30.99 7.36
C ASN A 403 -3.16 29.56 7.59
N ILE A 404 -4.21 29.13 6.89
CA ILE A 404 -4.90 27.89 7.24
C ILE A 404 -3.95 26.70 7.18
N SER A 405 -3.17 26.60 6.11
CA SER A 405 -2.27 25.46 5.98
C SER A 405 -1.08 25.53 6.91
N ARG A 406 -0.84 26.66 7.55
CA ARG A 406 0.26 26.79 8.50
C ARG A 406 -0.19 26.55 9.94
N ASN A 407 -1.47 26.28 10.17
CA ASN A 407 -1.92 25.85 11.48
C ASN A 407 -1.17 24.59 11.90
N ASN A 408 -0.95 24.43 13.20
CA ASN A 408 -0.17 23.32 13.72
C ASN A 408 -0.83 22.83 15.01
N GLU A 409 -0.14 21.90 15.68
CA GLU A 409 -0.65 21.27 16.90
C GLU A 409 0.07 21.77 18.15
N PHE A 410 0.68 22.95 18.07
CA PHE A 410 1.39 23.56 19.19
C PHE A 410 0.38 24.19 20.14
N ILE A 411 0.23 23.59 21.33
CA ILE A 411 -0.65 24.07 22.40
C ILE A 411 -2.11 23.82 22.03
N HIS A 412 -2.59 24.48 20.98
CA HIS A 412 -3.97 24.37 20.54
C HIS A 412 -4.04 23.61 19.21
N LEU A 413 -4.99 22.68 19.12
CA LEU A 413 -5.18 21.94 17.89
C LEU A 413 -5.84 22.84 16.84
N LYS A 414 -5.93 22.33 15.62
CA LYS A 414 -6.34 23.16 14.50
C LYS A 414 -7.86 23.35 14.48
N PRO A 415 -8.33 24.56 14.16
CA PRO A 415 -9.77 24.83 14.19
C PRO A 415 -10.45 24.43 12.90
N SER A 416 -11.78 24.45 12.94
CA SER A 416 -12.57 24.12 11.76
C SER A 416 -12.40 25.19 10.67
N VAL A 417 -12.60 24.77 9.43
CA VAL A 417 -12.69 25.67 8.29
C VAL A 417 -14.05 25.42 7.63
N ILE A 418 -14.87 26.47 7.55
CA ILE A 418 -16.24 26.37 7.08
C ILE A 418 -16.39 27.15 5.78
N LEU A 419 -17.00 26.52 4.77
CA LEU A 419 -17.32 27.19 3.53
C LEU A 419 -18.77 27.68 3.58
N ILE A 420 -18.96 28.96 3.29
CA ILE A 420 -20.29 29.54 3.13
C ILE A 420 -20.67 29.39 1.66
N ASP A 421 -21.60 28.48 1.38
CA ASP A 421 -21.92 28.13 0.02
C ASP A 421 -22.52 29.32 -0.74
N LYS A 422 -22.52 29.17 -2.07
CA LYS A 422 -23.36 29.95 -2.99
C LYS A 422 -24.75 30.20 -2.40
N ASN A 423 -25.31 29.16 -1.78
CA ASN A 423 -26.65 29.18 -1.21
C ASN A 423 -26.67 29.68 0.22
N GLN A 424 -25.57 30.19 0.72
CA GLN A 424 -25.46 30.66 2.10
C GLN A 424 -25.62 29.50 3.09
N GLN A 425 -25.19 28.31 2.71
CA GLN A 425 -25.22 27.15 3.58
C GLN A 425 -23.79 26.70 3.91
N TYR A 426 -23.64 26.08 5.07
CA TYR A 426 -22.33 25.80 5.64
C TYR A 426 -21.83 24.42 5.20
N GLN A 427 -20.57 24.37 4.80
CA GLN A 427 -19.91 23.17 4.30
C GLN A 427 -18.56 23.05 5.00
N VAL A 428 -18.27 21.86 5.52
CA VAL A 428 -17.08 21.63 6.33
C VAL A 428 -15.94 21.24 5.40
N LEU A 429 -14.93 22.11 5.29
CA LEU A 429 -13.75 21.80 4.51
C LEU A 429 -12.62 21.21 5.36
N ARG A 430 -12.58 21.55 6.65
CA ARG A 430 -11.64 20.94 7.58
C ARG A 430 -12.32 20.79 8.92
N VAL A 431 -12.42 19.54 9.41
CA VAL A 431 -13.08 19.31 10.69
C VAL A 431 -12.18 19.81 11.82
N ARG A 432 -12.83 20.29 12.88
CA ARG A 432 -12.10 20.61 14.10
C ARG A 432 -11.28 19.42 14.56
N GLN A 433 -10.05 19.69 14.97
CA GLN A 433 -9.12 18.63 15.37
C GLN A 433 -9.28 18.33 16.84
N THR A 434 -9.17 17.05 17.20
CA THR A 434 -9.22 16.62 18.58
C THR A 434 -8.21 15.50 18.78
N HIS A 435 -7.80 15.32 20.03
CA HIS A 435 -6.86 14.26 20.39
C HIS A 435 -7.56 12.92 20.41
N SER B 21 5.56 -2.54 -23.97
CA SER B 21 5.09 -2.91 -22.63
C SER B 21 3.72 -2.32 -22.34
N LYS B 22 3.40 -1.20 -22.98
CA LYS B 22 2.11 -0.56 -22.81
C LYS B 22 1.11 -1.18 -23.78
N LEU B 23 -0.04 -1.61 -23.26
CA LEU B 23 -0.99 -2.37 -24.07
C LEU B 23 -1.30 -1.66 -25.37
N SER B 24 -1.58 -0.36 -25.31
CA SER B 24 -2.01 0.37 -26.48
C SER B 24 -0.91 0.54 -27.52
N ASP B 25 0.36 0.44 -27.12
CA ASP B 25 1.48 0.53 -28.04
C ASP B 25 1.88 -0.84 -28.61
N SER B 26 1.27 -1.92 -28.11
CA SER B 26 1.74 -3.26 -28.45
C SER B 26 1.05 -3.77 -29.72
N LYS B 27 1.48 -4.95 -30.17
CA LYS B 27 0.83 -5.65 -31.27
C LYS B 27 -0.21 -6.65 -30.79
N SER B 28 -0.61 -6.58 -29.52
CA SER B 28 -1.66 -7.46 -29.02
C SER B 28 -2.96 -7.22 -29.78
N VAL B 29 -3.74 -8.31 -29.94
CA VAL B 29 -5.09 -8.18 -30.45
C VAL B 29 -5.88 -7.20 -29.60
N PHE B 30 -5.51 -7.04 -28.34
CA PHE B 30 -6.25 -6.22 -27.39
C PHE B 30 -5.64 -4.84 -27.22
N SER B 31 -4.67 -4.47 -28.05
CA SER B 31 -4.18 -3.10 -28.02
C SER B 31 -5.29 -2.09 -28.24
N LYS B 32 -6.41 -2.52 -28.84
CA LYS B 32 -7.54 -1.63 -29.07
C LYS B 32 -8.26 -1.27 -27.79
N LEU B 33 -8.09 -2.03 -26.73
CA LEU B 33 -8.88 -1.82 -25.52
C LEU B 33 -8.42 -0.58 -24.78
N SER B 34 -9.34 0.35 -24.54
CA SER B 34 -9.03 1.51 -23.73
C SER B 34 -9.09 1.16 -22.24
N ASN B 35 -8.53 2.05 -21.42
CA ASN B 35 -8.58 1.83 -19.98
C ASN B 35 -10.02 1.83 -19.47
N LYS B 36 -10.87 2.68 -20.04
CA LYS B 36 -12.25 2.72 -19.58
C LYS B 36 -12.98 1.42 -19.91
N GLN B 37 -12.71 0.85 -21.09
CA GLN B 37 -13.33 -0.43 -21.43
C GLN B 37 -12.86 -1.53 -20.49
N ILE B 38 -11.59 -1.52 -20.12
CA ILE B 38 -11.06 -2.51 -19.19
C ILE B 38 -11.74 -2.35 -17.83
N GLU B 39 -11.88 -1.12 -17.34
CA GLU B 39 -12.58 -0.89 -16.08
C GLU B 39 -14.03 -1.36 -16.18
N THR B 40 -14.68 -1.14 -17.32
CA THR B 40 -16.04 -1.63 -17.50
C THR B 40 -16.10 -3.14 -17.43
N ILE B 41 -15.16 -3.82 -18.10
CA ILE B 41 -15.13 -5.28 -18.08
C ILE B 41 -14.98 -5.79 -16.65
N ILE B 42 -13.99 -5.25 -15.92
CA ILE B 42 -13.77 -5.72 -14.56
C ILE B 42 -14.94 -5.36 -13.66
N GLN B 43 -15.51 -4.17 -13.85
CA GLN B 43 -16.67 -3.77 -13.07
C GLN B 43 -17.80 -4.79 -13.22
N ARG B 44 -18.04 -5.24 -14.45
CA ARG B 44 -19.22 -6.06 -14.71
C ARG B 44 -18.97 -7.53 -14.41
N TYR B 45 -17.78 -8.04 -14.75
CA TYR B 45 -17.51 -9.47 -14.74
C TYR B 45 -16.45 -9.86 -13.73
N ALA B 46 -15.94 -8.90 -12.96
CA ALA B 46 -15.01 -9.14 -11.85
C ALA B 46 -13.60 -9.44 -12.36
N SER B 47 -12.63 -9.40 -11.44
CA SER B 47 -11.22 -9.64 -11.72
C SER B 47 -10.73 -10.84 -10.92
N PRO B 48 -9.84 -11.67 -11.48
CA PRO B 48 -9.33 -11.63 -12.85
C PRO B 48 -10.42 -12.01 -13.86
N CYS B 49 -10.17 -11.77 -15.14
CA CYS B 49 -11.18 -12.04 -16.16
C CYS B 49 -10.52 -12.41 -17.48
N PHE B 50 -10.92 -13.55 -18.03
CA PHE B 50 -10.47 -13.93 -19.37
C PHE B 50 -11.31 -13.19 -20.41
N ILE B 51 -10.66 -12.74 -21.47
CA ILE B 51 -11.34 -12.09 -22.58
C ILE B 51 -10.90 -12.75 -23.87
N ILE B 52 -11.85 -13.02 -24.76
CA ILE B 52 -11.62 -13.72 -26.02
C ILE B 52 -12.08 -12.81 -27.15
N ASP B 53 -11.22 -12.61 -28.15
CA ASP B 53 -11.58 -11.76 -29.28
C ASP B 53 -12.10 -12.62 -30.42
N GLU B 54 -13.37 -12.43 -30.76
CA GLU B 54 -13.99 -13.26 -31.80
C GLU B 54 -13.35 -13.02 -33.16
N ASN B 55 -13.13 -11.75 -33.50
CA ASN B 55 -12.65 -11.43 -34.85
C ASN B 55 -11.29 -12.07 -35.12
N ALA B 56 -10.33 -11.87 -34.19
CA ALA B 56 -9.01 -12.44 -34.37
C ALA B 56 -9.08 -13.96 -34.41
N LEU B 57 -9.90 -14.56 -33.54
CA LEU B 57 -9.98 -16.02 -33.46
C LEU B 57 -10.49 -16.61 -34.78
N LEU B 58 -11.57 -16.05 -35.32
CA LEU B 58 -12.14 -16.62 -36.52
C LEU B 58 -11.34 -16.30 -37.78
N GLU B 59 -10.67 -15.15 -37.83
CA GLU B 59 -9.80 -14.87 -38.97
C GLU B 59 -8.65 -15.88 -39.02
N ARG B 60 -8.05 -16.18 -37.86
CA ARG B 60 -7.02 -17.20 -37.80
C ARG B 60 -7.56 -18.55 -38.28
N ALA B 61 -8.77 -18.90 -37.84
CA ALA B 61 -9.36 -20.16 -38.29
C ALA B 61 -9.54 -20.19 -39.80
N ARG B 62 -10.04 -19.11 -40.38
CA ARG B 62 -10.25 -19.07 -41.82
C ARG B 62 -8.94 -19.18 -42.60
N LEU B 63 -7.90 -18.50 -42.14
CA LEU B 63 -6.62 -18.57 -42.83
C LEU B 63 -6.06 -19.97 -42.81
N PHE B 64 -6.25 -20.71 -41.72
CA PHE B 64 -5.74 -22.07 -41.66
C PHE B 64 -6.46 -22.95 -42.68
N GLN B 65 -7.79 -22.91 -42.69
CA GLN B 65 -8.53 -23.66 -43.70
C GLN B 65 -8.06 -23.32 -45.11
N GLN B 66 -7.86 -22.03 -45.39
CA GLN B 66 -7.35 -21.61 -46.68
C GLN B 66 -5.99 -22.22 -46.97
N ALA B 67 -5.11 -22.24 -45.96
CA ALA B 67 -3.74 -22.69 -46.19
C ALA B 67 -3.68 -24.18 -46.53
N ILE B 68 -4.49 -25.00 -45.87
CA ILE B 68 -4.41 -26.44 -46.12
C ILE B 68 -5.11 -26.79 -47.42
N LEU B 69 -6.24 -26.13 -47.72
CA LEU B 69 -6.95 -26.41 -48.96
C LEU B 69 -6.11 -26.01 -50.17
N ASN B 70 -5.39 -24.90 -50.07
CA ASN B 70 -4.53 -24.48 -51.18
C ASN B 70 -3.49 -25.54 -51.50
N GLN B 71 -3.07 -26.32 -50.52
CA GLN B 71 -2.07 -27.37 -50.75
C GLN B 71 -2.70 -28.69 -51.16
N TYR B 72 -3.90 -29.01 -50.65
CA TYR B 72 -4.53 -30.30 -50.93
C TYR B 72 -6.03 -30.14 -50.77
N GLN B 73 -6.77 -30.45 -51.84
CA GLN B 73 -8.19 -30.13 -51.89
C GLN B 73 -9.00 -30.93 -50.86
N ASN B 74 -8.57 -32.13 -50.52
CA ASN B 74 -9.27 -32.97 -49.56
C ASN B 74 -8.69 -32.84 -48.16
N SER B 75 -8.35 -31.61 -47.77
CA SER B 75 -7.86 -31.34 -46.43
C SER B 75 -9.02 -30.95 -45.52
N ILE B 76 -8.93 -31.36 -44.26
CA ILE B 76 -9.97 -31.10 -43.27
C ILE B 76 -9.32 -30.54 -42.01
N ALA B 77 -9.80 -29.38 -41.56
CA ALA B 77 -9.40 -28.82 -40.29
C ALA B 77 -10.27 -29.38 -39.18
N ALA B 78 -9.65 -29.96 -38.16
CA ALA B 78 -10.35 -30.50 -37.01
C ALA B 78 -10.12 -29.58 -35.81
N TYR B 79 -11.15 -29.39 -35.00
CA TYR B 79 -11.04 -28.52 -33.84
C TYR B 79 -10.60 -29.33 -32.63
N SER B 80 -9.45 -28.97 -32.07
CA SER B 80 -8.89 -29.66 -30.90
C SER B 80 -9.65 -29.19 -29.65
N VAL B 81 -10.65 -29.96 -29.25
CA VAL B 81 -11.52 -29.53 -28.16
C VAL B 81 -10.72 -29.27 -26.89
N LYS B 82 -9.78 -30.15 -26.57
CA LYS B 82 -9.10 -30.05 -25.28
C LYS B 82 -8.34 -28.72 -25.15
N THR B 83 -7.92 -28.14 -26.27
CA THR B 83 -7.15 -26.90 -26.22
C THR B 83 -7.98 -25.73 -25.73
N GLN B 84 -9.26 -25.70 -26.10
CA GLN B 84 -10.16 -24.59 -25.77
C GLN B 84 -11.57 -25.17 -25.86
N SER B 85 -12.10 -25.59 -24.72
CA SER B 85 -13.29 -26.45 -24.71
C SER B 85 -14.57 -25.71 -24.33
N LEU B 86 -14.59 -24.38 -24.44
CA LEU B 86 -15.83 -23.65 -24.19
C LEU B 86 -16.82 -23.94 -25.30
N ASN B 87 -18.06 -24.28 -24.92
CA ASN B 87 -19.07 -24.68 -25.89
C ASN B 87 -19.24 -23.62 -26.98
N THR B 88 -19.26 -22.34 -26.59
CA THR B 88 -19.48 -21.28 -27.55
C THR B 88 -18.38 -21.24 -28.59
N ILE B 89 -17.14 -21.48 -28.19
CA ILE B 89 -16.03 -21.44 -29.14
C ILE B 89 -16.09 -22.66 -30.06
N ILE B 90 -16.34 -23.84 -29.50
CA ILE B 90 -16.48 -25.03 -30.34
C ILE B 90 -17.53 -24.79 -31.43
N GLN B 91 -18.65 -24.19 -31.05
CA GLN B 91 -19.72 -23.92 -32.01
C GLN B 91 -19.24 -22.96 -33.09
N LYS B 92 -18.48 -21.93 -32.72
CA LYS B 92 -18.02 -20.96 -33.71
C LYS B 92 -17.12 -21.62 -34.75
N PHE B 93 -16.20 -22.48 -34.30
CA PHE B 93 -15.33 -23.18 -35.24
C PHE B 93 -16.12 -24.19 -36.06
N TYR B 94 -17.08 -24.88 -35.44
CA TYR B 94 -17.96 -25.76 -36.18
C TYR B 94 -18.69 -25.00 -37.28
N GLU B 95 -19.15 -23.79 -36.98
CA GLU B 95 -19.93 -23.04 -37.96
C GLU B 95 -19.15 -22.79 -39.24
N VAL B 96 -17.82 -22.65 -39.15
CA VAL B 96 -17.00 -22.33 -40.31
C VAL B 96 -16.35 -23.57 -40.90
N GLY B 97 -16.74 -24.76 -40.46
CA GLY B 97 -16.35 -25.98 -41.13
C GLY B 97 -15.38 -26.88 -40.41
N PHE B 98 -15.00 -26.57 -39.17
CA PHE B 98 -14.09 -27.43 -38.42
C PHE B 98 -14.83 -28.68 -37.92
N ILE B 99 -14.15 -29.81 -37.99
CA ILE B 99 -14.66 -31.10 -37.51
C ILE B 99 -14.23 -31.24 -36.06
N PRO B 100 -15.14 -31.57 -35.12
CA PRO B 100 -14.73 -31.73 -33.72
C PRO B 100 -13.77 -32.91 -33.57
N GLU B 101 -12.73 -32.71 -32.78
CA GLU B 101 -11.75 -33.75 -32.47
C GLU B 101 -11.62 -33.86 -30.96
N VAL B 102 -11.87 -35.04 -30.43
CA VAL B 102 -11.92 -35.28 -28.99
C VAL B 102 -10.88 -36.33 -28.61
N VAL B 103 -10.43 -36.28 -27.36
CA VAL B 103 -9.44 -37.22 -26.87
C VAL B 103 -9.93 -37.97 -25.63
N SER B 104 -11.23 -37.96 -25.37
CA SER B 104 -11.77 -38.67 -24.21
C SER B 104 -13.25 -38.92 -24.42
N SER B 105 -13.78 -39.84 -23.62
CA SER B 105 -15.22 -40.10 -23.66
C SER B 105 -16.01 -38.88 -23.20
N ASP B 106 -15.49 -38.15 -22.21
CA ASP B 106 -16.19 -36.96 -21.74
C ASP B 106 -16.26 -35.90 -22.84
N GLU B 107 -15.15 -35.67 -23.55
CA GLU B 107 -15.18 -34.73 -24.66
C GLU B 107 -16.12 -35.22 -25.75
N PHE B 108 -16.13 -36.54 -26.00
CA PHE B 108 -17.12 -37.13 -26.91
C PHE B 108 -18.53 -36.74 -26.50
N GLU B 109 -18.86 -36.93 -25.23
CA GLU B 109 -20.20 -36.61 -24.76
C GLU B 109 -20.51 -35.13 -24.88
N GLN B 110 -19.50 -34.28 -24.65
CA GLN B 110 -19.72 -32.84 -24.79
C GLN B 110 -20.18 -32.49 -26.20
N ILE B 111 -19.53 -33.08 -27.20
CA ILE B 111 -19.86 -32.76 -28.60
C ILE B 111 -21.28 -33.21 -28.93
N GLN B 112 -21.69 -34.37 -28.43
CA GLN B 112 -23.04 -34.84 -28.68
C GLN B 112 -24.02 -33.90 -28.05
N LYS B 113 -23.68 -33.50 -26.81
CA LYS B 113 -24.59 -32.59 -26.13
C LYS B 113 -24.94 -31.42 -27.09
N LEU B 114 -23.85 -30.76 -27.63
CA LEU B 114 -23.97 -29.62 -28.57
C LEU B 114 -24.58 -29.98 -29.94
N GLN B 115 -24.80 -31.26 -30.19
CA GLN B 115 -25.40 -31.74 -31.43
C GLN B 115 -24.57 -31.29 -32.65
N LEU B 116 -23.25 -31.45 -32.53
CA LEU B 116 -22.32 -31.14 -33.60
C LEU B 116 -21.78 -32.40 -34.27
N CYS B 117 -22.58 -33.47 -34.30
CA CYS B 117 -22.16 -34.75 -34.84
C CYS B 117 -22.89 -35.11 -36.13
N ASP B 118 -23.38 -34.10 -36.87
CA ASP B 118 -24.03 -34.38 -38.15
C ASP B 118 -22.99 -34.74 -39.21
N LYS B 119 -21.80 -34.16 -39.15
CA LYS B 119 -20.66 -34.70 -39.85
C LYS B 119 -19.87 -35.61 -38.90
N SER B 120 -18.84 -36.26 -39.41
CA SER B 120 -18.15 -37.29 -38.63
C SER B 120 -17.03 -36.72 -37.76
N ILE B 121 -17.07 -37.06 -36.50
CA ILE B 121 -16.15 -36.60 -35.48
C ILE B 121 -14.88 -37.42 -35.52
N ILE B 122 -13.81 -36.86 -34.94
CA ILE B 122 -12.55 -37.57 -34.76
C ILE B 122 -12.41 -37.92 -33.28
N PHE B 123 -12.19 -39.20 -33.00
CA PHE B 123 -12.13 -39.74 -31.64
C PHE B 123 -10.74 -40.31 -31.41
N ASN B 124 -9.90 -39.57 -30.69
CA ASN B 124 -8.55 -39.97 -30.32
C ASN B 124 -8.50 -40.30 -28.84
N GLY B 125 -7.31 -40.63 -28.36
CA GLY B 125 -7.07 -40.73 -26.94
C GLY B 125 -6.80 -42.14 -26.45
N PRO B 126 -6.07 -42.26 -25.34
CA PRO B 126 -5.67 -43.59 -24.85
C PRO B 126 -6.75 -44.32 -24.08
N TYR B 127 -7.89 -43.71 -23.79
CA TYR B 127 -8.95 -44.37 -23.05
C TYR B 127 -10.30 -43.97 -23.62
N LYS B 128 -10.98 -44.92 -24.25
CA LYS B 128 -12.34 -44.76 -24.75
C LYS B 128 -13.19 -45.84 -24.11
N ASN B 129 -14.18 -45.43 -23.31
CA ASN B 129 -15.01 -46.40 -22.63
C ASN B 129 -16.01 -47.03 -23.61
N ASP B 130 -16.66 -48.11 -23.18
CA ASP B 130 -17.51 -48.87 -24.07
C ASP B 130 -18.68 -48.04 -24.59
N ALA B 131 -19.34 -47.30 -23.68
CA ALA B 131 -20.49 -46.50 -24.08
C ALA B 131 -20.12 -45.52 -25.18
N SER B 132 -18.96 -44.86 -25.06
CA SER B 132 -18.56 -43.89 -26.08
C SER B 132 -18.21 -44.59 -27.39
N LEU B 133 -17.60 -45.77 -27.31
CA LEU B 133 -17.28 -46.51 -28.52
C LEU B 133 -18.55 -46.95 -29.25
N ILE B 134 -19.57 -47.37 -28.51
CA ILE B 134 -20.83 -47.77 -29.13
C ILE B 134 -21.42 -46.60 -29.92
N LYS B 135 -21.48 -45.42 -29.29
CA LYS B 135 -22.06 -44.28 -29.97
C LYS B 135 -21.14 -43.77 -31.08
N ALA B 136 -19.82 -43.87 -30.89
CA ALA B 136 -18.89 -43.47 -31.94
C ALA B 136 -19.09 -44.32 -33.18
N LEU B 137 -19.25 -45.64 -33.00
CA LEU B 137 -19.49 -46.51 -34.15
C LEU B 137 -20.85 -46.22 -34.78
N GLN B 138 -21.86 -45.95 -33.96
CA GLN B 138 -23.18 -45.63 -34.49
C GLN B 138 -23.19 -44.31 -35.25
N LEU B 139 -22.33 -43.37 -34.87
CA LEU B 139 -22.27 -42.08 -35.54
C LEU B 139 -21.23 -42.04 -36.66
N ASN B 140 -20.56 -43.16 -36.95
CA ASN B 140 -19.56 -43.21 -38.01
C ASN B 140 -18.40 -42.25 -37.74
N ALA B 141 -17.90 -42.29 -36.52
CA ALA B 141 -16.76 -41.48 -36.14
C ALA B 141 -15.47 -42.10 -36.67
N ILE B 143 -12.20 -43.27 -35.54
CA ILE B 143 -11.65 -43.72 -34.26
C ILE B 143 -10.19 -44.10 -34.47
N ASN B 144 -9.28 -43.38 -33.81
CA ASN B 144 -7.85 -43.64 -33.91
C ASN B 144 -7.39 -44.30 -32.62
N CYS B 145 -6.95 -45.56 -32.71
CA CYS B 145 -6.50 -46.32 -31.56
C CYS B 145 -4.99 -46.23 -31.44
N ASP B 146 -4.48 -46.16 -30.20
CA ASP B 146 -3.04 -46.10 -29.97
C ASP B 146 -2.49 -47.31 -29.22
N HIS B 147 -3.32 -48.32 -28.96
CA HIS B 147 -2.82 -49.57 -28.38
C HIS B 147 -3.77 -50.69 -28.77
N PHE B 148 -3.24 -51.92 -28.75
CA PHE B 148 -3.92 -52.99 -29.47
C PHE B 148 -5.18 -53.47 -28.76
N ASP B 149 -5.15 -53.61 -27.43
CA ASP B 149 -6.32 -54.17 -26.76
C ASP B 149 -7.55 -53.27 -26.91
N GLU B 150 -7.37 -51.98 -27.24
CA GLU B 150 -8.52 -51.17 -27.61
C GLU B 150 -9.14 -51.68 -28.91
N ILE B 151 -8.30 -52.11 -29.85
CA ILE B 151 -8.80 -52.63 -31.12
C ILE B 151 -9.66 -53.87 -30.88
N LEU B 152 -9.18 -54.77 -30.02
CA LEU B 152 -9.95 -55.97 -29.71
C LEU B 152 -11.27 -55.62 -29.03
N ARG B 153 -11.26 -54.63 -28.14
CA ARG B 153 -12.49 -54.21 -27.49
C ARG B 153 -13.48 -53.66 -28.52
N ILE B 154 -12.98 -52.94 -29.52
CA ILE B 154 -13.86 -52.41 -30.55
C ILE B 154 -14.42 -53.54 -31.41
N ALA B 155 -13.58 -54.50 -31.78
CA ALA B 155 -14.04 -55.63 -32.57
C ALA B 155 -15.20 -56.34 -31.88
N LYS B 156 -15.08 -56.60 -30.57
CA LYS B 156 -16.15 -57.27 -29.86
C LYS B 156 -17.41 -56.41 -29.82
N ILE B 157 -17.24 -55.10 -29.60
CA ILE B 157 -18.40 -54.22 -29.60
C ILE B 157 -19.04 -54.16 -30.98
N ALA B 158 -18.22 -54.04 -32.02
CA ALA B 158 -18.76 -53.97 -33.38
C ALA B 158 -19.52 -55.25 -33.73
N LYS B 159 -18.95 -56.41 -33.39
CA LYS B 159 -19.60 -57.66 -33.74
C LYS B 159 -20.98 -57.78 -33.09
N LYS B 160 -21.09 -57.39 -31.81
CA LYS B 160 -22.40 -57.42 -31.16
C LYS B 160 -23.36 -56.45 -31.83
N LEU B 161 -22.87 -55.31 -32.30
CA LEU B 161 -23.69 -54.37 -33.03
C LEU B 161 -23.90 -54.75 -34.50
N ASN B 162 -23.28 -55.84 -34.95
CA ASN B 162 -23.44 -56.32 -36.32
C ASN B 162 -23.01 -55.26 -37.33
N ILE B 163 -21.82 -54.69 -37.10
CA ILE B 163 -21.22 -53.71 -38.00
C ILE B 163 -19.72 -53.95 -38.06
N THR B 164 -19.10 -53.35 -39.06
CA THR B 164 -17.66 -53.42 -39.28
C THR B 164 -17.07 -52.07 -38.95
N ALA B 165 -16.15 -52.04 -37.99
CA ALA B 165 -15.60 -50.78 -37.48
C ALA B 165 -14.40 -50.36 -38.31
N LYS B 166 -14.44 -49.13 -38.84
CA LYS B 166 -13.26 -48.53 -39.44
C LYS B 166 -12.46 -47.82 -38.37
N ILE B 167 -11.16 -48.12 -38.30
CA ILE B 167 -10.30 -47.54 -37.28
C ILE B 167 -9.05 -46.98 -37.94
N GLY B 168 -8.44 -46.01 -37.27
CA GLY B 168 -7.11 -45.57 -37.62
C GLY B 168 -6.12 -46.03 -36.57
N LEU B 169 -4.84 -46.04 -36.91
CA LEU B 169 -3.78 -46.37 -35.97
C LEU B 169 -2.96 -45.12 -35.70
N ARG B 170 -2.83 -44.77 -34.42
CA ARG B 170 -1.89 -43.72 -34.04
C ARG B 170 -0.47 -44.27 -34.14
N ILE B 171 0.41 -43.53 -34.81
CA ILE B 171 1.77 -43.94 -35.07
C ILE B 171 2.71 -43.07 -34.25
N ALA B 172 3.74 -43.70 -33.66
CA ALA B 172 4.82 -42.97 -32.98
C ALA B 172 5.97 -42.83 -33.97
N ASP B 173 6.32 -41.58 -34.30
CA ASP B 173 7.36 -41.32 -35.29
C ASP B 173 8.75 -41.50 -34.64
N ASN B 174 9.04 -42.75 -34.31
CA ASN B 174 10.21 -43.06 -33.50
C ASN B 174 11.50 -43.22 -34.30
N LYS B 175 11.45 -43.06 -35.62
CA LYS B 175 12.68 -42.93 -36.40
C LYS B 175 13.23 -41.50 -36.37
N THR B 176 12.44 -40.55 -35.85
CA THR B 176 12.90 -39.18 -35.66
C THR B 176 13.15 -38.95 -34.17
N PRO B 177 14.40 -38.77 -33.73
CA PRO B 177 14.64 -38.65 -32.28
C PRO B 177 13.78 -37.58 -31.61
N GLN B 178 13.63 -36.41 -32.22
CA GLN B 178 12.87 -35.33 -31.59
C GLN B 178 11.40 -35.68 -31.44
N ASN B 179 10.89 -36.63 -32.20
CA ASN B 179 9.48 -37.01 -32.16
C ASN B 179 9.25 -38.32 -31.41
N TRP B 180 10.30 -38.97 -30.91
CA TRP B 180 10.15 -40.26 -30.26
C TRP B 180 9.08 -40.20 -29.16
N SER B 181 8.26 -41.24 -29.11
CA SER B 181 7.14 -41.24 -28.18
C SER B 181 6.72 -42.67 -27.85
N ARG B 182 6.25 -42.84 -26.61
CA ARG B 182 5.59 -44.08 -26.21
C ARG B 182 4.15 -44.17 -26.69
N PHE B 183 3.59 -43.06 -27.20
CA PHE B 183 2.17 -42.97 -27.50
C PHE B 183 1.95 -43.34 -28.96
N GLY B 184 1.36 -44.50 -29.19
CA GLY B 184 1.12 -45.02 -30.51
C GLY B 184 1.98 -46.24 -30.81
N PHE B 185 1.66 -46.86 -31.94
CA PHE B 185 2.45 -48.00 -32.41
C PHE B 185 3.75 -47.49 -33.03
N ALA B 186 4.86 -48.10 -32.64
CA ALA B 186 6.18 -47.55 -32.93
C ALA B 186 6.54 -47.78 -34.39
N LEU B 187 6.82 -46.69 -35.10
CA LEU B 187 7.41 -46.73 -36.44
C LEU B 187 8.91 -46.61 -36.27
N THR B 188 9.63 -47.68 -36.57
CA THR B 188 11.07 -47.74 -36.29
C THR B 188 11.86 -48.20 -37.51
N ILE B 196 5.10 -52.57 -36.76
CA ILE B 196 3.72 -52.13 -36.91
C ILE B 196 2.97 -53.09 -37.82
N PHE B 197 3.70 -53.69 -38.75
CA PHE B 197 3.07 -54.59 -39.71
C PHE B 197 2.62 -55.88 -39.07
N THR B 198 3.24 -56.29 -37.95
CA THR B 198 2.68 -57.40 -37.20
C THR B 198 1.32 -57.01 -36.60
N THR B 199 1.18 -55.76 -36.16
CA THR B 199 -0.11 -55.28 -35.71
C THR B 199 -1.13 -55.29 -36.83
N ILE B 200 -0.74 -54.77 -38.00
CA ILE B 200 -1.68 -54.72 -39.13
C ILE B 200 -2.04 -56.14 -39.56
N ASP B 201 -1.05 -57.04 -39.61
CA ASP B 201 -1.32 -58.43 -39.96
C ASP B 201 -2.47 -58.99 -39.13
N LYS B 202 -2.44 -58.74 -37.82
CA LYS B 202 -3.51 -59.24 -36.96
C LYS B 202 -4.83 -58.54 -37.30
N ILE B 203 -4.79 -57.23 -37.54
CA ILE B 203 -6.02 -56.49 -37.82
C ILE B 203 -6.70 -57.06 -39.06
N GLN B 204 -5.93 -57.39 -40.10
CA GLN B 204 -6.51 -57.95 -41.30
C GLN B 204 -7.24 -59.27 -41.02
N GLN B 205 -6.85 -59.97 -39.96
CA GLN B 205 -7.49 -61.23 -39.63
C GLN B 205 -8.75 -61.06 -38.78
N ILE B 206 -8.94 -59.89 -38.18
CA ILE B 206 -10.05 -59.66 -37.28
C ILE B 206 -11.31 -59.33 -38.08
N ALA B 207 -12.43 -59.92 -37.67
CA ALA B 207 -13.73 -59.61 -38.25
C ALA B 207 -14.31 -58.38 -37.55
N ASN B 208 -15.09 -57.60 -38.30
CA ASN B 208 -15.71 -56.37 -37.84
C ASN B 208 -14.70 -55.26 -37.60
N ILE B 209 -13.45 -55.45 -38.01
CA ILE B 209 -12.43 -54.41 -37.96
C ILE B 209 -11.83 -54.26 -39.35
N GLN B 210 -11.66 -53.00 -39.77
CA GLN B 210 -11.00 -52.71 -41.03
C GLN B 210 -10.13 -51.48 -40.87
N LEU B 211 -8.87 -51.60 -41.27
CA LEU B 211 -7.93 -50.49 -41.21
C LEU B 211 -8.32 -49.44 -42.22
N ALA B 212 -8.47 -48.19 -41.76
CA ALA B 212 -8.90 -47.11 -42.64
C ALA B 212 -8.07 -45.84 -42.53
N GLY B 213 -7.24 -45.69 -41.51
CA GLY B 213 -6.50 -44.43 -41.40
C GLY B 213 -5.28 -44.55 -40.52
N LEU B 214 -4.48 -43.48 -40.57
CA LEU B 214 -3.32 -43.31 -39.71
C LEU B 214 -3.44 -41.98 -38.96
N HIS B 215 -2.85 -41.93 -37.78
CA HIS B 215 -2.86 -40.74 -36.93
C HIS B 215 -1.47 -40.55 -36.37
N CYS B 216 -0.96 -39.32 -36.41
CA CYS B 216 0.35 -39.00 -35.85
C CYS B 216 0.30 -37.60 -35.26
N HIS B 217 0.70 -37.49 -33.99
CA HIS B 217 0.75 -36.22 -33.28
C HIS B 217 2.04 -36.22 -32.46
N ILE B 218 2.98 -35.35 -32.82
CA ILE B 218 4.37 -35.55 -32.43
C ILE B 218 4.83 -34.65 -31.28
N GLY B 219 3.99 -33.73 -30.81
CA GLY B 219 4.39 -32.92 -29.67
C GLY B 219 3.61 -31.62 -29.63
N THR B 220 4.13 -30.68 -28.86
CA THR B 220 3.49 -29.39 -28.65
C THR B 220 4.51 -28.27 -28.68
N ASN B 221 4.04 -27.09 -29.09
CA ASN B 221 4.86 -25.90 -29.27
C ASN B 221 6.10 -26.19 -30.11
N ILE B 222 5.89 -26.76 -31.28
CA ILE B 222 6.96 -27.08 -32.21
C ILE B 222 7.19 -25.87 -33.11
N ARG B 223 8.34 -25.22 -32.96
CA ARG B 223 8.73 -24.15 -33.87
C ARG B 223 9.66 -24.62 -34.97
N ASP B 224 10.36 -25.73 -34.79
CA ASP B 224 11.23 -26.30 -35.83
C ASP B 224 10.37 -27.24 -36.68
N ILE B 225 9.75 -26.68 -37.72
CA ILE B 225 8.81 -27.47 -38.51
C ILE B 225 9.49 -28.47 -39.42
N SER B 226 10.82 -28.51 -39.44
CA SER B 226 11.51 -29.65 -40.03
C SER B 226 11.05 -30.95 -39.40
N ARG B 227 10.69 -30.91 -38.11
CA ARG B 227 10.17 -32.10 -37.45
C ARG B 227 8.88 -32.58 -38.12
N PHE B 228 8.08 -31.65 -38.65
CA PHE B 228 6.90 -32.05 -39.41
C PHE B 228 7.29 -32.65 -40.76
N THR B 229 8.36 -32.13 -41.37
CA THR B 229 8.87 -32.76 -42.59
C THR B 229 9.23 -34.22 -42.32
N ALA B 230 9.99 -34.46 -41.24
CA ALA B 230 10.43 -35.81 -40.93
C ALA B 230 9.24 -36.74 -40.73
N ALA B 232 6.09 -36.41 -41.63
CA ALA B 232 5.30 -36.57 -42.85
C ALA B 232 5.99 -37.54 -43.80
N LYS B 233 7.31 -37.48 -43.90
CA LYS B 233 8.04 -38.40 -44.77
C LYS B 233 7.86 -39.84 -44.29
N ASN B 234 7.98 -40.07 -42.98
CA ASN B 234 7.88 -41.43 -42.47
C ASN B 234 6.46 -41.95 -42.58
N ILE B 235 5.46 -41.07 -42.41
CA ILE B 235 4.07 -41.52 -42.55
C ILE B 235 3.77 -41.83 -44.01
N ALA B 236 4.30 -41.03 -44.94
CA ALA B 236 4.11 -41.33 -46.35
C ALA B 236 4.71 -42.67 -46.72
N GLU B 237 5.95 -42.92 -46.28
CA GLU B 237 6.58 -44.23 -46.49
C GLU B 237 5.68 -45.35 -45.98
N LEU B 238 5.12 -45.17 -44.79
CA LEU B 238 4.26 -46.21 -44.22
C LEU B 238 3.00 -46.39 -45.04
N ALA B 239 2.35 -45.29 -45.44
CA ALA B 239 1.15 -45.39 -46.25
C ALA B 239 1.44 -46.08 -47.57
N GLU B 240 2.61 -45.81 -48.16
CA GLU B 240 2.96 -46.46 -49.42
C GLU B 240 3.11 -47.96 -49.22
N THR B 241 3.76 -48.38 -48.13
CA THR B 241 3.94 -49.81 -47.89
C THR B 241 2.61 -50.49 -47.60
N ILE B 242 1.72 -49.84 -46.85
CA ILE B 242 0.40 -50.40 -46.62
C ILE B 242 -0.31 -50.61 -47.95
N LEU B 243 -0.11 -49.69 -48.89
CA LEU B 243 -0.75 -49.82 -50.20
C LEU B 243 -0.21 -51.03 -50.95
N THR B 244 1.11 -51.25 -50.88
CA THR B 244 1.69 -52.37 -51.62
C THR B 244 1.45 -53.70 -50.90
N LYS B 245 1.63 -53.74 -49.57
CA LYS B 245 1.57 -55.01 -48.85
C LYS B 245 0.14 -55.51 -48.66
N TYR B 246 -0.85 -54.61 -48.57
CA TYR B 246 -2.22 -55.02 -48.34
C TYR B 246 -3.20 -54.48 -49.38
N LYS B 247 -2.71 -53.77 -50.40
CA LYS B 247 -3.56 -53.20 -51.45
C LYS B 247 -4.62 -52.29 -50.85
N LEU B 248 -4.26 -51.66 -49.73
CA LEU B 248 -5.18 -50.84 -48.94
C LEU B 248 -4.85 -49.38 -49.16
N THR B 249 -5.82 -48.62 -49.67
CA THR B 249 -5.73 -47.17 -49.78
C THR B 249 -6.41 -46.56 -48.56
N LEU B 250 -5.69 -45.67 -47.87
CA LEU B 250 -6.19 -45.14 -46.62
C LEU B 250 -7.32 -44.14 -46.85
N GLU B 251 -8.32 -44.18 -45.97
CA GLU B 251 -9.42 -43.23 -46.05
CA GLU B 251 -9.42 -43.23 -46.06
C GLU B 251 -9.05 -41.89 -45.43
N TRP B 252 -8.18 -41.89 -44.42
CA TRP B 252 -7.73 -40.63 -43.83
C TRP B 252 -6.31 -40.78 -43.31
N ILE B 253 -5.58 -39.66 -43.36
CA ILE B 253 -4.29 -39.50 -42.69
C ILE B 253 -4.41 -38.25 -41.82
N ASP B 254 -4.29 -38.44 -40.51
CA ASP B 254 -4.47 -37.39 -39.51
C ASP B 254 -3.10 -36.98 -38.99
N LEU B 255 -2.70 -35.75 -39.29
CA LEU B 255 -1.35 -35.27 -38.96
C LEU B 255 -1.29 -34.56 -37.62
N GLY B 256 -2.33 -34.68 -36.79
CA GLY B 256 -2.26 -34.12 -35.47
C GLY B 256 -2.10 -32.60 -35.48
N GLY B 257 -1.56 -32.09 -34.37
CA GLY B 257 -1.31 -30.67 -34.22
C GLY B 257 0.14 -30.41 -33.86
N GLY B 258 0.34 -29.51 -32.90
CA GLY B 258 1.64 -29.32 -32.29
C GLY B 258 2.40 -28.07 -32.68
N LEU B 259 1.88 -27.27 -33.61
CA LEU B 259 2.61 -26.09 -34.07
C LEU B 259 2.69 -25.04 -32.96
N ALA B 260 3.76 -24.25 -33.01
CA ALA B 260 4.07 -23.33 -31.92
C ALA B 260 3.11 -22.17 -31.86
N GLY B 261 2.91 -21.64 -30.64
CA GLY B 261 2.16 -20.42 -30.42
C GLY B 261 3.06 -19.21 -30.42
N ILE B 262 2.55 -18.10 -29.90
CA ILE B 262 3.29 -16.85 -29.96
C ILE B 262 4.24 -16.65 -28.79
N SER B 263 4.04 -17.34 -27.68
CA SER B 263 4.77 -17.04 -26.46
C SER B 263 6.11 -17.78 -26.45
N PRO B 264 7.23 -17.10 -26.23
CA PRO B 264 8.50 -17.82 -26.04
C PRO B 264 8.47 -18.64 -24.77
N THR B 265 9.27 -19.69 -24.75
CA THR B 265 9.48 -20.42 -23.52
C THR B 265 10.33 -19.59 -22.57
N LEU B 266 10.35 -19.99 -21.29
CA LEU B 266 11.19 -19.30 -20.32
C LEU B 266 12.67 -19.49 -20.62
N SER B 267 13.04 -20.55 -21.34
CA SER B 267 14.43 -20.73 -21.75
C SER B 267 14.82 -19.86 -22.93
N ASP B 268 13.85 -19.41 -23.72
CA ASP B 268 14.13 -18.60 -24.90
C ASP B 268 14.74 -17.27 -24.50
N LYS B 269 15.87 -16.93 -25.10
CA LYS B 269 16.46 -15.60 -24.88
C LYS B 269 15.55 -14.49 -25.40
N ARG B 270 14.65 -14.82 -26.33
CA ARG B 270 13.74 -13.82 -26.88
C ARG B 270 12.69 -13.46 -25.84
N LEU B 271 12.54 -12.16 -25.60
CA LEU B 271 11.59 -11.70 -24.60
C LEU B 271 10.23 -11.36 -25.19
N GLN B 272 10.19 -10.76 -26.38
CA GLN B 272 8.93 -10.35 -26.99
C GLN B 272 8.28 -11.54 -27.70
N PRO B 273 6.97 -11.50 -27.88
CA PRO B 273 6.28 -12.63 -28.53
C PRO B 273 6.71 -12.80 -29.97
N TYR B 274 6.54 -14.03 -30.45
CA TYR B 274 6.68 -14.32 -31.87
C TYR B 274 5.40 -13.91 -32.59
N ASN B 275 5.53 -13.55 -33.85
CA ASN B 275 4.31 -13.41 -34.60
C ASN B 275 3.67 -14.76 -34.82
N PRO B 276 2.35 -14.81 -34.93
CA PRO B 276 1.70 -16.11 -35.13
C PRO B 276 2.33 -16.83 -36.31
N PHE B 277 2.56 -18.13 -36.13
CA PHE B 277 3.31 -18.88 -37.14
C PHE B 277 2.61 -18.81 -38.49
N ASP B 278 3.43 -18.77 -39.55
CA ASP B 278 2.92 -18.71 -40.91
C ASP B 278 2.32 -20.05 -41.28
N LEU B 279 0.99 -20.12 -41.33
CA LEU B 279 0.31 -21.39 -41.54
C LEU B 279 0.54 -21.93 -42.96
N GLU B 280 0.74 -21.03 -43.92
CA GLU B 280 1.06 -21.49 -45.27
C GLU B 280 2.39 -22.26 -45.30
N LEU B 281 3.38 -21.78 -44.55
CA LEU B 281 4.65 -22.47 -44.49
C LEU B 281 4.53 -23.80 -43.77
N TYR B 282 3.78 -23.83 -42.66
CA TYR B 282 3.49 -25.10 -42.00
C TYR B 282 2.81 -26.06 -42.95
N ALA B 283 1.74 -25.63 -43.60
CA ALA B 283 0.94 -26.54 -44.42
C ALA B 283 1.75 -27.07 -45.60
N ALA B 284 2.49 -26.21 -46.29
CA ALA B 284 3.29 -26.68 -47.42
C ALA B 284 4.40 -27.62 -46.95
N THR B 285 4.97 -27.34 -45.79
CA THR B 285 6.06 -28.18 -45.29
C THR B 285 5.58 -29.58 -44.95
N ILE B 286 4.46 -29.69 -44.21
CA ILE B 286 4.04 -31.00 -43.73
C ILE B 286 3.33 -31.78 -44.83
N ILE B 287 2.70 -31.10 -45.79
CA ILE B 287 1.96 -31.81 -46.82
C ILE B 287 2.87 -32.29 -47.94
N ALA B 288 4.00 -31.60 -48.14
CA ALA B 288 4.82 -31.89 -49.32
C ALA B 288 5.28 -33.34 -49.40
N PRO B 289 5.80 -33.96 -48.34
CA PRO B 289 6.23 -35.36 -48.46
C PRO B 289 5.09 -36.33 -48.74
N LEU B 290 3.84 -35.90 -48.60
CA LEU B 290 2.69 -36.78 -48.74
C LEU B 290 1.97 -36.63 -50.07
N LYS B 291 2.27 -35.59 -50.86
CA LYS B 291 1.51 -35.35 -52.08
C LYS B 291 1.64 -36.52 -53.05
N GLU B 292 2.82 -37.13 -53.13
CA GLU B 292 3.02 -38.26 -54.03
C GLU B 292 2.03 -39.37 -53.72
N TYR B 293 1.88 -39.72 -52.44
CA TYR B 293 0.90 -40.74 -52.08
C TYR B 293 -0.51 -40.27 -52.38
N LEU B 294 -0.86 -39.07 -51.91
CA LEU B 294 -2.24 -38.59 -52.02
C LEU B 294 -2.71 -38.51 -53.47
N ASN B 295 -1.87 -37.96 -54.34
CA ASN B 295 -2.25 -37.88 -55.75
C ASN B 295 -2.38 -39.28 -56.35
N LYS B 296 -1.57 -40.22 -55.90
CA LYS B 296 -1.70 -41.61 -56.36
C LYS B 296 -3.06 -42.18 -55.99
N THR B 297 -3.65 -41.71 -54.90
CA THR B 297 -4.98 -42.16 -54.51
C THR B 297 -6.09 -41.39 -55.21
N ASN B 298 -5.75 -40.53 -56.17
CA ASN B 298 -6.74 -39.65 -56.82
C ASN B 298 -7.36 -38.68 -55.82
N ASP B 299 -6.61 -38.28 -54.81
CA ASP B 299 -7.07 -37.32 -53.80
C ASP B 299 -8.30 -37.84 -53.09
N LYS B 300 -8.34 -39.16 -52.88
CA LYS B 300 -9.40 -39.84 -52.14
C LYS B 300 -9.15 -39.81 -50.64
N THR B 301 -7.89 -39.78 -50.23
CA THR B 301 -7.52 -39.82 -48.83
C THR B 301 -7.73 -38.44 -48.23
N LYS B 302 -8.54 -38.36 -47.18
CA LYS B 302 -8.68 -37.10 -46.46
C LYS B 302 -7.44 -36.84 -45.61
N LEU B 303 -7.01 -35.58 -45.59
CA LEU B 303 -5.87 -35.13 -44.81
C LEU B 303 -6.40 -34.25 -43.69
N ILE B 304 -6.22 -34.68 -42.46
CA ILE B 304 -6.85 -34.05 -41.30
C ILE B 304 -5.77 -33.39 -40.45
N PHE B 305 -6.08 -32.19 -39.97
CA PHE B 305 -5.18 -31.40 -39.14
C PHE B 305 -5.88 -31.06 -37.83
N GLU B 306 -5.12 -31.09 -36.74
CA GLU B 306 -5.66 -30.90 -35.40
C GLU B 306 -4.90 -29.81 -34.66
N LEU B 307 -4.56 -28.72 -35.35
CA LEU B 307 -3.85 -27.63 -34.70
C LEU B 307 -4.74 -27.00 -33.63
N GLY B 308 -4.18 -26.84 -32.44
CA GLY B 308 -4.90 -26.16 -31.36
C GLY B 308 -4.25 -24.86 -30.96
N ARG B 309 -3.13 -24.97 -30.22
CA ARG B 309 -2.49 -23.78 -29.66
C ARG B 309 -2.27 -22.69 -30.72
N SER B 310 -1.70 -23.07 -31.87
CA SER B 310 -1.33 -22.05 -32.85
CA SER B 310 -1.34 -22.05 -32.86
C SER B 310 -2.54 -21.32 -33.42
N LEU B 311 -3.74 -21.87 -33.26
CA LEU B 311 -4.94 -21.21 -33.75
C LEU B 311 -5.62 -20.33 -32.72
N VAL B 312 -5.52 -20.67 -31.44
CA VAL B 312 -6.38 -20.07 -30.42
C VAL B 312 -5.62 -19.30 -29.35
N ASP B 313 -4.30 -19.32 -29.32
CA ASP B 313 -3.60 -18.84 -28.12
C ASP B 313 -3.67 -17.32 -28.00
N TYR B 314 -3.41 -16.59 -29.08
CA TYR B 314 -3.26 -15.14 -29.00
C TYR B 314 -4.59 -14.38 -29.06
N SER B 315 -5.70 -15.08 -29.27
CA SER B 315 -7.01 -14.45 -29.22
C SER B 315 -7.58 -14.38 -27.81
N VAL B 316 -6.83 -14.80 -26.80
CA VAL B 316 -7.33 -14.88 -25.43
C VAL B 316 -6.32 -14.22 -24.50
N ALA B 317 -6.80 -13.36 -23.61
CA ALA B 317 -5.96 -12.70 -22.61
C ALA B 317 -6.64 -12.78 -21.25
N LEU B 318 -5.83 -12.57 -20.22
CA LEU B 318 -6.30 -12.52 -18.84
C LEU B 318 -6.08 -11.12 -18.30
N LEU B 319 -7.16 -10.48 -17.84
CA LEU B 319 -7.06 -9.23 -17.11
C LEU B 319 -6.92 -9.55 -15.62
N THR B 320 -5.96 -8.91 -14.97
CA THR B 320 -5.71 -9.13 -13.55
C THR B 320 -5.47 -7.78 -12.89
N THR B 321 -5.77 -7.70 -11.60
CA THR B 321 -5.65 -6.47 -10.83
C THR B 321 -4.58 -6.62 -9.76
N ILE B 322 -3.79 -5.56 -9.57
CA ILE B 322 -2.89 -5.47 -8.43
C ILE B 322 -3.73 -5.24 -7.18
N VAL B 323 -3.63 -6.17 -6.22
CA VAL B 323 -4.44 -6.07 -5.01
C VAL B 323 -3.61 -5.88 -3.75
N GLY B 324 -2.30 -5.73 -3.87
CA GLY B 324 -1.47 -5.49 -2.69
C GLY B 324 -0.03 -5.28 -3.10
N THR B 325 0.72 -4.71 -2.17
CA THR B 325 2.14 -4.42 -2.36
C THR B 325 2.91 -4.99 -1.18
N ARG B 326 3.96 -5.75 -1.47
CA ARG B 326 4.89 -6.21 -0.45
C ARG B 326 6.15 -5.36 -0.37
N GLU B 327 6.65 -4.90 -1.51
CA GLU B 327 7.83 -4.04 -1.57
C GLU B 327 7.64 -3.01 -2.68
N GLN B 328 8.09 -1.79 -2.43
CA GLN B 328 7.99 -0.72 -3.44
C GLN B 328 9.19 0.20 -3.23
N ASN B 329 10.21 0.03 -4.06
CA ASN B 329 11.44 0.80 -3.98
C ASN B 329 11.73 1.44 -5.34
N GLU B 330 12.79 2.24 -5.39
CA GLU B 330 13.17 2.88 -6.64
C GLU B 330 13.52 1.83 -7.71
N ASP B 331 14.18 0.76 -7.30
CA ASP B 331 14.74 -0.21 -8.25
C ASP B 331 14.01 -1.54 -8.24
N PHE B 332 12.96 -1.70 -7.45
CA PHE B 332 12.30 -3.00 -7.34
C PHE B 332 10.92 -2.81 -6.71
N GLN B 333 9.95 -3.58 -7.20
CA GLN B 333 8.64 -3.65 -6.58
C GLN B 333 8.16 -5.09 -6.59
N SER B 334 7.55 -5.50 -5.48
CA SER B 334 6.98 -6.83 -5.30
C SER B 334 5.49 -6.65 -5.06
N LEU B 335 4.67 -7.17 -5.98
CA LEU B 335 3.26 -6.88 -6.01
C LEU B 335 2.44 -8.16 -5.90
N ILE B 336 1.24 -8.02 -5.37
CA ILE B 336 0.26 -9.11 -5.29
C ILE B 336 -0.80 -8.86 -6.36
N THR B 337 -1.04 -9.87 -7.19
CA THR B 337 -2.08 -9.83 -8.20
C THR B 337 -3.21 -10.77 -7.78
N ASP B 338 -4.40 -10.56 -8.34
CA ASP B 338 -5.52 -11.45 -8.05
C ASP B 338 -5.57 -12.65 -8.99
N ALA B 339 -4.56 -12.83 -9.85
CA ALA B 339 -4.40 -14.02 -10.66
C ALA B 339 -3.05 -14.67 -10.36
N GLY B 340 -3.03 -16.00 -10.43
CA GLY B 340 -1.81 -16.74 -10.17
C GLY B 340 -1.66 -17.96 -11.04
N ILE B 341 -0.80 -18.90 -10.62
CA ILE B 341 -0.51 -20.06 -11.45
C ILE B 341 -1.69 -21.01 -11.54
N HIS B 342 -2.66 -20.90 -10.64
CA HIS B 342 -3.86 -21.71 -10.76
C HIS B 342 -4.86 -21.11 -11.73
N THR B 343 -4.67 -19.85 -12.13
CA THR B 343 -5.50 -19.21 -13.14
C THR B 343 -4.94 -19.40 -14.55
N ILE B 344 -3.64 -19.23 -14.72
CA ILE B 344 -3.00 -19.46 -16.00
C ILE B 344 -1.80 -20.37 -15.78
N PRO B 345 -2.01 -21.67 -15.58
CA PRO B 345 -0.88 -22.56 -15.21
C PRO B 345 0.25 -22.58 -16.21
N THR B 346 0.02 -22.28 -17.48
CA THR B 346 1.11 -22.33 -18.44
C THR B 346 2.09 -21.17 -18.28
N ILE B 347 1.79 -20.21 -17.41
CA ILE B 347 2.72 -19.11 -17.15
C ILE B 347 4.01 -19.60 -16.52
N SER B 348 4.02 -20.81 -15.97
CA SER B 348 5.24 -21.39 -15.44
C SER B 348 6.10 -22.02 -16.53
N THR B 349 5.59 -22.12 -17.76
CA THR B 349 6.34 -22.64 -18.89
C THR B 349 6.63 -21.59 -19.94
N TYR B 350 5.76 -20.61 -20.12
CA TYR B 350 5.86 -19.65 -21.21
C TYR B 350 5.93 -18.23 -20.70
N ARG B 351 6.69 -17.41 -21.42
CA ARG B 351 6.74 -15.96 -21.21
C ARG B 351 5.56 -15.33 -21.95
N HIS B 352 4.36 -15.58 -21.41
CA HIS B 352 3.17 -14.93 -21.93
C HIS B 352 3.32 -13.42 -21.78
N PRO B 353 3.10 -12.63 -22.84
CA PRO B 353 3.35 -11.18 -22.71
C PRO B 353 2.48 -10.55 -21.64
N ILE B 354 3.07 -9.63 -20.88
CA ILE B 354 2.38 -8.92 -19.81
C ILE B 354 2.41 -7.44 -20.12
N TYR B 355 1.23 -6.83 -20.25
CA TYR B 355 1.10 -5.44 -20.64
C TYR B 355 0.43 -4.65 -19.52
N HIS B 356 0.86 -3.40 -19.36
CA HIS B 356 0.27 -2.47 -18.41
C HIS B 356 -0.49 -1.38 -19.18
N LEU B 357 -1.21 -0.55 -18.43
CA LEU B 357 -2.03 0.50 -19.00
C LEU B 357 -1.50 1.89 -18.64
N LYS B 358 -0.28 1.98 -18.15
CA LYS B 358 0.25 3.23 -17.61
C LYS B 358 0.95 4.03 -18.71
N THR B 359 0.90 5.36 -18.57
CA THR B 359 1.72 6.25 -19.37
C THR B 359 2.98 6.55 -18.55
N ASP B 360 3.85 5.55 -18.47
CA ASP B 360 5.05 5.64 -17.64
C ASP B 360 6.10 4.70 -18.21
N SER B 361 7.17 5.28 -18.77
CA SER B 361 8.24 4.51 -19.38
C SER B 361 9.43 4.30 -18.45
N TYR B 362 9.29 4.66 -17.17
CA TYR B 362 10.32 4.39 -16.18
C TYR B 362 10.02 3.04 -15.55
N HIS B 363 10.77 2.02 -15.97
CA HIS B 363 10.51 0.64 -15.57
C HIS B 363 11.49 0.18 -14.51
N LYS B 364 11.05 -0.79 -13.71
CA LYS B 364 11.88 -1.35 -12.66
C LYS B 364 11.63 -2.86 -12.59
N LYS B 365 12.61 -3.58 -12.05
CA LYS B 365 12.44 -5.01 -11.80
C LYS B 365 11.21 -5.24 -10.94
N THR B 366 10.37 -6.18 -11.35
CA THR B 366 9.07 -6.38 -10.74
C THR B 366 8.82 -7.86 -10.50
N LEU B 367 8.41 -8.18 -9.27
CA LEU B 367 7.96 -9.52 -8.90
C LEU B 367 6.44 -9.48 -8.79
N LEU B 368 5.78 -10.34 -9.54
CA LEU B 368 4.32 -10.42 -9.56
C LEU B 368 3.90 -11.73 -8.88
N LEU B 369 3.45 -11.63 -7.64
CA LEU B 369 3.06 -12.81 -6.88
C LEU B 369 1.55 -13.04 -6.98
N GLY B 370 1.16 -14.30 -7.12
CA GLY B 370 -0.23 -14.67 -7.16
C GLY B 370 -0.88 -14.52 -5.80
N PRO B 371 -2.21 -14.66 -5.73
CA PRO B 371 -2.96 -14.43 -4.49
C PRO B 371 -2.95 -15.62 -3.53
N SER B 372 -1.78 -16.22 -3.34
CA SER B 372 -1.56 -17.20 -2.29
C SER B 372 -0.13 -17.02 -1.79
N CYS B 373 0.16 -17.60 -0.63
CA CYS B 373 1.50 -17.56 -0.06
C CYS B 373 2.25 -18.86 -0.33
N GLN B 375 5.13 -20.77 -2.55
CA GLN B 375 6.39 -20.25 -3.07
C GLN B 375 6.42 -20.24 -4.60
N HIS B 376 5.68 -21.14 -5.24
CA HIS B 376 5.69 -21.27 -6.69
C HIS B 376 4.62 -20.41 -7.37
N ASP B 377 3.77 -19.71 -6.61
CA ASP B 377 2.64 -18.99 -7.18
C ASP B 377 3.07 -17.56 -7.51
N PHE B 378 3.65 -17.41 -8.70
CA PHE B 378 3.99 -16.10 -9.22
C PHE B 378 3.84 -16.11 -10.73
N LEU B 379 3.51 -14.94 -11.29
CA LEU B 379 3.38 -14.82 -12.73
C LEU B 379 4.71 -14.51 -13.40
N HIS B 380 5.60 -13.85 -12.69
CA HIS B 380 6.88 -13.41 -13.23
C HIS B 380 7.71 -12.88 -12.07
N ASP B 381 8.97 -13.26 -12.01
CA ASP B 381 9.85 -12.78 -10.95
C ASP B 381 10.96 -11.87 -11.46
N ASP B 382 10.98 -11.53 -12.75
CA ASP B 382 12.03 -10.68 -13.28
C ASP B 382 11.54 -9.95 -14.53
N ILE B 383 10.41 -9.26 -14.43
CA ILE B 383 9.89 -8.46 -15.52
C ILE B 383 10.05 -6.99 -15.17
N PHE B 384 10.26 -6.17 -16.19
CA PHE B 384 10.42 -4.74 -16.00
C PHE B 384 9.12 -4.03 -16.35
N LEU B 385 8.58 -3.32 -15.38
CA LEU B 385 7.29 -2.65 -15.48
C LEU B 385 7.38 -1.31 -14.78
N PRO B 386 6.53 -0.36 -15.15
CA PRO B 386 6.46 0.90 -14.38
C PRO B 386 5.91 0.63 -12.99
N LYS B 387 6.04 1.63 -12.13
CA LYS B 387 5.48 1.53 -10.78
C LYS B 387 3.98 1.27 -10.86
N LEU B 388 3.52 0.28 -10.10
CA LEU B 388 2.12 -0.09 -10.07
C LEU B 388 1.63 -0.09 -8.63
N GLU B 389 0.33 0.14 -8.45
CA GLU B 389 -0.27 0.25 -7.14
C GLU B 389 -1.58 -0.51 -7.11
N TYR B 390 -2.12 -0.68 -5.90
CA TYR B 390 -3.44 -1.23 -5.70
C TYR B 390 -4.42 -0.65 -6.72
N GLY B 391 -5.11 -1.54 -7.43
CA GLY B 391 -6.10 -1.14 -8.40
C GLY B 391 -5.61 -1.02 -9.83
N ASP B 392 -4.29 -0.95 -10.03
CA ASP B 392 -3.76 -0.98 -11.39
C ASP B 392 -4.07 -2.33 -12.03
N LYS B 393 -4.15 -2.34 -13.35
CA LYS B 393 -4.52 -3.54 -14.10
C LYS B 393 -3.37 -3.98 -15.00
N LEU B 394 -3.28 -5.29 -15.19
CA LEU B 394 -2.36 -5.88 -16.16
C LEU B 394 -3.15 -6.77 -17.12
N LEU B 395 -2.65 -6.89 -18.35
CA LEU B 395 -3.22 -7.80 -19.34
C LEU B 395 -2.16 -8.82 -19.72
N ILE B 396 -2.47 -10.10 -19.54
CA ILE B 396 -1.55 -11.19 -19.86
C ILE B 396 -2.09 -11.85 -21.12
N ASP B 397 -1.32 -11.76 -22.20
CA ASP B 397 -1.77 -12.14 -23.52
C ASP B 397 -1.29 -13.56 -23.87
N GLY B 398 -1.96 -14.14 -24.86
CA GLY B 398 -1.54 -15.42 -25.41
C GLY B 398 -1.82 -16.61 -24.53
N VAL B 399 -2.90 -16.57 -23.74
CA VAL B 399 -3.18 -17.62 -22.78
C VAL B 399 -4.37 -18.48 -23.22
N GLY B 400 -4.72 -18.45 -24.50
CA GLY B 400 -5.92 -19.13 -24.97
C GLY B 400 -5.83 -20.63 -25.01
N ALA B 401 -4.65 -21.21 -24.74
CA ALA B 401 -4.45 -22.66 -24.86
C ALA B 401 -4.06 -23.24 -23.51
N TYR B 402 -4.84 -24.21 -23.04
CA TYR B 402 -4.48 -25.06 -21.90
C TYR B 402 -4.45 -24.29 -20.59
N ASN B 403 -5.30 -23.29 -20.45
CA ASN B 403 -5.44 -22.58 -19.19
C ASN B 403 -6.85 -22.58 -18.65
N ILE B 404 -7.84 -22.16 -19.44
CA ILE B 404 -9.17 -21.88 -18.91
C ILE B 404 -9.79 -23.15 -18.32
N SER B 405 -9.74 -24.26 -19.06
CA SER B 405 -10.38 -25.47 -18.57
C SER B 405 -9.60 -26.14 -17.44
N ARG B 406 -8.38 -25.70 -17.17
CA ARG B 406 -7.63 -26.20 -16.02
C ARG B 406 -7.83 -25.35 -14.77
N ASN B 407 -8.62 -24.29 -14.85
CA ASN B 407 -9.06 -23.60 -13.65
C ASN B 407 -9.78 -24.58 -12.72
N ASN B 408 -9.69 -24.34 -11.42
CA ASN B 408 -10.22 -25.27 -10.43
C ASN B 408 -10.84 -24.47 -9.29
N GLU B 409 -11.19 -25.17 -8.22
CA GLU B 409 -11.86 -24.59 -7.06
C GLU B 409 -10.95 -24.51 -5.84
N PHE B 410 -9.64 -24.47 -6.05
CA PHE B 410 -8.65 -24.43 -4.97
C PHE B 410 -8.45 -22.98 -4.55
N ILE B 411 -8.93 -22.65 -3.36
CA ILE B 411 -8.79 -21.35 -2.72
C ILE B 411 -9.69 -20.31 -3.40
N HIS B 412 -9.45 -20.05 -4.68
CA HIS B 412 -10.23 -19.09 -5.45
C HIS B 412 -11.06 -19.81 -6.50
N LEU B 413 -12.31 -19.40 -6.66
CA LEU B 413 -13.17 -20.01 -7.66
C LEU B 413 -12.86 -19.46 -9.05
N LYS B 414 -13.38 -20.15 -10.06
CA LYS B 414 -13.01 -19.87 -11.44
C LYS B 414 -13.50 -18.49 -11.87
N PRO B 415 -12.72 -17.75 -12.65
CA PRO B 415 -13.14 -16.41 -13.07
C PRO B 415 -14.02 -16.46 -14.32
N SER B 416 -14.63 -15.31 -14.59
CA SER B 416 -15.42 -15.15 -15.80
C SER B 416 -14.57 -15.32 -17.05
N VAL B 417 -15.20 -15.81 -18.11
CA VAL B 417 -14.67 -15.72 -19.46
C VAL B 417 -15.69 -14.95 -20.29
N ILE B 418 -15.26 -13.89 -20.95
CA ILE B 418 -16.19 -13.08 -21.74
C ILE B 418 -15.69 -13.01 -23.17
N LEU B 419 -16.64 -12.90 -24.10
CA LEU B 419 -16.34 -12.75 -25.52
C LEU B 419 -16.45 -11.27 -25.90
N ILE B 420 -15.46 -10.79 -26.63
CA ILE B 420 -15.54 -9.52 -27.35
C ILE B 420 -15.95 -9.90 -28.77
N ASP B 421 -17.22 -9.71 -29.11
CA ASP B 421 -17.73 -10.25 -30.36
C ASP B 421 -17.33 -9.36 -31.54
N LYS B 422 -17.71 -9.80 -32.74
CA LYS B 422 -17.27 -9.12 -33.95
C LYS B 422 -17.69 -7.65 -33.99
N ASN B 423 -18.67 -7.27 -33.20
CA ASN B 423 -19.11 -5.88 -33.11
C ASN B 423 -18.59 -5.18 -31.85
N GLN B 424 -17.64 -5.79 -31.15
CA GLN B 424 -17.00 -5.21 -29.97
C GLN B 424 -17.92 -5.15 -28.76
N GLN B 425 -18.99 -5.92 -28.74
CA GLN B 425 -19.86 -6.02 -27.58
C GLN B 425 -19.52 -7.28 -26.78
N TYR B 426 -19.82 -7.23 -25.48
CA TYR B 426 -19.43 -8.30 -24.56
C TYR B 426 -20.59 -9.25 -24.29
N GLN B 427 -20.26 -10.52 -24.10
CA GLN B 427 -21.19 -11.50 -23.56
C GLN B 427 -20.38 -12.53 -22.78
N VAL B 428 -21.04 -13.19 -21.85
CA VAL B 428 -20.37 -14.11 -20.94
C VAL B 428 -20.32 -15.50 -21.56
N LEU B 429 -19.13 -16.10 -21.57
CA LEU B 429 -18.93 -17.47 -22.03
C LEU B 429 -18.76 -18.46 -20.89
N ARG B 430 -18.33 -17.99 -19.71
CA ARG B 430 -18.32 -18.80 -18.50
C ARG B 430 -18.59 -17.88 -17.32
N VAL B 431 -19.57 -18.23 -16.49
CA VAL B 431 -19.93 -17.36 -15.37
C VAL B 431 -18.86 -17.45 -14.29
N ARG B 432 -18.66 -16.34 -13.57
CA ARG B 432 -17.80 -16.39 -12.39
C ARG B 432 -18.43 -17.32 -11.37
N GLN B 433 -17.71 -18.38 -11.01
CA GLN B 433 -18.22 -19.35 -10.05
C GLN B 433 -18.31 -18.71 -8.66
N THR B 434 -19.38 -19.02 -7.95
CA THR B 434 -19.55 -18.56 -6.58
C THR B 434 -19.99 -19.74 -5.71
N HIS B 435 -19.82 -19.57 -4.40
CA HIS B 435 -20.34 -20.52 -3.43
C HIS B 435 -21.82 -20.25 -3.19
N GLN B 436 -22.64 -21.27 -3.34
CA GLN B 436 -24.08 -21.11 -3.18
C GLN B 436 -24.61 -21.95 -2.02
N PRO C 19 37.02 23.28 14.24
CA PRO C 19 37.52 21.93 13.91
C PRO C 19 36.54 20.83 14.34
N SER C 21 33.40 20.74 13.27
CA SER C 21 32.41 20.78 12.20
C SER C 21 31.88 19.41 11.84
N LYS C 22 32.72 18.38 11.95
CA LYS C 22 32.37 17.04 11.52
C LYS C 22 31.66 16.32 12.65
N LEU C 23 30.52 15.71 12.33
CA LEU C 23 29.69 15.12 13.36
C LEU C 23 30.49 14.20 14.27
N SER C 24 31.31 13.32 13.67
CA SER C 24 32.04 12.35 14.46
C SER C 24 33.03 13.03 15.42
N ASP C 25 33.47 14.24 15.08
CA ASP C 25 34.40 14.97 15.92
C ASP C 25 33.71 15.93 16.88
N SER C 26 32.39 15.91 16.96
CA SER C 26 31.65 16.89 17.75
C SER C 26 31.34 16.34 19.13
N LYS C 27 30.75 17.20 19.96
CA LYS C 27 30.23 16.83 21.27
C LYS C 27 28.75 16.45 21.20
N SER C 28 28.18 16.37 20.01
CA SER C 28 26.77 16.04 19.86
C SER C 28 26.47 14.66 20.43
N VAL C 29 25.27 14.53 21.01
CA VAL C 29 24.75 13.21 21.37
C VAL C 29 24.80 12.27 20.17
N PHE C 30 24.73 12.82 18.96
CA PHE C 30 24.64 12.02 17.74
C PHE C 30 25.99 11.86 17.05
N SER C 31 27.09 12.17 17.73
CA SER C 31 28.41 11.96 17.16
C SER C 31 28.65 10.50 16.82
N LYS C 32 27.91 9.58 17.46
CA LYS C 32 28.04 8.15 17.21
C LYS C 32 27.50 7.76 15.84
N LEU C 33 26.69 8.62 15.21
CA LEU C 33 25.99 8.24 13.99
C LEU C 33 26.93 8.27 12.79
N SER C 34 27.08 7.14 12.13
CA SER C 34 27.89 7.06 10.93
C SER C 34 27.10 7.51 9.71
N ASN C 35 27.82 7.77 8.62
CA ASN C 35 27.17 8.07 7.35
C ASN C 35 26.22 6.94 6.95
N LYS C 36 26.64 5.69 7.16
CA LYS C 36 25.83 4.54 6.78
C LYS C 36 24.53 4.51 7.57
N GLN C 37 24.60 4.78 8.88
CA GLN C 37 23.39 4.79 9.69
C GLN C 37 22.45 5.91 9.25
N ILE C 38 23.00 7.09 8.96
CA ILE C 38 22.16 8.19 8.49
C ILE C 38 21.49 7.83 7.17
N GLU C 39 22.24 7.22 6.24
CA GLU C 39 21.64 6.79 4.99
C GLU C 39 20.51 5.80 5.24
N THR C 40 20.67 4.92 6.24
CA THR C 40 19.64 3.95 6.54
C THR C 40 18.39 4.61 7.10
N ILE C 41 18.56 5.56 8.04
CA ILE C 41 17.41 6.27 8.58
C ILE C 41 16.63 6.94 7.45
N ILE C 42 17.34 7.62 6.55
CA ILE C 42 16.68 8.35 5.47
C ILE C 42 16.03 7.38 4.50
N GLN C 43 16.69 6.27 4.21
CA GLN C 43 16.07 5.24 3.36
C GLN C 43 14.76 4.77 3.95
N ARG C 44 14.73 4.54 5.26
CA ARG C 44 13.52 4.00 5.88
C ARG C 44 12.45 5.09 6.05
N TYR C 45 12.86 6.28 6.47
CA TYR C 45 11.93 7.29 6.96
C TYR C 45 11.97 8.60 6.18
N ALA C 46 12.82 8.70 5.16
CA ALA C 46 12.87 9.86 4.27
C ALA C 46 13.56 11.05 4.93
N SER C 47 13.94 12.04 4.10
CA SER C 47 14.60 13.27 4.49
C SER C 47 13.69 14.46 4.23
N PRO C 48 13.69 15.48 5.12
CA PRO C 48 14.39 15.58 6.41
C PRO C 48 13.76 14.66 7.45
N CYS C 49 14.50 14.35 8.52
CA CYS C 49 14.04 13.44 9.55
C CYS C 49 14.49 13.93 10.92
N PHE C 50 13.54 14.04 11.85
CA PHE C 50 13.89 14.30 13.25
C PHE C 50 14.33 13.00 13.91
N ILE C 51 15.37 13.08 14.74
CA ILE C 51 15.82 11.92 15.50
C ILE C 51 16.00 12.32 16.96
N ILE C 52 15.53 11.44 17.86
CA ILE C 52 15.53 11.66 19.29
C ILE C 52 16.29 10.51 19.94
N ASP C 53 17.24 10.83 20.82
CA ASP C 53 18.03 9.81 21.51
C ASP C 53 17.42 9.59 22.89
N GLU C 54 16.87 8.39 23.12
CA GLU C 54 16.18 8.12 24.38
C GLU C 54 17.14 8.16 25.56
N ASN C 55 18.32 7.55 25.42
CA ASN C 55 19.23 7.47 26.55
C ASN C 55 19.61 8.87 27.04
N ALA C 56 20.08 9.73 26.15
CA ALA C 56 20.47 11.07 26.54
C ALA C 56 19.29 11.83 27.15
N LEU C 57 18.11 11.68 26.57
CA LEU C 57 16.94 12.42 27.02
C LEU C 57 16.54 12.01 28.43
N LEU C 58 16.51 10.71 28.71
CA LEU C 58 16.06 10.26 30.02
C LEU C 58 17.14 10.36 31.07
N GLU C 59 18.41 10.32 30.66
CA GLU C 59 19.48 10.67 31.59
C GLU C 59 19.29 12.09 32.11
N ARG C 60 19.08 13.04 31.20
CA ARG C 60 18.85 14.42 31.61
C ARG C 60 17.64 14.53 32.54
N ALA C 61 16.56 13.80 32.22
CA ALA C 61 15.36 13.84 33.06
C ALA C 61 15.67 13.37 34.47
N ARG C 62 16.35 12.23 34.60
CA ARG C 62 16.63 11.67 35.92
C ARG C 62 17.59 12.56 36.70
N LEU C 63 18.60 13.10 36.03
CA LEU C 63 19.55 13.97 36.74
C LEU C 63 18.87 15.24 37.23
N PHE C 64 17.88 15.76 36.51
CA PHE C 64 17.16 16.93 37.01
C PHE C 64 16.41 16.59 38.29
N GLN C 65 15.75 15.44 38.34
CA GLN C 65 15.04 15.04 39.55
C GLN C 65 16.01 14.91 40.72
N GLN C 66 17.19 14.33 40.49
CA GLN C 66 18.18 14.21 41.55
C GLN C 66 18.61 15.59 42.03
N ALA C 67 18.79 16.53 41.10
CA ALA C 67 19.27 17.87 41.48
C ALA C 67 18.29 18.54 42.44
N ILE C 68 17.00 18.55 42.10
CA ILE C 68 16.05 19.28 42.94
C ILE C 68 15.80 18.53 44.24
N LEU C 69 15.69 17.20 44.17
CA LEU C 69 15.41 16.44 45.39
C LEU C 69 16.57 16.54 46.38
N ASN C 70 17.79 16.68 45.88
CA ASN C 70 18.94 16.86 46.78
C ASN C 70 18.88 18.19 47.51
N GLN C 71 18.21 19.19 46.93
CA GLN C 71 18.11 20.50 47.55
C GLN C 71 16.87 20.66 48.42
N TYR C 72 15.77 19.99 48.07
CA TYR C 72 14.53 20.07 48.83
C TYR C 72 13.75 18.80 48.58
N GLN C 73 13.46 18.05 49.66
CA GLN C 73 12.95 16.69 49.47
C GLN C 73 11.51 16.65 48.97
N ASN C 74 10.73 17.71 49.14
CA ASN C 74 9.37 17.72 48.59
C ASN C 74 9.31 18.45 47.25
N SER C 75 10.27 18.15 46.38
CA SER C 75 10.33 18.74 45.05
C SER C 75 9.65 17.82 44.04
N ILE C 76 9.00 18.43 43.06
CA ILE C 76 8.31 17.71 42.01
C ILE C 76 8.76 18.27 40.67
N ALA C 77 9.22 17.39 39.78
CA ALA C 77 9.50 17.76 38.40
C ALA C 77 8.22 17.56 37.59
N ALA C 78 7.81 18.60 36.87
CA ALA C 78 6.65 18.55 36.00
C ALA C 78 7.10 18.55 34.55
N TYR C 79 6.39 17.81 33.71
CA TYR C 79 6.75 17.73 32.30
C TYR C 79 6.02 18.83 31.53
N SER C 80 6.79 19.68 30.85
CA SER C 80 6.21 20.77 30.05
C SER C 80 5.79 20.20 28.70
N VAL C 81 4.50 19.89 28.58
CA VAL C 81 4.00 19.21 27.39
C VAL C 81 4.23 20.05 26.14
N LYS C 82 4.02 21.36 26.24
CA LYS C 82 4.10 22.18 25.04
C LYS C 82 5.48 22.13 24.39
N THR C 83 6.52 21.93 25.20
CA THR C 83 7.88 21.96 24.67
C THR C 83 8.15 20.76 23.77
N GLN C 84 7.58 19.60 24.12
CA GLN C 84 7.82 18.36 23.40
C GLN C 84 6.61 17.48 23.71
N SER C 85 5.63 17.47 22.81
CA SER C 85 4.30 16.96 23.10
C SER C 85 4.03 15.60 22.47
N LEU C 86 5.05 14.91 21.97
CA LEU C 86 4.84 13.57 21.45
C LEU C 86 4.41 12.64 22.57
N ASN C 87 3.35 11.86 22.33
CA ASN C 87 2.78 11.02 23.37
C ASN C 87 3.83 10.09 23.98
N THR C 88 4.67 9.48 23.13
CA THR C 88 5.63 8.51 23.63
C THR C 88 6.62 9.17 24.58
N ILE C 89 7.03 10.40 24.28
CA ILE C 89 7.97 11.11 25.16
C ILE C 89 7.31 11.46 26.49
N ILE C 90 6.06 11.94 26.43
CA ILE C 90 5.34 12.25 27.67
C ILE C 90 5.27 11.01 28.54
N GLN C 91 4.92 9.87 27.95
CA GLN C 91 4.82 8.63 28.71
C GLN C 91 6.14 8.33 29.42
N LYS C 92 7.26 8.51 28.73
CA LYS C 92 8.55 8.10 29.28
C LYS C 92 8.98 9.01 30.43
N PHE C 93 8.69 10.31 30.33
CA PHE C 93 8.96 11.19 31.46
C PHE C 93 8.04 10.88 32.63
N TYR C 94 6.76 10.59 32.35
CA TYR C 94 5.84 10.16 33.39
C TYR C 94 6.37 8.91 34.09
N GLU C 95 6.99 8.01 33.33
CA GLU C 95 7.46 6.75 33.90
C GLU C 95 8.56 6.97 34.93
N VAL C 96 9.34 8.05 34.80
CA VAL C 96 10.40 8.31 35.76
C VAL C 96 9.96 9.27 36.86
N GLY C 97 8.71 9.69 36.87
CA GLY C 97 8.15 10.43 37.98
C GLY C 97 7.74 11.86 37.70
N PHE C 98 7.78 12.30 36.45
CA PHE C 98 7.34 13.66 36.12
C PHE C 98 5.82 13.73 36.11
N ILE C 99 5.29 14.86 36.56
CA ILE C 99 3.83 15.11 36.52
C ILE C 99 3.53 15.99 35.35
N PRO C 100 2.60 15.58 34.45
CA PRO C 100 2.32 16.39 33.26
C PRO C 100 1.86 17.80 33.63
N GLU C 101 2.35 18.79 32.88
CA GLU C 101 1.98 20.18 33.04
C GLU C 101 1.49 20.68 31.68
N VAL C 102 0.26 21.21 31.64
CA VAL C 102 -0.38 21.61 30.41
C VAL C 102 -0.76 23.08 30.48
N VAL C 103 -0.82 23.73 29.32
CA VAL C 103 -1.13 25.15 29.23
C VAL C 103 -2.36 25.41 28.35
N SER C 104 -3.16 24.39 28.11
CA SER C 104 -4.35 24.54 27.27
C SER C 104 -5.31 23.41 27.59
N SER C 105 -6.56 23.56 27.11
CA SER C 105 -7.54 22.51 27.28
C SER C 105 -7.22 21.31 26.39
N ASP C 106 -6.74 21.56 25.18
CA ASP C 106 -6.34 20.46 24.30
C ASP C 106 -5.22 19.64 24.93
N GLU C 107 -4.19 20.31 25.45
CA GLU C 107 -3.13 19.60 26.13
C GLU C 107 -3.66 18.84 27.33
N PHE C 108 -4.56 19.46 28.09
CA PHE C 108 -5.21 18.76 29.20
C PHE C 108 -5.88 17.48 28.72
N GLU C 109 -6.64 17.57 27.62
CA GLU C 109 -7.31 16.38 27.13
C GLU C 109 -6.33 15.38 26.51
N GLN C 110 -5.23 15.86 25.93
CA GLN C 110 -4.20 14.93 25.46
C GLN C 110 -3.74 14.02 26.58
N ILE C 111 -3.48 14.60 27.76
CA ILE C 111 -3.01 13.80 28.88
C ILE C 111 -4.08 12.82 29.34
N GLN C 112 -5.35 13.25 29.36
CA GLN C 112 -6.40 12.34 29.76
C GLN C 112 -6.46 11.11 28.85
N LYS C 113 -6.34 11.33 27.54
CA LYS C 113 -6.39 10.21 26.60
C LYS C 113 -5.26 9.22 26.84
N LEU C 114 -4.15 9.68 27.41
CA LEU C 114 -3.06 8.76 27.75
C LEU C 114 -3.47 7.79 28.85
N GLN C 115 -4.60 8.01 29.52
CA GLN C 115 -5.13 7.09 30.51
C GLN C 115 -4.07 6.69 31.53
N LEU C 116 -3.37 7.70 32.05
CA LEU C 116 -2.31 7.45 33.01
C LEU C 116 -2.89 7.02 34.35
N CYS C 117 -2.22 6.08 35.01
CA CYS C 117 -2.69 5.60 36.31
C CYS C 117 -2.80 6.74 37.31
N ASP C 118 -1.73 7.51 37.46
CA ASP C 118 -1.70 8.67 38.34
C ASP C 118 -2.20 9.88 37.55
N LYS C 119 -3.42 10.33 37.86
CA LYS C 119 -4.03 11.43 37.15
C LYS C 119 -3.62 12.80 37.69
N SER C 120 -2.56 12.86 38.50
CA SER C 120 -2.01 14.15 38.90
C SER C 120 -1.63 14.97 37.68
N ILE C 121 -1.94 16.26 37.71
CA ILE C 121 -1.70 17.13 36.57
C ILE C 121 -1.69 18.58 37.03
N ILE C 122 -0.86 19.39 36.38
CA ILE C 122 -0.78 20.82 36.62
C ILE C 122 -1.39 21.52 35.40
N PHE C 123 -2.39 22.37 35.65
CA PHE C 123 -3.14 23.05 34.60
C PHE C 123 -2.81 24.54 34.67
N ASN C 124 -1.98 25.00 33.74
CA ASN C 124 -1.66 26.41 33.57
C ASN C 124 -2.37 26.94 32.32
N GLY C 125 -2.08 28.18 31.97
CA GLY C 125 -2.54 28.73 30.71
C GLY C 125 -3.57 29.83 30.88
N PRO C 126 -3.62 30.76 29.92
CA PRO C 126 -4.56 31.89 30.03
C PRO C 126 -5.98 31.55 29.58
N TYR C 127 -6.21 30.37 29.02
CA TYR C 127 -7.52 30.01 28.48
C TYR C 127 -7.81 28.57 28.84
N LYS C 128 -8.70 28.36 29.81
CA LYS C 128 -9.15 27.04 30.22
C LYS C 128 -10.66 26.99 30.02
N ASN C 129 -11.11 26.21 29.03
CA ASN C 129 -12.53 26.17 28.75
C ASN C 129 -13.28 25.46 29.88
N ASP C 130 -14.61 25.57 29.85
CA ASP C 130 -15.43 25.05 30.93
C ASP C 130 -15.26 23.54 31.10
N ALA C 131 -15.37 22.79 30.00
CA ALA C 131 -15.24 21.34 30.08
C ALA C 131 -13.93 20.94 30.74
N SER C 132 -12.83 21.57 30.31
CA SER C 132 -11.54 21.26 30.92
C SER C 132 -11.55 21.51 32.42
N LEU C 133 -12.13 22.63 32.86
CA LEU C 133 -12.08 22.95 34.27
C LEU C 133 -12.96 22.00 35.10
N ILE C 134 -14.05 21.49 34.53
CA ILE C 134 -14.85 20.49 35.23
C ILE C 134 -13.99 19.27 35.52
N LYS C 135 -13.46 18.63 34.46
CA LYS C 135 -12.65 17.44 34.66
C LYS C 135 -11.48 17.71 35.60
N ALA C 136 -10.83 18.87 35.44
CA ALA C 136 -9.69 19.20 36.29
C ALA C 136 -10.09 19.20 37.76
N LEU C 137 -11.23 19.82 38.08
CA LEU C 137 -11.69 19.86 39.46
C LEU C 137 -11.99 18.45 39.97
N GLN C 138 -12.58 17.62 39.11
CA GLN C 138 -12.93 16.26 39.54
C GLN C 138 -11.69 15.45 39.86
N LEU C 139 -10.57 15.71 39.18
CA LEU C 139 -9.32 15.01 39.42
C LEU C 139 -8.42 15.73 40.42
N ASN C 140 -8.91 16.82 41.03
CA ASN C 140 -8.15 17.63 41.99
C ASN C 140 -6.79 18.03 41.44
N ALA C 141 -6.77 18.43 40.17
CA ALA C 141 -5.58 18.98 39.56
C ALA C 141 -5.14 20.23 40.30
N ILE C 143 -4.51 23.92 39.63
CA ILE C 143 -4.90 24.91 38.64
C ILE C 143 -4.32 26.25 39.06
N ASN C 144 -3.49 26.84 38.20
CA ASN C 144 -2.88 28.14 38.45
C ASN C 144 -3.52 29.16 37.51
N CYS C 145 -4.13 30.18 38.09
CA CYS C 145 -4.85 31.20 37.34
C CYS C 145 -4.00 32.45 37.20
N ASP C 146 -4.06 33.08 36.02
CA ASP C 146 -3.29 34.29 35.75
C ASP C 146 -4.16 35.52 35.51
N HIS C 147 -5.49 35.37 35.50
CA HIS C 147 -6.39 36.51 35.38
C HIS C 147 -7.63 36.23 36.23
N PHE C 148 -8.38 37.29 36.50
CA PHE C 148 -9.39 37.25 37.55
C PHE C 148 -10.67 36.53 37.10
N ASP C 149 -11.17 36.90 35.93
CA ASP C 149 -12.36 36.29 35.33
C ASP C 149 -12.33 34.77 35.40
N GLU C 150 -11.13 34.17 35.40
CA GLU C 150 -11.05 32.71 35.48
C GLU C 150 -11.36 32.20 36.88
N ILE C 151 -10.90 32.92 37.89
CA ILE C 151 -11.21 32.56 39.27
C ILE C 151 -12.71 32.54 39.47
N LEU C 152 -13.43 33.50 38.87
CA LEU C 152 -14.87 33.54 39.02
C LEU C 152 -15.54 32.36 38.33
N ARG C 153 -15.09 32.04 37.11
CA ARG C 153 -15.67 30.90 36.39
C ARG C 153 -15.45 29.60 37.16
N ILE C 154 -14.33 29.47 37.86
CA ILE C 154 -14.08 28.25 38.62
C ILE C 154 -15.00 28.20 39.83
N ALA C 155 -15.28 29.36 40.45
CA ALA C 155 -16.18 29.39 41.59
C ALA C 155 -17.57 28.92 41.21
N LYS C 156 -18.13 29.47 40.12
CA LYS C 156 -19.45 29.04 39.68
C LYS C 156 -19.47 27.54 39.39
N ILE C 157 -18.41 27.01 38.78
CA ILE C 157 -18.29 25.57 38.61
C ILE C 157 -18.19 24.89 39.96
N ALA C 158 -17.47 25.53 40.89
CA ALA C 158 -17.27 24.94 42.22
C ALA C 158 -18.53 25.01 43.09
N LYS C 159 -19.63 25.59 42.61
CA LYS C 159 -20.90 25.50 43.31
C LYS C 159 -21.82 24.49 42.62
N LYS C 160 -22.06 24.64 41.32
CA LYS C 160 -22.73 23.60 40.55
C LYS C 160 -22.18 22.22 40.92
N LEU C 161 -20.87 22.10 40.87
CA LEU C 161 -20.17 20.92 41.39
C LEU C 161 -19.98 21.15 42.88
N ASN C 162 -20.84 20.55 43.70
CA ASN C 162 -20.83 20.90 45.11
C ASN C 162 -19.51 20.48 45.77
N ILE C 163 -18.51 21.34 45.67
CA ILE C 163 -17.18 21.08 46.21
C ILE C 163 -16.45 22.41 46.22
N THR C 164 -15.47 22.53 47.12
CA THR C 164 -14.57 23.69 47.13
C THR C 164 -13.38 23.39 46.22
N ALA C 165 -12.91 24.43 45.53
CA ALA C 165 -11.84 24.28 44.55
C ALA C 165 -10.59 24.99 45.04
N LYS C 166 -9.49 24.26 45.15
CA LYS C 166 -8.19 24.86 45.39
C LYS C 166 -7.63 25.43 44.10
N ILE C 167 -6.93 26.55 44.21
CA ILE C 167 -6.32 27.19 43.05
C ILE C 167 -4.98 27.78 43.44
N GLY C 168 -4.15 28.01 42.43
CA GLY C 168 -2.94 28.78 42.58
C GLY C 168 -3.03 30.04 41.76
N LEU C 169 -2.20 31.04 42.08
CA LEU C 169 -2.18 32.30 41.36
C LEU C 169 -0.84 32.45 40.66
N ARG C 170 -0.89 32.70 39.35
CA ARG C 170 0.33 33.04 38.63
C ARG C 170 0.72 34.47 38.98
N ILE C 171 1.97 34.64 39.42
CA ILE C 171 2.50 35.93 39.84
C ILE C 171 3.47 36.42 38.78
N ALA C 172 3.46 37.73 38.52
CA ALA C 172 4.43 38.37 37.64
C ALA C 172 5.47 39.08 38.51
N ASP C 173 6.74 38.72 38.32
CA ASP C 173 7.83 39.27 39.13
C ASP C 173 8.21 40.67 38.64
N ASN C 174 7.25 41.58 38.73
CA ASN C 174 7.42 42.92 38.18
C ASN C 174 8.27 43.84 39.05
N LYS C 175 8.72 43.37 40.22
CA LYS C 175 9.75 44.08 40.95
C LYS C 175 11.13 43.88 40.34
N THR C 176 11.29 42.84 39.50
CA THR C 176 12.54 42.59 38.80
C THR C 176 12.39 43.08 37.37
N PRO C 177 13.15 44.11 36.95
CA PRO C 177 12.97 44.63 35.58
C PRO C 177 13.02 43.55 34.49
N GLN C 178 14.03 42.68 34.53
CA GLN C 178 14.17 41.69 33.47
C GLN C 178 13.05 40.66 33.47
N ASN C 179 12.24 40.57 34.52
CA ASN C 179 11.15 39.61 34.60
C ASN C 179 9.78 40.25 34.45
N TRP C 180 9.71 41.56 34.22
CA TRP C 180 8.41 42.22 34.12
C TRP C 180 7.56 41.58 33.03
N SER C 181 6.28 41.38 33.34
CA SER C 181 5.39 40.72 32.39
C SER C 181 3.95 41.09 32.66
N ARG C 182 3.16 41.20 31.59
CA ARG C 182 1.72 41.38 31.71
C ARG C 182 1.00 40.09 32.08
N PHE C 183 1.69 38.97 32.14
CA PHE C 183 1.08 37.66 32.37
C PHE C 183 1.20 37.32 33.85
N GLY C 184 0.08 37.30 34.54
CA GLY C 184 0.03 37.02 35.96
C GLY C 184 -0.28 38.28 36.77
N PHE C 185 -0.76 38.05 37.98
CA PHE C 185 -1.03 39.14 38.91
C PHE C 185 0.27 39.80 39.34
N ALA C 186 0.37 41.11 39.15
CA ALA C 186 1.63 41.80 39.34
C ALA C 186 2.03 41.84 40.80
N LEU C 187 3.31 41.58 41.07
CA LEU C 187 3.92 41.73 42.38
C LEU C 187 4.84 42.94 42.29
N THR C 188 4.31 44.11 42.61
CA THR C 188 5.04 45.37 42.46
C THR C 188 5.20 46.07 43.80
N PHE C 197 -1.95 41.96 45.71
CA PHE C 197 -2.43 41.74 47.06
C PHE C 197 -3.93 41.99 47.17
N THR C 198 -4.37 43.11 46.60
CA THR C 198 -5.80 43.41 46.53
C THR C 198 -6.57 42.25 45.92
N THR C 199 -5.89 41.45 45.10
CA THR C 199 -6.54 40.30 44.47
C THR C 199 -6.82 39.20 45.48
N ILE C 200 -5.94 39.03 46.47
CA ILE C 200 -6.15 37.93 47.42
C ILE C 200 -7.20 38.28 48.45
N ASP C 201 -7.34 39.56 48.81
CA ASP C 201 -8.44 39.96 49.67
C ASP C 201 -9.78 39.54 49.08
N LYS C 202 -9.96 39.76 47.77
CA LYS C 202 -11.22 39.36 47.14
C LYS C 202 -11.39 37.85 47.18
N ILE C 203 -10.32 37.10 46.93
CA ILE C 203 -10.42 35.64 46.80
C ILE C 203 -11.04 35.03 48.04
N GLN C 204 -10.63 35.50 49.22
CA GLN C 204 -11.04 34.81 50.43
C GLN C 204 -12.51 35.11 50.80
N GLN C 205 -13.02 36.27 50.42
CA GLN C 205 -14.46 36.47 50.52
C GLN C 205 -15.22 35.68 49.47
N ILE C 206 -14.56 35.33 48.36
CA ILE C 206 -15.19 34.45 47.38
C ILE C 206 -15.41 33.09 48.03
N ALA C 207 -16.63 32.57 47.90
CA ALA C 207 -16.95 31.23 48.38
C ALA C 207 -16.59 30.18 47.33
N ASN C 208 -16.36 28.96 47.80
CA ASN C 208 -16.04 27.78 47.01
C ASN C 208 -14.66 27.85 46.37
N ILE C 209 -13.85 28.86 46.70
CA ILE C 209 -12.50 28.99 46.16
C ILE C 209 -11.54 29.18 47.33
N GLN C 210 -10.46 28.40 47.36
CA GLN C 210 -9.46 28.46 48.43
C GLN C 210 -8.07 28.54 47.81
N LEU C 211 -7.36 29.62 48.12
CA LEU C 211 -6.01 29.77 47.61
C LEU C 211 -5.09 28.68 48.17
N ALA C 212 -4.36 28.01 47.29
CA ALA C 212 -3.54 26.87 47.67
C ALA C 212 -2.11 26.94 47.17
N GLY C 213 -1.78 27.80 46.22
CA GLY C 213 -0.42 27.82 45.70
C GLY C 213 -0.11 29.07 44.92
N LEU C 214 1.16 29.16 44.51
CA LEU C 214 1.66 30.24 43.68
C LEU C 214 2.39 29.65 42.49
N HIS C 215 2.39 30.40 41.39
CA HIS C 215 3.01 29.99 40.14
C HIS C 215 3.73 31.19 39.57
N CYS C 216 4.95 31.00 39.06
CA CYS C 216 5.66 32.11 38.43
C CYS C 216 6.63 31.58 37.39
N HIS C 217 6.48 32.08 36.17
CA HIS C 217 7.27 31.66 35.02
C HIS C 217 7.77 32.94 34.36
N ILE C 218 9.09 33.16 34.40
CA ILE C 218 9.62 34.50 34.15
C ILE C 218 10.20 34.70 32.76
N GLY C 219 10.26 33.66 31.93
CA GLY C 219 10.75 33.84 30.58
C GLY C 219 11.23 32.53 30.00
N THR C 220 12.06 32.64 28.97
CA THR C 220 12.60 31.47 28.28
C THR C 220 14.04 31.74 27.86
N ASN C 221 14.81 30.65 27.79
CA ASN C 221 16.23 30.67 27.46
C ASN C 221 17.00 31.62 28.38
N ILE C 222 16.80 31.46 29.68
CA ILE C 222 17.43 32.33 30.67
C ILE C 222 18.76 31.71 31.07
N ARG C 223 19.86 32.40 30.74
CA ARG C 223 21.19 32.00 31.17
C ARG C 223 21.69 32.79 32.37
N ASP C 224 21.17 34.00 32.58
CA ASP C 224 21.52 34.83 33.72
C ASP C 224 20.62 34.38 34.87
N ILE C 225 21.04 33.35 35.59
CA ILE C 225 20.23 32.81 36.67
C ILE C 225 20.13 33.74 37.88
N SER C 226 20.79 34.90 37.84
CA SER C 226 20.47 35.97 38.77
C SER C 226 18.98 36.27 38.75
N ARG C 227 18.35 36.15 37.58
CA ARG C 227 16.93 36.43 37.48
C ARG C 227 16.10 35.42 38.26
N PHE C 228 16.56 34.17 38.32
CA PHE C 228 15.88 33.17 39.13
C PHE C 228 16.04 33.47 40.61
N THR C 229 17.24 33.89 41.04
CA THR C 229 17.43 34.31 42.41
C THR C 229 16.47 35.43 42.77
N ALA C 230 16.41 36.46 41.93
CA ALA C 230 15.54 37.59 42.21
C ALA C 230 14.09 37.15 42.36
N ALA C 232 12.85 34.15 43.02
CA ALA C 232 12.65 33.30 44.19
C ALA C 232 12.61 34.13 45.47
N LYS C 233 13.42 35.19 45.54
CA LYS C 233 13.41 36.03 46.74
C LYS C 233 12.07 36.75 46.90
N ASN C 234 11.53 37.29 45.80
CA ASN C 234 10.26 38.00 45.87
C ASN C 234 9.10 37.04 46.10
N ILE C 235 9.17 35.83 45.53
CA ILE C 235 8.13 34.85 45.78
C ILE C 235 8.17 34.40 47.24
N ALA C 236 9.38 34.30 47.81
CA ALA C 236 9.49 33.93 49.22
C ALA C 236 8.95 35.03 50.12
N GLU C 237 9.29 36.30 49.82
CA GLU C 237 8.72 37.40 50.59
C GLU C 237 7.20 37.40 50.50
N LEU C 238 6.66 37.06 49.33
CA LEU C 238 5.21 37.01 49.18
C LEU C 238 4.60 35.89 50.02
N ALA C 239 5.22 34.71 49.99
CA ALA C 239 4.71 33.59 50.79
C ALA C 239 4.81 33.89 52.28
N GLU C 240 5.79 34.71 52.69
CA GLU C 240 5.89 35.10 54.08
C GLU C 240 4.80 36.09 54.45
N THR C 241 4.56 37.09 53.60
CA THR C 241 3.50 38.05 53.88
C THR C 241 2.14 37.37 53.84
N ILE C 242 1.91 36.49 52.87
CA ILE C 242 0.68 35.71 52.86
C ILE C 242 0.57 34.89 54.14
N LEU C 243 1.70 34.47 54.70
CA LEU C 243 1.67 33.69 55.94
C LEU C 243 1.08 34.49 57.08
N THR C 244 1.46 35.75 57.20
CA THR C 244 0.99 36.54 58.34
C THR C 244 -0.34 37.24 58.04
N LYS C 245 -0.41 38.01 56.95
CA LYS C 245 -1.65 38.75 56.67
C LYS C 245 -2.83 37.83 56.43
N TYR C 246 -2.61 36.51 56.30
CA TYR C 246 -3.74 35.61 56.07
C TYR C 246 -3.68 34.30 56.82
N LYS C 247 -2.65 34.02 57.61
CA LYS C 247 -2.63 32.81 58.41
C LYS C 247 -2.64 31.55 57.55
N LEU C 248 -2.06 31.63 56.36
CA LEU C 248 -2.17 30.59 55.36
C LEU C 248 -0.79 30.09 54.95
N THR C 249 -0.64 28.77 54.91
CA THR C 249 0.56 28.12 54.42
C THR C 249 0.28 27.54 53.04
N LEU C 250 1.11 27.89 52.06
CA LEU C 250 0.86 27.48 50.70
C LEU C 250 1.04 25.97 50.53
N GLU C 251 0.18 25.38 49.71
CA GLU C 251 0.28 23.96 49.43
C GLU C 251 1.34 23.67 48.36
N TRP C 252 1.54 24.59 47.42
CA TRP C 252 2.59 24.42 46.43
C TRP C 252 3.12 25.78 46.00
N ILE C 253 4.40 25.79 45.60
CA ILE C 253 5.03 26.93 44.95
C ILE C 253 5.66 26.41 43.67
N ASP C 254 5.16 26.87 42.52
CA ASP C 254 5.59 26.43 41.20
C ASP C 254 6.47 27.53 40.60
N LEU C 255 7.74 27.22 40.36
CA LEU C 255 8.68 28.21 39.87
C LEU C 255 8.88 28.13 38.36
N GLY C 256 8.00 27.41 37.67
CA GLY C 256 7.98 27.43 36.22
C GLY C 256 9.25 26.86 35.62
N GLY C 257 9.55 27.31 34.41
CA GLY C 257 10.74 26.87 33.71
C GLY C 257 11.63 28.03 33.30
N GLY C 258 12.15 27.98 32.08
CA GLY C 258 12.84 29.11 31.50
C GLY C 258 14.35 28.97 31.37
N LEU C 259 14.95 27.93 31.93
CA LEU C 259 16.40 27.82 31.90
C LEU C 259 16.91 27.63 30.47
N ALA C 260 18.08 28.18 30.21
CA ALA C 260 18.62 28.23 28.86
C ALA C 260 18.96 26.84 28.33
N GLY C 261 18.88 26.69 27.01
CA GLY C 261 19.30 25.50 26.32
C GLY C 261 20.75 25.62 25.86
N ILE C 262 21.12 24.74 24.92
CA ILE C 262 22.52 24.73 24.49
C ILE C 262 22.81 25.66 23.31
N SER C 263 21.79 26.10 22.58
CA SER C 263 22.03 26.85 21.36
C SER C 263 22.18 28.33 21.67
N PRO C 264 23.27 28.97 21.24
CA PRO C 264 23.36 30.43 21.36
C PRO C 264 22.33 31.10 20.48
N THR C 265 21.87 32.28 20.91
CA THR C 265 21.05 33.09 20.03
C THR C 265 21.89 33.63 18.88
N LEU C 266 21.21 34.08 17.83
CA LEU C 266 21.93 34.56 16.65
C LEU C 266 22.73 35.82 16.95
N SER C 267 22.30 36.61 17.93
CA SER C 267 23.08 37.79 18.31
C SER C 267 24.30 37.44 19.15
N ASP C 268 24.30 36.26 19.79
CA ASP C 268 25.40 35.86 20.64
C ASP C 268 26.70 35.81 19.85
N LYS C 269 27.78 36.29 20.47
CA LYS C 269 29.10 36.22 19.84
C LYS C 269 29.63 34.80 19.83
N ARG C 270 29.20 33.97 20.79
CA ARG C 270 29.64 32.59 20.85
C ARG C 270 29.06 31.79 19.70
N LEU C 271 29.94 31.08 18.99
CA LEU C 271 29.52 30.25 17.87
C LEU C 271 29.22 28.82 18.30
N GLN C 272 30.06 28.25 19.15
CA GLN C 272 29.93 26.89 19.62
C GLN C 272 28.76 26.77 20.61
N PRO C 273 28.11 25.62 20.67
CA PRO C 273 27.02 25.45 21.64
C PRO C 273 27.55 25.52 23.07
N TYR C 274 26.69 25.98 23.98
CA TYR C 274 26.99 25.88 25.39
C TYR C 274 26.86 24.43 25.85
N ASN C 275 27.58 24.09 26.93
CA ASN C 275 27.31 22.84 27.62
C ASN C 275 25.90 22.87 28.20
N PRO C 276 25.21 21.72 28.25
CA PRO C 276 23.90 21.69 28.92
C PRO C 276 24.02 22.30 30.31
N PHE C 277 23.08 23.19 30.64
CA PHE C 277 23.22 23.96 31.87
C PHE C 277 23.30 23.04 33.08
N ASP C 278 24.19 23.39 34.02
CA ASP C 278 24.35 22.66 35.26
C ASP C 278 23.07 22.73 36.08
N LEU C 279 22.33 21.62 36.14
CA LEU C 279 21.05 21.63 36.85
C LEU C 279 21.21 21.69 38.35
N GLU C 280 22.34 21.24 38.91
CA GLU C 280 22.58 21.41 40.34
C GLU C 280 22.77 22.88 40.68
N LEU C 281 23.48 23.60 39.83
CA LEU C 281 23.64 25.04 40.04
C LEU C 281 22.30 25.76 39.95
N TYR C 282 21.48 25.41 38.96
CA TYR C 282 20.15 26.00 38.85
C TYR C 282 19.34 25.72 40.11
N ALA C 283 19.28 24.45 40.51
CA ALA C 283 18.44 24.09 41.66
C ALA C 283 18.90 24.78 42.93
N ALA C 284 20.21 24.85 43.16
CA ALA C 284 20.71 25.51 44.37
C ALA C 284 20.43 27.01 44.34
N THR C 285 20.58 27.63 43.17
CA THR C 285 20.41 29.07 43.07
C THR C 285 18.95 29.48 43.31
N ILE C 286 18.02 28.80 42.64
CA ILE C 286 16.63 29.22 42.71
C ILE C 286 15.98 28.80 44.02
N ILE C 287 16.46 27.71 44.63
CA ILE C 287 15.82 27.22 45.85
C ILE C 287 16.32 27.96 47.08
N ALA C 288 17.57 28.44 47.05
CA ALA C 288 18.16 29.04 48.25
C ALA C 288 17.31 30.12 48.88
N PRO C 289 16.75 31.08 48.14
CA PRO C 289 15.96 32.13 48.80
C PRO C 289 14.66 31.62 49.41
N LEU C 290 14.26 30.38 49.11
CA LEU C 290 12.99 29.84 49.58
C LEU C 290 13.13 28.87 50.73
N LYS C 291 14.36 28.48 51.10
CA LYS C 291 14.52 27.46 52.12
C LYS C 291 13.99 27.94 53.47
N GLU C 292 14.15 29.22 53.78
CA GLU C 292 13.65 29.76 55.04
C GLU C 292 12.15 29.49 55.18
N TYR C 293 11.37 29.93 54.19
CA TYR C 293 9.92 29.71 54.26
C TYR C 293 9.60 28.22 54.30
N LEU C 294 10.20 27.45 53.39
CA LEU C 294 9.86 26.03 53.30
C LEU C 294 10.17 25.28 54.60
N ASN C 295 11.18 25.73 55.35
CA ASN C 295 11.49 25.04 56.59
C ASN C 295 10.45 25.33 57.67
N LYS C 296 9.94 26.56 57.73
CA LYS C 296 8.87 26.85 58.68
C LYS C 296 7.66 25.95 58.42
N THR C 297 7.34 25.72 57.13
CA THR C 297 6.22 24.87 56.77
C THR C 297 6.49 23.37 57.04
N ASN C 298 7.59 23.07 57.73
CA ASN C 298 8.04 21.69 57.94
C ASN C 298 8.06 20.90 56.64
N ASP C 299 8.51 21.56 55.57
CA ASP C 299 8.75 20.87 54.30
C ASP C 299 7.48 20.25 53.73
N LYS C 300 6.33 20.87 53.99
CA LYS C 300 5.08 20.37 53.44
C LYS C 300 4.65 21.10 52.17
N THR C 301 5.16 22.31 51.95
CA THR C 301 4.92 23.02 50.70
C THR C 301 5.67 22.29 49.58
N LYS C 302 4.93 21.87 48.56
CA LYS C 302 5.56 21.26 47.40
C LYS C 302 6.26 22.32 46.57
N LEU C 303 7.46 22.00 46.10
CA LEU C 303 8.24 22.86 45.20
C LEU C 303 8.21 22.23 43.81
N ILE C 304 7.61 22.94 42.85
CA ILE C 304 7.35 22.41 41.53
C ILE C 304 8.23 23.13 40.51
N PHE C 305 8.78 22.35 39.57
CA PHE C 305 9.64 22.89 38.51
C PHE C 305 9.10 22.43 37.17
N GLU C 306 9.14 23.33 36.20
CA GLU C 306 8.57 23.10 34.88
C GLU C 306 9.59 23.34 33.78
N LEU C 307 10.81 22.86 33.98
CA LEU C 307 11.84 23.01 32.97
C LEU C 307 11.49 22.19 31.73
N GLY C 308 11.54 22.84 30.57
CA GLY C 308 11.34 22.15 29.32
C GLY C 308 12.57 22.17 28.44
N ARG C 309 12.83 23.32 27.81
CA ARG C 309 13.90 23.42 26.83
C ARG C 309 15.20 22.81 27.34
N SER C 310 15.60 23.18 28.55
CA SER C 310 16.90 22.75 29.06
CA SER C 310 16.89 22.76 29.06
C SER C 310 16.97 21.26 29.28
N LEU C 311 15.84 20.57 29.28
CA LEU C 311 15.85 19.13 29.46
C LEU C 311 15.81 18.38 28.15
N VAL C 312 15.19 18.95 27.11
CA VAL C 312 14.84 18.18 25.92
C VAL C 312 15.51 18.67 24.65
N ASP C 313 16.27 19.78 24.66
CA ASP C 313 16.65 20.37 23.40
C ASP C 313 17.76 19.57 22.71
N TYR C 314 18.81 19.20 23.46
CA TYR C 314 19.99 18.63 22.82
C TYR C 314 19.88 17.14 22.54
N SER C 315 18.79 16.49 22.91
CA SER C 315 18.58 15.10 22.59
C SER C 315 17.87 14.90 21.25
N VAL C 316 17.61 15.98 20.52
CA VAL C 316 16.87 15.92 19.26
C VAL C 316 17.67 16.63 18.18
N ALA C 317 17.77 16.00 17.01
CA ALA C 317 18.45 16.58 15.86
C ALA C 317 17.57 16.42 14.62
N LEU C 318 17.86 17.21 13.61
CA LEU C 318 17.20 17.13 12.32
C LEU C 318 18.23 16.73 11.27
N LEU C 319 17.96 15.63 10.56
CA LEU C 319 18.74 15.24 9.41
C LEU C 319 18.16 15.89 8.17
N THR C 320 19.01 16.52 7.36
CA THR C 320 18.58 17.20 6.15
C THR C 320 19.56 16.88 5.03
N THR C 321 19.05 16.91 3.80
CA THR C 321 19.83 16.58 2.62
C THR C 321 19.98 17.81 1.73
N ILE C 322 21.18 17.99 1.18
CA ILE C 322 21.39 18.97 0.13
C ILE C 322 20.71 18.47 -1.13
N VAL C 323 19.78 19.27 -1.69
CA VAL C 323 19.01 18.84 -2.84
C VAL C 323 19.18 19.77 -4.03
N GLY C 324 20.12 20.71 -3.96
CA GLY C 324 20.35 21.60 -5.08
C GLY C 324 21.44 22.60 -4.75
N THR C 325 21.97 23.20 -5.81
CA THR C 325 23.08 24.15 -5.70
C THR C 325 22.74 25.39 -6.52
N ARG C 326 22.91 26.56 -5.91
CA ARG C 326 22.78 27.83 -6.63
C ARG C 326 24.11 28.45 -6.99
N GLU C 327 25.12 28.30 -6.14
CA GLU C 327 26.46 28.82 -6.41
C GLU C 327 27.48 27.85 -5.82
N GLN C 328 28.62 27.73 -6.52
CA GLN C 328 29.66 26.81 -6.07
C GLN C 328 31.00 27.30 -6.64
N ASN C 329 31.77 28.02 -5.83
CA ASN C 329 33.11 28.44 -6.20
C ASN C 329 34.05 28.24 -5.02
N GLU C 330 35.33 28.50 -5.27
CA GLU C 330 36.37 28.22 -4.29
C GLU C 330 36.04 28.80 -2.91
N ASP C 331 35.46 29.99 -2.88
CA ASP C 331 35.32 30.73 -1.64
C ASP C 331 33.89 30.88 -1.16
N PHE C 332 32.92 30.23 -1.81
CA PHE C 332 31.53 30.41 -1.42
C PHE C 332 30.67 29.36 -2.11
N GLN C 333 29.64 28.92 -1.40
CA GLN C 333 28.65 28.02 -1.96
C GLN C 333 27.28 28.37 -1.41
N SER C 334 26.27 28.37 -2.28
CA SER C 334 24.88 28.59 -1.92
C SER C 334 24.12 27.31 -2.24
N LEU C 335 23.58 26.66 -1.22
CA LEU C 335 22.98 25.35 -1.35
C LEU C 335 21.51 25.37 -0.96
N ILE C 336 20.76 24.43 -1.54
CA ILE C 336 19.36 24.21 -1.21
C ILE C 336 19.27 22.94 -0.37
N THR C 337 18.66 23.04 0.80
CA THR C 337 18.39 21.89 1.65
C THR C 337 16.91 21.52 1.55
N ASP C 338 16.60 20.29 1.98
CA ASP C 338 15.21 19.86 1.99
C ASP C 338 14.51 20.17 3.32
N ALA C 339 15.16 20.95 4.20
CA ALA C 339 14.56 21.43 5.42
C ALA C 339 14.80 22.94 5.54
N GLY C 340 13.78 23.66 6.02
CA GLY C 340 13.89 25.09 6.20
C GLY C 340 13.21 25.58 7.46
N ILE C 341 12.82 26.86 7.46
CA ILE C 341 12.29 27.47 8.67
C ILE C 341 10.91 26.95 9.03
N HIS C 342 10.24 26.27 8.10
CA HIS C 342 8.96 25.64 8.42
C HIS C 342 9.14 24.27 9.04
N THR C 343 10.35 23.71 9.00
CA THR C 343 10.65 22.46 9.70
C THR C 343 11.27 22.71 11.06
N ILE C 344 12.21 23.64 11.17
CA ILE C 344 12.78 24.02 12.45
C ILE C 344 12.63 25.53 12.59
N PRO C 345 11.43 26.04 12.92
CA PRO C 345 11.24 27.49 12.98
C PRO C 345 12.16 28.21 13.95
N THR C 346 12.68 27.55 14.99
CA THR C 346 13.54 28.25 15.93
C THR C 346 14.92 28.56 15.37
N ILE C 347 15.25 28.03 14.18
CA ILE C 347 16.51 28.38 13.52
C ILE C 347 16.58 29.86 13.21
N SER C 348 15.42 30.54 13.13
CA SER C 348 15.42 31.98 12.94
CA SER C 348 15.41 31.98 12.94
C SER C 348 15.82 32.74 14.18
N THR C 349 15.90 32.08 15.34
CA THR C 349 16.27 32.71 16.59
C THR C 349 17.58 32.20 17.16
N TYR C 350 17.90 30.93 16.97
CA TYR C 350 19.05 30.31 17.60
C TYR C 350 20.03 29.80 16.55
N ARG C 351 21.31 29.83 16.91
CA ARG C 351 22.37 29.21 16.11
C ARG C 351 22.49 27.74 16.51
N HIS C 352 21.52 26.95 16.06
CA HIS C 352 21.56 25.53 16.29
C HIS C 352 22.80 24.95 15.61
N PRO C 353 23.59 24.12 16.29
CA PRO C 353 24.80 23.57 15.65
C PRO C 353 24.45 22.80 14.38
N ILE C 354 25.25 23.00 13.35
CA ILE C 354 25.09 22.30 12.08
C ILE C 354 26.37 21.50 11.83
N TYR C 355 26.21 20.19 11.65
CA TYR C 355 27.34 19.29 11.46
C TYR C 355 27.24 18.62 10.09
N HIS C 356 28.41 18.35 9.51
CA HIS C 356 28.53 17.67 8.23
C HIS C 356 29.18 16.32 8.44
N LEU C 357 29.26 15.54 7.34
CA LEU C 357 29.79 14.19 7.41
C LEU C 357 31.01 14.01 6.51
N LYS C 358 31.64 15.10 6.09
CA LYS C 358 32.70 15.02 5.09
C LYS C 358 34.07 14.92 5.74
N THR C 359 34.96 14.21 5.06
CA THR C 359 36.39 14.16 5.39
C THR C 359 37.06 15.24 4.54
N ASP C 360 37.09 16.47 5.04
CA ASP C 360 37.55 17.59 4.22
C ASP C 360 37.91 18.76 5.12
N SER C 361 39.14 19.26 4.96
CA SER C 361 39.66 20.30 5.84
C SER C 361 39.29 21.71 5.38
N TYR C 362 39.09 21.92 4.08
CA TYR C 362 38.89 23.26 3.56
C TYR C 362 37.42 23.63 3.64
N HIS C 363 37.11 24.64 4.45
CA HIS C 363 35.76 25.15 4.63
C HIS C 363 35.61 26.48 3.90
N LYS C 364 34.39 26.76 3.45
CA LYS C 364 34.10 28.02 2.77
C LYS C 364 32.79 28.58 3.30
N LYS C 365 32.66 29.90 3.22
CA LYS C 365 31.40 30.55 3.56
C LYS C 365 30.26 29.86 2.82
N THR C 366 29.21 29.51 3.55
CA THR C 366 28.12 28.69 3.01
C THR C 366 26.77 29.32 3.36
N LEU C 367 25.92 29.41 2.36
CA LEU C 367 24.53 29.87 2.52
C LEU C 367 23.63 28.66 2.36
N LEU C 368 22.88 28.34 3.41
CA LEU C 368 21.97 27.19 3.42
C LEU C 368 20.55 27.70 3.27
N LEU C 369 19.98 27.48 2.09
CA LEU C 369 18.63 27.91 1.78
C LEU C 369 17.65 26.76 1.95
N GLY C 370 16.45 27.08 2.43
CA GLY C 370 15.40 26.10 2.55
C GLY C 370 14.73 25.82 1.22
N PRO C 371 13.86 24.79 1.20
CA PRO C 371 13.21 24.39 -0.05
C PRO C 371 12.02 25.26 -0.42
N SER C 372 12.20 26.57 -0.25
CA SER C 372 11.19 27.55 -0.59
C SER C 372 11.95 28.73 -1.17
N CYS C 373 11.41 29.38 -2.20
CA CYS C 373 12.02 30.62 -2.70
C CYS C 373 11.49 31.83 -1.95
N GLN C 375 12.24 34.69 0.91
CA GLN C 375 13.52 35.32 1.18
C GLN C 375 14.00 35.08 2.62
N HIS C 376 13.10 34.73 3.53
CA HIS C 376 13.47 34.48 4.92
C HIS C 376 13.71 33.00 5.22
N ASP C 377 13.57 32.11 4.24
CA ASP C 377 13.72 30.67 4.47
C ASP C 377 15.17 30.27 4.23
N PHE C 378 15.99 30.44 5.26
CA PHE C 378 17.37 29.97 5.24
C PHE C 378 17.73 29.44 6.62
N LEU C 379 18.56 28.40 6.63
CA LEU C 379 19.01 27.82 7.88
C LEU C 379 20.18 28.60 8.47
N HIS C 380 21.00 29.22 7.62
CA HIS C 380 22.13 30.01 8.08
C HIS C 380 22.75 30.68 6.86
N ASP C 381 23.16 31.93 7.02
CA ASP C 381 23.74 32.71 5.94
C ASP C 381 25.24 32.96 6.10
N ASP C 382 25.85 32.55 7.24
CA ASP C 382 27.28 32.78 7.45
C ASP C 382 27.82 31.64 8.31
N ILE C 383 27.99 30.49 7.69
CA ILE C 383 28.59 29.31 8.32
C ILE C 383 29.66 28.77 7.39
N PHE C 384 30.71 28.21 7.98
CA PHE C 384 31.83 27.68 7.22
C PHE C 384 31.75 26.16 7.20
N LEU C 385 31.57 25.61 6.01
CA LEU C 385 31.43 24.18 5.79
C LEU C 385 32.28 23.77 4.60
N PRO C 386 32.66 22.50 4.52
CA PRO C 386 33.34 22.02 3.32
C PRO C 386 32.38 22.00 2.13
N LYS C 387 32.96 21.83 0.94
CA LYS C 387 32.14 21.79 -0.26
C LYS C 387 31.14 20.65 -0.18
N LEU C 388 29.87 20.97 -0.42
CA LEU C 388 28.79 20.00 -0.37
C LEU C 388 28.12 19.93 -1.73
N GLU C 389 27.52 18.78 -2.02
CA GLU C 389 26.87 18.54 -3.30
C GLU C 389 25.53 17.87 -3.05
N TYR C 390 24.72 17.80 -4.11
CA TYR C 390 23.48 17.04 -4.09
C TYR C 390 23.69 15.69 -3.44
N GLY C 391 22.92 15.39 -2.41
CA GLY C 391 22.96 14.13 -1.73
C GLY C 391 23.74 14.13 -0.42
N ASP C 392 24.59 15.13 -0.19
CA ASP C 392 25.26 15.24 1.09
C ASP C 392 24.24 15.52 2.17
N LYS C 393 24.55 15.10 3.39
CA LYS C 393 23.66 15.24 4.52
C LYS C 393 24.27 16.19 5.56
N LEU C 394 23.38 16.86 6.28
CA LEU C 394 23.76 17.66 7.44
C LEU C 394 22.92 17.21 8.63
N LEU C 395 23.47 17.39 9.82
CA LEU C 395 22.76 17.17 11.07
C LEU C 395 22.65 18.50 11.79
N ILE C 396 21.42 18.90 12.11
CA ILE C 396 21.14 20.14 12.83
C ILE C 396 20.74 19.74 14.24
N ASP C 397 21.57 20.11 15.22
CA ASP C 397 21.45 19.63 16.59
C ASP C 397 20.72 20.63 17.47
N GLY C 398 20.19 20.13 18.58
CA GLY C 398 19.60 20.98 19.60
C GLY C 398 18.25 21.55 19.24
N VAL C 399 17.46 20.84 18.45
CA VAL C 399 16.20 21.34 17.95
C VAL C 399 15.02 20.69 18.67
N GLY C 400 15.24 20.14 19.86
CA GLY C 400 14.22 19.38 20.54
C GLY C 400 13.11 20.19 21.17
N ALA C 401 13.23 21.52 21.20
CA ALA C 401 12.27 22.37 21.87
C ALA C 401 11.60 23.29 20.86
N TYR C 402 10.28 23.19 20.77
CA TYR C 402 9.43 24.17 20.08
C TYR C 402 9.59 24.15 18.57
N ASN C 403 9.87 22.98 18.01
CA ASN C 403 9.91 22.81 16.56
C ASN C 403 8.93 21.75 16.08
N ILE C 404 9.06 20.52 16.58
CA ILE C 404 8.35 19.38 15.99
C ILE C 404 6.85 19.65 15.93
N SER C 405 6.27 20.10 17.03
CA SER C 405 4.81 20.27 17.07
C SER C 405 4.34 21.51 16.33
N ARG C 406 5.26 22.37 15.89
CA ARG C 406 4.91 23.52 15.07
C ARG C 406 5.03 23.24 13.58
N ASN C 407 5.51 22.05 13.21
CA ASN C 407 5.46 21.62 11.82
C ASN C 407 4.03 21.75 11.29
N ASN C 408 3.91 21.97 9.99
CA ASN C 408 2.60 22.16 9.37
C ASN C 408 2.62 21.54 7.98
N GLU C 409 1.55 21.77 7.22
CA GLU C 409 1.38 21.19 5.89
C GLU C 409 1.55 22.23 4.79
N PHE C 410 2.26 23.32 5.08
CA PHE C 410 2.47 24.42 4.14
C PHE C 410 3.60 24.04 3.18
N ILE C 411 3.23 23.78 1.93
CA ILE C 411 4.16 23.44 0.85
C ILE C 411 4.65 22.00 1.00
N HIS C 412 5.31 21.71 2.11
CA HIS C 412 5.84 20.38 2.38
C HIS C 412 5.11 19.78 3.58
N LEU C 413 4.78 18.48 3.48
CA LEU C 413 4.12 17.81 4.59
C LEU C 413 5.13 17.52 5.70
N LYS C 414 4.62 17.01 6.81
CA LYS C 414 5.41 16.92 8.04
C LYS C 414 6.35 15.72 7.98
N PRO C 415 7.62 15.89 8.36
CA PRO C 415 8.58 14.79 8.25
C PRO C 415 8.47 13.81 9.41
N SER C 416 9.14 12.66 9.23
CA SER C 416 9.15 11.64 10.26
C SER C 416 9.85 12.14 11.52
N VAL C 417 9.49 11.54 12.65
CA VAL C 417 10.20 11.70 13.91
C VAL C 417 10.55 10.29 14.40
N ILE C 418 11.83 10.04 14.62
CA ILE C 418 12.33 8.71 14.95
C ILE C 418 12.97 8.76 16.32
N LEU C 419 12.66 7.79 17.16
CA LEU C 419 13.35 7.60 18.43
C LEU C 419 14.44 6.55 18.25
N ILE C 420 15.66 6.90 18.64
CA ILE C 420 16.71 5.91 18.85
C ILE C 420 16.52 5.41 20.28
N ASP C 421 15.87 4.27 20.44
CA ASP C 421 15.44 3.85 21.77
C ASP C 421 16.63 3.35 22.60
N LYS C 422 16.36 3.03 23.87
CA LYS C 422 17.43 2.69 24.80
C LYS C 422 18.17 1.42 24.41
N ASN C 423 17.66 0.66 23.46
CA ASN C 423 18.34 -0.50 22.92
C ASN C 423 18.96 -0.21 21.56
N GLN C 424 19.06 1.06 21.18
CA GLN C 424 19.64 1.49 19.91
C GLN C 424 18.86 0.98 18.71
N GLN C 425 17.55 0.77 18.90
CA GLN C 425 16.65 0.40 17.82
C GLN C 425 15.78 1.61 17.47
N TYR C 426 15.50 1.78 16.18
CA TYR C 426 14.67 2.88 15.72
C TYR C 426 13.20 2.59 16.01
N GLN C 427 12.50 3.62 16.50
CA GLN C 427 11.07 3.52 16.78
C GLN C 427 10.42 4.79 16.23
N VAL C 428 9.47 4.63 15.32
CA VAL C 428 8.82 5.76 14.68
C VAL C 428 7.79 6.35 15.65
N LEU C 429 7.92 7.64 15.95
CA LEU C 429 6.96 8.33 16.79
C LEU C 429 5.95 9.16 15.99
N ARG C 430 6.36 9.73 14.86
CA ARG C 430 5.45 10.37 13.92
C ARG C 430 5.82 9.90 12.52
N VAL C 431 4.90 9.22 11.87
CA VAL C 431 5.14 8.71 10.52
C VAL C 431 5.12 9.87 9.53
N ARG C 432 5.98 9.80 8.51
CA ARG C 432 6.01 10.87 7.52
C ARG C 432 4.67 10.96 6.81
N GLN C 433 4.18 12.19 6.67
CA GLN C 433 2.87 12.46 6.08
C GLN C 433 2.93 12.36 4.56
N THR C 434 1.84 11.83 3.97
CA THR C 434 1.70 11.76 2.53
C THR C 434 0.27 12.08 2.15
N HIS C 435 0.09 12.54 0.92
CA HIS C 435 -1.23 12.88 0.41
C HIS C 435 -1.98 11.62 -0.02
N PRO D 19 6.41 -56.15 -0.27
CA PRO D 19 5.86 -57.22 0.57
C PRO D 19 4.47 -56.91 1.10
N SER D 21 2.38 -54.90 -0.82
CA SER D 21 1.77 -54.31 -2.00
C SER D 21 0.28 -54.58 -2.05
N LYS D 22 -0.14 -55.73 -1.54
CA LYS D 22 -1.53 -56.14 -1.59
C LYS D 22 -2.33 -55.35 -0.55
N LEU D 23 -3.46 -54.80 -0.98
CA LEU D 23 -4.23 -53.90 -0.12
C LEU D 23 -4.54 -54.55 1.22
N SER D 24 -4.98 -55.81 1.20
CA SER D 24 -5.40 -56.47 2.42
C SER D 24 -4.23 -56.73 3.37
N ASP D 25 -3.00 -56.74 2.88
CA ASP D 25 -1.83 -56.97 3.71
C ASP D 25 -1.19 -55.66 4.18
N SER D 26 -1.74 -54.52 3.81
CA SER D 26 -1.10 -53.24 4.04
C SER D 26 -1.54 -52.63 5.37
N LYS D 27 -0.92 -51.51 5.71
CA LYS D 27 -1.30 -50.71 6.86
C LYS D 27 -2.36 -49.66 6.53
N SER D 28 -2.89 -49.69 5.31
CA SER D 28 -3.81 -48.65 4.87
C SER D 28 -5.09 -48.68 5.70
N VAL D 29 -5.64 -47.49 5.94
CA VAL D 29 -7.00 -47.37 6.49
C VAL D 29 -7.96 -48.24 5.69
N PHE D 30 -7.71 -48.40 4.40
CA PHE D 30 -8.61 -49.10 3.50
C PHE D 30 -8.23 -50.56 3.28
N SER D 31 -7.35 -51.11 4.12
CA SER D 31 -7.02 -52.53 4.00
C SER D 31 -8.24 -53.41 4.18
N LYS D 32 -9.30 -52.89 4.82
CA LYS D 32 -10.52 -53.63 5.03
C LYS D 32 -11.30 -53.84 3.75
N LEU D 33 -10.98 -53.11 2.69
CA LEU D 33 -11.81 -53.04 1.50
C LEU D 33 -11.53 -54.23 0.60
N SER D 34 -12.57 -55.02 0.34
CA SER D 34 -12.45 -56.18 -0.52
C SER D 34 -12.59 -55.79 -1.99
N ASN D 35 -12.16 -56.71 -2.86
CA ASN D 35 -12.38 -56.53 -4.29
C ASN D 35 -13.87 -56.32 -4.57
N LYS D 36 -14.72 -57.09 -3.91
CA LYS D 36 -16.16 -56.97 -4.14
C LYS D 36 -16.67 -55.59 -3.77
N GLN D 37 -16.21 -55.05 -2.65
CA GLN D 37 -16.68 -53.72 -2.23
C GLN D 37 -16.21 -52.65 -3.21
N ILE D 38 -14.97 -52.77 -3.68
CA ILE D 38 -14.45 -51.80 -4.65
C ILE D 38 -15.26 -51.86 -5.94
N GLU D 39 -15.61 -53.06 -6.39
CA GLU D 39 -16.43 -53.17 -7.59
C GLU D 39 -17.80 -52.52 -7.38
N THR D 40 -18.37 -52.67 -6.19
CA THR D 40 -19.66 -52.04 -5.92
C THR D 40 -19.55 -50.52 -5.92
N ILE D 41 -18.50 -49.99 -5.30
CA ILE D 41 -18.30 -48.54 -5.28
C ILE D 41 -18.21 -48.02 -6.71
N ILE D 42 -17.45 -48.71 -7.56
CA ILE D 42 -17.24 -48.24 -8.93
C ILE D 42 -18.53 -48.41 -9.74
N GLN D 43 -19.26 -49.50 -9.50
CA GLN D 43 -20.52 -49.69 -10.22
C GLN D 43 -21.48 -48.54 -9.96
N ARG D 44 -21.53 -48.06 -8.71
CA ARG D 44 -22.49 -47.01 -8.35
C ARG D 44 -21.96 -45.62 -8.67
N TYR D 45 -20.66 -45.40 -8.50
CA TYR D 45 -20.10 -44.05 -8.56
C TYR D 45 -19.02 -43.87 -9.60
N ALA D 46 -18.73 -44.91 -10.38
CA ALA D 46 -17.78 -44.84 -11.50
C ALA D 46 -16.33 -44.79 -11.01
N SER D 47 -15.41 -45.05 -11.93
CA SER D 47 -13.97 -45.02 -11.75
C SER D 47 -13.38 -43.91 -12.61
N PRO D 48 -12.34 -43.21 -12.13
CA PRO D 48 -11.76 -43.30 -10.79
C PRO D 48 -12.71 -42.71 -9.74
N CYS D 49 -12.43 -42.97 -8.46
CA CYS D 49 -13.33 -42.56 -7.39
C CYS D 49 -12.53 -42.27 -6.14
N PHE D 50 -12.71 -41.07 -5.58
CA PHE D 50 -12.15 -40.76 -4.26
C PHE D 50 -13.01 -41.38 -3.18
N ILE D 51 -12.38 -41.92 -2.15
CA ILE D 51 -13.10 -42.47 -1.00
C ILE D 51 -12.49 -41.91 0.27
N ILE D 52 -13.35 -41.55 1.22
CA ILE D 52 -12.95 -40.93 2.48
C ILE D 52 -13.53 -41.77 3.63
N ASP D 53 -12.67 -42.17 4.56
CA ASP D 53 -13.11 -42.96 5.71
C ASP D 53 -13.41 -42.01 6.86
N GLU D 54 -14.70 -41.92 7.23
CA GLU D 54 -15.07 -40.97 8.27
C GLU D 54 -14.43 -41.30 9.60
N ASN D 55 -14.40 -42.59 9.96
CA ASN D 55 -13.91 -42.98 11.28
C ASN D 55 -12.44 -42.60 11.46
N ALA D 56 -11.60 -42.97 10.49
CA ALA D 56 -10.18 -42.62 10.59
C ALA D 56 -9.98 -41.12 10.61
N LEU D 57 -10.73 -40.39 9.78
CA LEU D 57 -10.55 -38.95 9.67
C LEU D 57 -10.87 -38.25 10.99
N LEU D 58 -12.01 -38.58 11.60
CA LEU D 58 -12.41 -37.90 12.82
CA LEU D 58 -12.42 -37.91 12.83
C LEU D 58 -11.67 -38.40 14.06
N GLU D 59 -11.17 -39.64 14.04
CA GLU D 59 -10.26 -40.06 15.10
C GLU D 59 -9.05 -39.14 15.14
N ARG D 60 -8.43 -38.92 13.99
CA ARG D 60 -7.27 -38.06 13.89
C ARG D 60 -7.60 -36.65 14.36
N ALA D 61 -8.77 -36.14 13.98
CA ALA D 61 -9.16 -34.79 14.37
C ALA D 61 -9.26 -34.67 15.89
N ARG D 62 -9.93 -35.62 16.53
CA ARG D 62 -10.13 -35.54 17.98
C ARG D 62 -8.82 -35.74 18.73
N LEU D 63 -7.96 -36.63 18.24
CA LEU D 63 -6.68 -36.86 18.91
C LEU D 63 -5.78 -35.64 18.80
N PHE D 64 -5.89 -34.87 17.73
CA PHE D 64 -5.12 -33.63 17.65
C PHE D 64 -5.57 -32.65 18.71
N GLN D 65 -6.89 -32.51 18.91
CA GLN D 65 -7.40 -31.62 19.94
C GLN D 65 -6.91 -32.03 21.31
N GLN D 66 -6.89 -33.33 21.59
CA GLN D 66 -6.41 -33.80 22.88
C GLN D 66 -4.93 -33.48 23.07
N ALA D 67 -4.14 -33.61 21.99
CA ALA D 67 -2.71 -33.37 22.11
C ALA D 67 -2.41 -31.92 22.45
N ILE D 68 -3.10 -30.98 21.81
CA ILE D 68 -2.82 -29.58 22.10
C ILE D 68 -3.43 -29.17 23.43
N LEU D 69 -4.64 -29.64 23.73
CA LEU D 69 -5.27 -29.26 25.00
C LEU D 69 -4.49 -29.77 26.19
N ASN D 70 -3.88 -30.96 26.09
CA ASN D 70 -3.10 -31.50 27.20
C ASN D 70 -1.82 -30.71 27.42
N GLN D 71 -1.34 -29.98 26.42
CA GLN D 71 -0.17 -29.13 26.58
C GLN D 71 -0.53 -27.73 27.05
N TYR D 72 -1.61 -27.17 26.52
CA TYR D 72 -2.01 -25.80 26.85
C TYR D 72 -3.52 -25.71 26.78
N GLN D 73 -4.14 -25.34 27.90
CA GLN D 73 -5.60 -25.41 28.02
C GLN D 73 -6.30 -24.43 27.09
N ASN D 74 -5.67 -23.30 26.77
CA ASN D 74 -6.27 -22.32 25.87
C ASN D 74 -5.83 -22.53 24.43
N SER D 75 -5.78 -23.79 23.98
CA SER D 75 -5.43 -24.13 22.61
C SER D 75 -6.68 -24.30 21.78
N ILE D 76 -6.57 -23.93 20.50
CA ILE D 76 -7.68 -23.97 19.56
C ILE D 76 -7.19 -24.65 18.29
N ALA D 77 -7.91 -25.68 17.85
CA ALA D 77 -7.66 -26.31 16.56
C ALA D 77 -8.47 -25.59 15.49
N ALA D 78 -7.79 -25.17 14.43
CA ALA D 78 -8.45 -24.53 13.30
C ALA D 78 -8.47 -25.47 12.11
N TYR D 79 -9.58 -25.46 11.37
CA TYR D 79 -9.70 -26.33 10.21
C TYR D 79 -9.19 -25.59 8.98
N SER D 80 -8.15 -26.14 8.34
CA SER D 80 -7.55 -25.55 7.15
C SER D 80 -8.42 -25.88 5.93
N VAL D 81 -9.30 -24.94 5.59
CA VAL D 81 -10.29 -25.21 4.54
C VAL D 81 -9.61 -25.57 3.23
N LYS D 82 -8.55 -24.85 2.87
CA LYS D 82 -7.97 -25.05 1.54
C LYS D 82 -7.46 -26.48 1.37
N THR D 83 -7.06 -27.14 2.46
CA THR D 83 -6.49 -28.48 2.36
C THR D 83 -7.52 -29.50 1.91
N GLN D 84 -8.77 -29.32 2.35
CA GLN D 84 -9.84 -30.28 2.07
C GLN D 84 -11.14 -29.49 2.28
N SER D 85 -11.71 -28.99 1.18
CA SER D 85 -12.73 -27.95 1.26
C SER D 85 -14.13 -28.47 0.99
N LEU D 86 -14.35 -29.78 1.03
CA LEU D 86 -15.70 -30.30 0.87
C LEU D 86 -16.56 -29.86 2.05
N ASN D 87 -17.76 -29.34 1.75
CA ASN D 87 -18.60 -28.76 2.80
C ASN D 87 -18.86 -29.74 3.93
N THR D 88 -19.13 -31.01 3.59
CA THR D 88 -19.46 -32.00 4.60
C THR D 88 -18.28 -32.23 5.54
N ILE D 89 -17.05 -32.23 5.01
CA ILE D 89 -15.89 -32.44 5.85
C ILE D 89 -15.67 -31.23 6.75
N ILE D 90 -15.78 -30.02 6.21
CA ILE D 90 -15.69 -28.82 7.03
C ILE D 90 -16.67 -28.92 8.19
N GLN D 91 -17.91 -29.32 7.89
CA GLN D 91 -18.94 -29.38 8.92
C GLN D 91 -18.57 -30.38 10.01
N LYS D 92 -18.05 -31.54 9.63
CA LYS D 92 -17.74 -32.57 10.62
C LYS D 92 -16.61 -32.14 11.55
N PHE D 93 -15.60 -31.43 11.01
CA PHE D 93 -14.56 -30.91 11.87
C PHE D 93 -15.11 -29.79 12.76
N TYR D 94 -15.98 -28.95 12.21
CA TYR D 94 -16.65 -27.94 13.03
C TYR D 94 -17.40 -28.58 14.19
N GLU D 95 -18.07 -29.70 13.94
CA GLU D 95 -18.88 -30.35 14.97
C GLU D 95 -18.05 -30.87 16.12
N VAL D 96 -16.76 -31.15 15.92
CA VAL D 96 -15.90 -31.61 17.00
C VAL D 96 -15.11 -30.47 17.62
N GLY D 97 -15.32 -29.24 17.17
CA GLY D 97 -14.77 -28.07 17.83
C GLY D 97 -13.72 -27.29 17.05
N PHE D 98 -13.46 -27.65 15.80
CA PHE D 98 -12.51 -26.90 14.99
C PHE D 98 -13.14 -25.59 14.54
N ILE D 99 -12.33 -24.54 14.52
CA ILE D 99 -12.76 -23.23 14.01
C ILE D 99 -12.33 -23.13 12.55
N PRO D 100 -13.23 -22.77 11.63
CA PRO D 100 -12.82 -22.65 10.22
C PRO D 100 -11.73 -21.59 10.03
N GLU D 101 -10.74 -21.94 9.21
CA GLU D 101 -9.64 -21.04 8.86
C GLU D 101 -9.57 -20.94 7.35
N VAL D 102 -9.62 -19.71 6.83
CA VAL D 102 -9.73 -19.47 5.39
C VAL D 102 -8.60 -18.55 4.94
N VAL D 103 -8.21 -18.69 3.68
CA VAL D 103 -7.12 -17.90 3.12
C VAL D 103 -7.58 -17.09 1.89
N SER D 104 -8.89 -16.89 1.75
CA SER D 104 -9.39 -16.11 0.62
C SER D 104 -10.81 -15.66 0.94
N SER D 105 -11.27 -14.68 0.17
CA SER D 105 -12.64 -14.20 0.30
C SER D 105 -13.64 -15.25 -0.18
N ASP D 106 -13.28 -16.04 -1.20
CA ASP D 106 -14.13 -17.14 -1.63
C ASP D 106 -14.31 -18.15 -0.51
N GLU D 107 -13.22 -18.56 0.13
CA GLU D 107 -13.32 -19.50 1.25
C GLU D 107 -14.10 -18.87 2.40
N PHE D 108 -13.88 -17.59 2.67
CA PHE D 108 -14.67 -16.89 3.68
C PHE D 108 -16.16 -16.99 3.36
N GLU D 109 -16.53 -16.75 2.10
CA GLU D 109 -17.93 -16.84 1.72
C GLU D 109 -18.45 -18.27 1.85
N GLN D 110 -17.62 -19.26 1.48
CA GLN D 110 -18.05 -20.65 1.61
C GLN D 110 -18.48 -20.96 3.04
N ILE D 111 -17.70 -20.50 4.01
CA ILE D 111 -18.03 -20.76 5.41
C ILE D 111 -19.32 -20.06 5.79
N GLN D 112 -19.49 -18.80 5.37
CA GLN D 112 -20.72 -18.09 5.69
C GLN D 112 -21.94 -18.84 5.15
N LYS D 113 -21.81 -19.45 3.98
CA LYS D 113 -22.93 -20.17 3.39
C LYS D 113 -23.30 -21.42 4.19
N LEU D 114 -22.38 -21.94 5.01
CA LEU D 114 -22.73 -23.06 5.86
C LEU D 114 -23.68 -22.66 6.99
N GLN D 115 -23.83 -21.35 7.24
CA GLN D 115 -24.68 -20.84 8.31
C GLN D 115 -24.47 -21.62 9.61
N LEU D 116 -23.22 -21.60 10.06
CA LEU D 116 -22.86 -22.23 11.32
C LEU D 116 -23.33 -21.37 12.48
N CYS D 117 -23.79 -22.03 13.54
CA CYS D 117 -24.29 -21.31 14.70
C CYS D 117 -23.19 -20.46 15.31
N ASP D 118 -21.98 -21.01 15.46
CA ASP D 118 -20.82 -20.27 15.93
C ASP D 118 -20.13 -19.66 14.71
N LYS D 119 -20.10 -18.33 14.63
CA LYS D 119 -19.54 -17.63 13.49
C LYS D 119 -18.05 -17.35 13.65
N SER D 120 -17.39 -17.95 14.63
CA SER D 120 -15.95 -17.77 14.79
C SER D 120 -15.24 -18.20 13.51
N ILE D 121 -14.26 -17.40 13.08
CA ILE D 121 -13.54 -17.69 11.86
C ILE D 121 -12.18 -17.02 11.91
N ILE D 122 -11.18 -17.67 11.32
CA ILE D 122 -9.83 -17.14 11.15
C ILE D 122 -9.66 -16.79 9.68
N PHE D 123 -9.28 -15.55 9.41
CA PHE D 123 -9.21 -15.00 8.05
C PHE D 123 -7.76 -14.65 7.77
N ASN D 124 -7.07 -15.54 7.04
CA ASN D 124 -5.69 -15.34 6.61
C ASN D 124 -5.67 -15.04 5.11
N GLY D 125 -4.46 -14.94 4.57
CA GLY D 125 -4.27 -14.88 3.13
C GLY D 125 -3.88 -13.50 2.63
N PRO D 126 -3.26 -13.46 1.46
CA PRO D 126 -2.68 -12.20 0.97
C PRO D 126 -3.68 -11.28 0.26
N TYR D 127 -4.92 -11.71 0.03
CA TYR D 127 -5.91 -10.87 -0.65
C TYR D 127 -7.27 -11.07 0.01
N LYS D 128 -7.76 -10.02 0.65
CA LYS D 128 -9.09 -10.00 1.27
C LYS D 128 -9.87 -8.82 0.67
N ASN D 129 -10.94 -9.11 -0.06
CA ASN D 129 -11.67 -8.02 -0.70
C ASN D 129 -12.50 -7.27 0.34
N ASP D 130 -13.01 -6.10 -0.08
CA ASP D 130 -13.65 -5.19 0.86
C ASP D 130 -14.88 -5.81 1.50
N ALA D 131 -15.71 -6.47 0.69
CA ALA D 131 -16.94 -7.05 1.22
C ALA D 131 -16.64 -8.06 2.32
N SER D 132 -15.65 -8.92 2.11
CA SER D 132 -15.32 -9.91 3.12
C SER D 132 -14.73 -9.26 4.37
N LEU D 133 -13.96 -8.18 4.21
CA LEU D 133 -13.40 -7.51 5.38
C LEU D 133 -14.50 -6.86 6.22
N ILE D 134 -15.44 -6.18 5.56
CA ILE D 134 -16.56 -5.59 6.29
C ILE D 134 -17.29 -6.65 7.10
N LYS D 135 -17.65 -7.76 6.44
CA LYS D 135 -18.35 -8.82 7.13
C LYS D 135 -17.49 -9.44 8.24
N ALA D 136 -16.20 -9.64 7.96
CA ALA D 136 -15.32 -10.24 8.96
C ALA D 136 -15.23 -9.36 10.21
N LEU D 137 -15.15 -8.04 10.02
CA LEU D 137 -15.14 -7.15 11.18
C LEU D 137 -16.46 -7.21 11.93
N GLN D 138 -17.57 -7.34 11.21
CA GLN D 138 -18.88 -7.42 11.86
C GLN D 138 -19.01 -8.68 12.71
N LEU D 139 -18.35 -9.77 12.31
CA LEU D 139 -18.42 -11.03 13.02
C LEU D 139 -17.31 -11.21 14.03
N ASN D 140 -16.48 -10.19 14.26
CA ASN D 140 -15.36 -10.28 15.19
C ASN D 140 -14.43 -11.43 14.84
N ALA D 141 -14.21 -11.63 13.54
CA ALA D 141 -13.27 -12.63 13.07
C ALA D 141 -11.86 -12.28 13.52
N ILE D 143 -8.45 -11.72 12.04
CA ILE D 143 -7.93 -11.34 10.73
C ILE D 143 -6.42 -11.19 10.86
N ASN D 144 -5.67 -12.00 10.11
CA ASN D 144 -4.22 -11.95 10.12
C ASN D 144 -3.74 -11.34 8.80
N CYS D 145 -3.07 -10.19 8.90
CA CYS D 145 -2.60 -9.46 7.73
C CYS D 145 -1.12 -9.74 7.49
N ASP D 146 -0.73 -9.85 6.21
CA ASP D 146 0.66 -10.11 5.86
C ASP D 146 1.31 -8.99 5.05
N HIS D 147 0.63 -7.86 4.86
CA HIS D 147 1.26 -6.72 4.20
C HIS D 147 0.52 -5.46 4.61
N PHE D 148 1.24 -4.34 4.60
CA PHE D 148 0.75 -3.14 5.28
C PHE D 148 -0.42 -2.51 4.55
N ASP D 149 -0.39 -2.56 3.22
CA ASP D 149 -1.52 -2.14 2.39
C ASP D 149 -2.86 -2.58 2.97
N GLU D 150 -2.97 -3.85 3.35
CA GLU D 150 -4.23 -4.37 3.86
C GLU D 150 -4.61 -3.71 5.17
N ILE D 151 -3.62 -3.43 6.03
CA ILE D 151 -3.90 -2.81 7.32
C ILE D 151 -4.52 -1.44 7.11
N LEU D 152 -4.00 -0.67 6.15
CA LEU D 152 -4.58 0.64 5.87
C LEU D 152 -6.00 0.51 5.33
N ARG D 153 -6.24 -0.46 4.46
CA ARG D 153 -7.59 -0.67 3.94
C ARG D 153 -8.55 -1.03 5.08
N ILE D 154 -8.11 -1.87 6.01
CA ILE D 154 -8.96 -2.26 7.13
C ILE D 154 -9.26 -1.05 8.01
N ALA D 155 -8.25 -0.21 8.24
CA ALA D 155 -8.47 0.97 9.07
C ALA D 155 -9.52 1.88 8.46
N LYS D 156 -9.47 2.10 7.15
CA LYS D 156 -10.47 2.93 6.48
C LYS D 156 -11.85 2.32 6.62
N ILE D 157 -11.96 0.99 6.46
CA ILE D 157 -13.25 0.33 6.62
C ILE D 157 -13.72 0.44 8.07
N ALA D 158 -12.81 0.22 9.02
CA ALA D 158 -13.19 0.29 10.43
C ALA D 158 -13.64 1.69 10.82
N LYS D 159 -12.99 2.72 10.25
CA LYS D 159 -13.39 4.09 10.57
C LYS D 159 -14.79 4.38 10.05
N LYS D 160 -15.11 3.92 8.84
CA LYS D 160 -16.46 4.13 8.30
C LYS D 160 -17.51 3.42 9.15
N LEU D 161 -17.19 2.28 9.73
CA LEU D 161 -18.11 1.58 10.61
C LEU D 161 -18.02 2.05 12.06
N ASN D 162 -17.12 2.98 12.34
CA ASN D 162 -16.95 3.53 13.69
C ASN D 162 -16.66 2.43 14.71
N ILE D 163 -15.62 1.64 14.41
CA ILE D 163 -15.17 0.57 15.28
C ILE D 163 -13.64 0.57 15.27
N THR D 164 -13.08 -0.19 16.21
CA THR D 164 -11.64 -0.43 16.26
C THR D 164 -11.40 -1.88 15.85
N ALA D 165 -10.71 -2.07 14.73
CA ALA D 165 -10.43 -3.41 14.23
C ALA D 165 -9.26 -4.02 14.98
N LYS D 166 -9.48 -5.20 15.53
CA LYS D 166 -8.41 -6.02 16.07
C LYS D 166 -7.82 -6.83 14.93
N ILE D 167 -6.50 -6.82 14.82
CA ILE D 167 -5.84 -7.53 13.73
C ILE D 167 -4.64 -8.30 14.26
N GLY D 168 -4.30 -9.37 13.54
CA GLY D 168 -3.07 -10.08 13.76
C GLY D 168 -2.09 -9.76 12.65
N LEU D 169 -0.81 -10.01 12.89
CA LEU D 169 0.23 -9.80 11.90
C LEU D 169 0.87 -11.14 11.58
N ARG D 170 0.95 -11.46 10.28
CA ARG D 170 1.68 -12.65 9.88
C ARG D 170 3.18 -12.34 9.88
N ILE D 171 3.95 -13.26 10.47
CA ILE D 171 5.38 -13.07 10.71
C ILE D 171 6.16 -14.05 9.84
N ALA D 172 7.20 -13.57 9.17
CA ALA D 172 8.15 -14.43 8.48
C ALA D 172 9.30 -14.73 9.43
N ASP D 173 9.54 -16.01 9.70
CA ASP D 173 10.56 -16.44 10.66
C ASP D 173 11.93 -16.47 9.99
N ASN D 174 12.43 -15.28 9.68
CA ASN D 174 13.59 -15.14 8.81
C ASN D 174 14.91 -15.17 9.55
N LYS D 175 14.90 -15.31 10.88
CA LYS D 175 16.13 -15.68 11.58
C LYS D 175 16.49 -17.14 11.35
N THR D 176 15.53 -17.96 10.94
CA THR D 176 15.74 -19.39 10.72
C THR D 176 15.90 -19.63 9.23
N PRO D 177 17.11 -19.97 8.75
CA PRO D 177 17.29 -20.14 7.30
C PRO D 177 16.24 -21.04 6.66
N GLN D 178 15.90 -22.15 7.32
CA GLN D 178 14.95 -23.09 6.74
C GLN D 178 13.54 -22.52 6.64
N ASN D 179 13.23 -21.48 7.40
CA ASN D 179 11.89 -20.90 7.40
C ASN D 179 11.83 -19.55 6.68
N TRP D 180 12.96 -19.03 6.20
CA TRP D 180 12.97 -17.73 5.54
C TRP D 180 11.87 -17.65 4.47
N SER D 181 11.18 -16.52 4.44
CA SER D 181 10.05 -16.37 3.53
C SER D 181 9.78 -14.91 3.23
N ARG D 182 9.24 -14.68 2.03
CA ARG D 182 8.75 -13.36 1.64
C ARG D 182 7.36 -13.07 2.18
N PHE D 183 6.67 -14.07 2.73
CA PHE D 183 5.27 -13.94 3.12
C PHE D 183 5.20 -13.67 4.62
N GLY D 184 4.75 -12.48 4.98
CA GLY D 184 4.73 -12.03 6.35
C GLY D 184 5.75 -10.93 6.59
N PHE D 185 5.52 -10.16 7.65
CA PHE D 185 6.46 -9.13 8.05
C PHE D 185 7.71 -9.80 8.65
N ALA D 186 8.87 -9.38 8.19
CA ALA D 186 10.10 -10.10 8.49
C ALA D 186 10.47 -9.96 9.96
N LEU D 187 10.62 -11.08 10.64
CA LEU D 187 11.25 -11.14 11.96
C LEU D 187 12.69 -11.58 11.74
N THR D 188 13.64 -10.65 11.93
CA THR D 188 15.02 -10.84 11.50
C THR D 188 15.94 -10.20 12.52
N ASP D 189 17.10 -10.81 12.74
CA ASP D 189 18.11 -10.23 13.61
C ASP D 189 18.94 -9.16 12.92
N GLN D 190 18.63 -8.83 11.67
CA GLN D 190 19.36 -7.80 10.94
C GLN D 190 18.54 -6.51 10.88
N SER D 194 14.26 -4.83 12.73
CA SER D 194 13.31 -5.79 12.21
C SER D 194 12.04 -5.10 11.70
N ASP D 195 11.62 -5.49 10.48
CA ASP D 195 10.52 -4.82 9.80
C ASP D 195 9.18 -5.02 10.49
N ILE D 196 9.08 -5.99 11.40
CA ILE D 196 7.84 -6.15 12.14
C ILE D 196 7.63 -4.98 13.09
N PHE D 197 8.71 -4.49 13.71
CA PHE D 197 8.55 -3.43 14.69
C PHE D 197 8.23 -2.10 14.04
N THR D 198 8.78 -1.83 12.86
CA THR D 198 8.34 -0.67 12.10
C THR D 198 6.85 -0.76 11.82
N THR D 199 6.36 -1.95 11.46
CA THR D 199 4.94 -2.12 11.18
C THR D 199 4.10 -1.86 12.43
N ILE D 200 4.52 -2.41 13.56
CA ILE D 200 3.78 -2.21 14.81
C ILE D 200 3.80 -0.73 15.20
N ASP D 201 4.97 -0.09 15.09
CA ASP D 201 5.06 1.32 15.46
C ASP D 201 4.09 2.16 14.63
N LYS D 202 3.97 1.87 13.34
CA LYS D 202 3.01 2.59 12.51
C LYS D 202 1.58 2.25 12.91
N ILE D 203 1.33 1.01 13.32
CA ILE D 203 -0.01 0.62 13.76
C ILE D 203 -0.41 1.43 14.99
N GLN D 204 0.53 1.64 15.90
CA GLN D 204 0.21 2.36 17.13
C GLN D 204 -0.23 3.79 16.87
N GLN D 205 0.08 4.34 15.70
CA GLN D 205 -0.35 5.69 15.35
C GLN D 205 -1.64 5.71 14.53
N ILE D 206 -2.18 4.56 14.17
CA ILE D 206 -3.41 4.46 13.38
C ILE D 206 -4.57 4.23 14.34
N ALA D 207 -5.64 5.02 14.18
CA ALA D 207 -6.63 5.17 15.24
C ALA D 207 -7.55 3.96 15.36
N ASN D 208 -8.10 3.49 14.25
CA ASN D 208 -9.12 2.44 14.29
C ASN D 208 -8.54 1.04 14.12
N ILE D 209 -7.32 0.83 14.58
CA ILE D 209 -6.66 -0.47 14.47
C ILE D 209 -5.94 -0.75 15.78
N GLN D 210 -5.94 -2.02 16.18
CA GLN D 210 -5.29 -2.46 17.41
C GLN D 210 -4.63 -3.81 17.17
N LEU D 211 -3.34 -3.90 17.47
CA LEU D 211 -2.63 -5.17 17.37
C LEU D 211 -3.15 -6.13 18.43
N ALA D 212 -3.55 -7.33 18.01
CA ALA D 212 -4.08 -8.31 18.92
C ALA D 212 -3.52 -9.72 18.76
N GLY D 213 -2.79 -10.01 17.68
CA GLY D 213 -2.30 -11.36 17.51
C GLY D 213 -1.15 -11.47 16.54
N LEU D 214 -0.50 -12.63 16.58
CA LEU D 214 0.54 -12.99 15.63
C LEU D 214 0.13 -14.28 14.91
N HIS D 215 0.66 -14.42 13.68
CA HIS D 215 0.41 -15.57 12.84
C HIS D 215 1.72 -15.95 12.18
N CYS D 216 2.05 -17.23 12.20
CA CYS D 216 3.29 -17.70 11.56
C CYS D 216 3.02 -19.06 10.96
N HIS D 217 3.27 -19.18 9.66
CA HIS D 217 3.10 -20.44 8.94
C HIS D 217 4.34 -20.66 8.09
N ILE D 218 5.16 -21.66 8.44
CA ILE D 218 6.55 -21.69 7.98
C ILE D 218 6.80 -22.62 6.80
N GLY D 219 5.83 -23.42 6.39
CA GLY D 219 6.05 -24.28 5.24
C GLY D 219 5.05 -25.41 5.22
N THR D 220 5.36 -26.41 4.40
CA THR D 220 4.50 -27.58 4.26
C THR D 220 5.33 -28.84 4.22
N ASN D 221 4.70 -29.95 4.63
CA ASN D 221 5.32 -31.26 4.74
C ASN D 221 6.64 -31.21 5.51
N ILE D 222 6.58 -30.62 6.70
CA ILE D 222 7.75 -30.45 7.53
C ILE D 222 7.87 -31.68 8.43
N ARG D 223 8.94 -32.46 8.24
CA ARG D 223 9.23 -33.58 9.13
C ARG D 223 10.32 -33.27 10.13
N ASP D 224 11.18 -32.28 9.85
CA ASP D 224 12.21 -31.84 10.78
C ASP D 224 11.58 -30.82 11.72
N ILE D 225 11.04 -31.31 12.83
CA ILE D 225 10.24 -30.46 13.70
C ILE D 225 11.13 -29.52 14.52
N SER D 226 12.44 -29.66 14.39
CA SER D 226 13.31 -28.64 14.96
C SER D 226 13.06 -27.28 14.32
N ARG D 227 12.47 -27.27 13.11
CA ARG D 227 12.07 -26.00 12.51
C ARG D 227 10.92 -25.36 13.24
N PHE D 228 10.02 -26.16 13.83
CA PHE D 228 8.94 -25.61 14.64
C PHE D 228 9.48 -25.06 15.96
N THR D 229 10.43 -25.75 16.58
CA THR D 229 11.04 -25.26 17.80
C THR D 229 11.66 -23.89 17.56
N ALA D 230 12.38 -23.74 16.45
CA ALA D 230 13.06 -22.48 16.17
C ALA D 230 12.07 -21.34 15.95
N ALA D 232 8.92 -21.23 17.09
CA ALA D 232 8.23 -20.95 18.35
C ALA D 232 9.11 -20.13 19.29
N LYS D 233 10.41 -20.40 19.30
CA LYS D 233 11.30 -19.62 20.15
C LYS D 233 11.40 -18.18 19.68
N ASN D 234 11.50 -17.97 18.37
CA ASN D 234 11.57 -16.61 17.85
C ASN D 234 10.24 -15.88 18.04
N ILE D 235 9.12 -16.59 17.86
CA ILE D 235 7.82 -15.95 18.08
C ILE D 235 7.65 -15.60 19.55
N ALA D 236 8.08 -16.49 20.45
CA ALA D 236 8.00 -16.19 21.88
C ALA D 236 8.85 -14.97 22.23
N GLU D 237 10.06 -14.89 21.68
CA GLU D 237 10.90 -13.72 21.92
C GLU D 237 10.25 -12.45 21.40
N LEU D 238 9.57 -12.54 20.25
CA LEU D 238 8.85 -11.38 19.74
C LEU D 238 7.68 -11.01 20.65
N ALA D 239 6.91 -12.01 21.10
CA ALA D 239 5.81 -11.72 22.01
C ALA D 239 6.31 -11.08 23.30
N GLU D 240 7.44 -11.53 23.82
CA GLU D 240 8.01 -10.93 25.03
C GLU D 240 8.36 -9.47 24.78
N THR D 241 8.99 -9.17 23.64
CA THR D 241 9.37 -7.79 23.34
C THR D 241 8.14 -6.91 23.17
N ILE D 242 7.10 -7.43 22.53
CA ILE D 242 5.86 -6.67 22.38
C ILE D 242 5.29 -6.34 23.75
N LEU D 243 5.38 -7.29 24.68
CA LEU D 243 4.90 -7.02 26.04
C LEU D 243 5.76 -5.98 26.73
N THR D 244 7.08 -6.08 26.59
CA THR D 244 7.98 -5.12 27.23
C THR D 244 7.83 -3.74 26.60
N LYS D 245 7.92 -3.67 25.28
CA LYS D 245 8.02 -2.37 24.60
C LYS D 245 6.68 -1.66 24.56
N TYR D 246 5.59 -2.39 24.31
CA TYR D 246 4.29 -1.79 24.09
C TYR D 246 3.28 -2.08 25.19
N LYS D 247 3.68 -2.78 26.25
CA LYS D 247 2.79 -3.12 27.35
C LYS D 247 1.54 -3.86 26.85
N LEU D 248 1.69 -4.67 25.81
CA LEU D 248 0.57 -5.31 25.14
C LEU D 248 0.68 -6.82 25.30
N THR D 249 -0.40 -7.43 25.80
CA THR D 249 -0.55 -8.87 25.86
C THR D 249 -1.36 -9.34 24.68
N LEU D 250 -0.87 -10.34 23.97
CA LEU D 250 -1.51 -10.77 22.74
C LEU D 250 -2.76 -11.59 23.03
N GLU D 251 -3.80 -11.37 22.23
CA GLU D 251 -5.01 -12.18 22.34
C GLU D 251 -4.84 -13.52 21.67
N TRP D 252 -4.03 -13.60 20.60
CA TRP D 252 -3.79 -14.90 20.00
C TRP D 252 -2.39 -14.99 19.39
N ILE D 253 -1.86 -16.21 19.41
CA ILE D 253 -0.67 -16.60 18.67
C ILE D 253 -1.06 -17.81 17.83
N ASP D 254 -1.04 -17.64 16.50
CA ASP D 254 -1.47 -18.65 15.55
C ASP D 254 -0.23 -19.26 14.91
N LEU D 255 0.01 -20.54 15.18
CA LEU D 255 1.24 -21.21 14.79
C LEU D 255 1.15 -21.89 13.44
N GLY D 256 0.09 -21.63 12.67
CA GLY D 256 0.02 -22.17 11.33
C GLY D 256 -0.06 -23.69 11.34
N GLY D 257 0.25 -24.26 10.18
CA GLY D 257 0.28 -25.70 10.04
C GLY D 257 1.64 -26.18 9.58
N GLY D 258 1.66 -27.12 8.64
CA GLY D 258 2.88 -27.49 7.95
C GLY D 258 3.46 -28.85 8.29
N LEU D 259 2.87 -29.57 9.24
CA LEU D 259 3.44 -30.85 9.65
C LEU D 259 3.31 -31.89 8.54
N ALA D 260 4.32 -32.76 8.46
CA ALA D 260 4.42 -33.72 7.38
C ALA D 260 3.25 -34.69 7.38
N GLY D 261 2.93 -35.19 6.18
CA GLY D 261 1.99 -36.28 6.02
C GLY D 261 2.69 -37.62 5.95
N ILE D 262 1.95 -38.63 5.50
CA ILE D 262 2.51 -39.97 5.52
C ILE D 262 3.32 -40.29 4.27
N SER D 263 3.17 -39.53 3.21
CA SER D 263 3.77 -39.92 1.94
C SER D 263 5.19 -39.39 1.82
N PRO D 264 6.17 -40.23 1.54
CA PRO D 264 7.51 -39.71 1.25
C PRO D 264 7.52 -38.90 -0.04
N THR D 265 8.43 -37.94 -0.11
CA THR D 265 8.67 -37.26 -1.38
C THR D 265 9.35 -38.23 -2.34
N LEU D 266 9.31 -37.89 -3.63
CA LEU D 266 9.97 -38.74 -4.62
C LEU D 266 11.48 -38.76 -4.41
N SER D 267 12.03 -37.70 -3.81
CA SER D 267 13.46 -37.68 -3.51
C SER D 267 13.83 -38.58 -2.34
N ASP D 268 12.84 -38.99 -1.54
CA ASP D 268 13.11 -39.77 -0.34
C ASP D 268 13.56 -41.18 -0.71
N LYS D 269 14.65 -41.63 -0.08
CA LYS D 269 15.09 -43.00 -0.28
C LYS D 269 14.08 -44.00 0.26
N ARG D 270 13.31 -43.59 1.27
CA ARG D 270 12.29 -44.45 1.85
C ARG D 270 11.14 -44.64 0.87
N LEU D 271 10.69 -45.89 0.73
CA LEU D 271 9.62 -46.21 -0.21
C LEU D 271 8.27 -46.38 0.48
N GLN D 272 8.24 -46.95 1.69
CA GLN D 272 6.98 -47.19 2.38
C GLN D 272 6.52 -45.91 3.08
N PRO D 273 5.21 -45.75 3.28
CA PRO D 273 4.71 -44.56 3.96
C PRO D 273 5.25 -44.45 5.38
N TYR D 274 5.40 -43.23 5.85
CA TYR D 274 5.68 -42.98 7.26
C TYR D 274 4.41 -43.21 8.07
N ASN D 275 4.59 -43.55 9.35
CA ASN D 275 3.45 -43.55 10.25
C ASN D 275 2.91 -42.12 10.36
N PRO D 276 1.60 -41.96 10.51
CA PRO D 276 1.05 -40.62 10.79
C PRO D 276 1.83 -39.96 11.92
N PHE D 277 2.24 -38.71 11.70
CA PHE D 277 3.13 -38.07 12.66
C PHE D 277 2.51 -38.01 14.04
N ASP D 278 3.33 -38.29 15.06
CA ASP D 278 2.91 -38.22 16.45
C ASP D 278 2.50 -36.79 16.82
N LEU D 279 1.20 -36.58 17.02
CA LEU D 279 0.71 -35.22 17.28
C LEU D 279 1.07 -34.75 18.68
N GLU D 280 1.24 -35.68 19.62
CA GLU D 280 1.71 -35.29 20.95
C GLU D 280 3.13 -34.77 20.89
N LEU D 281 3.98 -35.41 20.10
CA LEU D 281 5.36 -34.93 19.95
C LEU D 281 5.38 -33.56 19.30
N TYR D 282 4.57 -33.36 18.25
CA TYR D 282 4.52 -32.05 17.61
C TYR D 282 4.06 -30.98 18.58
N ALA D 283 2.98 -31.25 19.31
CA ALA D 283 2.44 -30.24 20.23
C ALA D 283 3.44 -29.90 21.32
N ALA D 284 4.07 -30.90 21.92
CA ALA D 284 5.03 -30.64 22.99
C ALA D 284 6.22 -29.87 22.45
N THR D 285 6.68 -30.21 21.24
CA THR D 285 7.84 -29.53 20.67
C THR D 285 7.55 -28.05 20.42
N ILE D 286 6.43 -27.76 19.75
CA ILE D 286 6.19 -26.39 19.31
C ILE D 286 5.67 -25.52 20.44
N ILE D 287 5.05 -26.10 21.46
CA ILE D 287 4.50 -25.29 22.54
C ILE D 287 5.55 -24.98 23.60
N ALA D 288 6.51 -25.87 23.83
CA ALA D 288 7.46 -25.69 24.92
C ALA D 288 8.11 -24.31 24.92
N PRO D 289 8.59 -23.77 23.81
CA PRO D 289 9.26 -22.45 23.86
C PRO D 289 8.32 -21.31 24.23
N LEU D 290 7.01 -21.51 24.15
CA LEU D 290 6.05 -20.45 24.42
C LEU D 290 5.46 -20.52 25.82
N LYS D 291 5.69 -21.59 26.56
CA LYS D 291 5.05 -21.76 27.85
C LYS D 291 5.41 -20.63 28.81
N GLU D 292 6.67 -20.18 28.78
CA GLU D 292 7.09 -19.11 29.67
C GLU D 292 6.25 -17.85 29.45
N TYR D 293 6.09 -17.44 28.18
CA TYR D 293 5.29 -16.26 27.91
C TYR D 293 3.82 -16.49 28.25
N LEU D 294 3.27 -17.64 27.84
CA LEU D 294 1.86 -17.93 28.10
C LEU D 294 1.59 -17.96 29.61
N ASN D 295 2.47 -18.60 30.38
CA ASN D 295 2.35 -18.57 31.84
C ASN D 295 2.39 -17.14 32.35
N LYS D 296 3.38 -16.38 31.88
CA LYS D 296 3.56 -15.00 32.34
C LYS D 296 2.30 -14.16 32.12
N THR D 297 1.60 -14.40 31.01
CA THR D 297 0.38 -13.68 30.71
C THR D 297 -0.88 -14.40 31.21
N ASN D 298 -0.72 -15.30 32.18
CA ASN D 298 -1.85 -15.91 32.88
C ASN D 298 -2.71 -16.75 31.94
N ASP D 299 -2.09 -17.36 30.93
CA ASP D 299 -2.77 -18.28 30.03
C ASP D 299 -4.00 -17.63 29.39
N LYS D 300 -3.92 -16.31 29.14
CA LYS D 300 -5.01 -15.61 28.48
C LYS D 300 -4.85 -15.57 26.96
N THR D 301 -3.63 -15.75 26.46
CA THR D 301 -3.39 -15.78 25.03
C THR D 301 -3.90 -17.09 24.45
N LYS D 302 -4.66 -17.02 23.37
CA LYS D 302 -5.11 -18.23 22.69
C LYS D 302 -4.03 -18.73 21.73
N LEU D 303 -3.74 -20.03 21.80
CA LEU D 303 -2.80 -20.68 20.90
C LEU D 303 -3.59 -21.40 19.83
N ILE D 304 -3.34 -21.07 18.57
CA ILE D 304 -4.13 -21.59 17.46
C ILE D 304 -3.23 -22.39 16.54
N PHE D 305 -3.75 -23.53 16.07
CA PHE D 305 -3.04 -24.47 15.22
C PHE D 305 -3.86 -24.68 13.96
N GLU D 306 -3.17 -24.73 12.81
CA GLU D 306 -3.82 -24.83 11.51
C GLU D 306 -3.27 -26.01 10.73
N LEU D 307 -3.12 -27.16 11.37
CA LEU D 307 -2.65 -28.34 10.65
C LEU D 307 -3.69 -28.81 9.65
N GLY D 308 -3.25 -29.05 8.42
CA GLY D 308 -4.12 -29.60 7.41
C GLY D 308 -3.69 -30.98 6.95
N ARG D 309 -2.61 -31.03 6.16
CA ARG D 309 -2.18 -32.28 5.54
C ARG D 309 -2.07 -33.41 6.56
N SER D 310 -1.41 -33.15 7.69
CA SER D 310 -1.16 -34.21 8.66
CA SER D 310 -1.16 -34.22 8.65
C SER D 310 -2.43 -34.75 9.29
N LEU D 311 -3.55 -34.03 9.17
CA LEU D 311 -4.80 -34.50 9.74
C LEU D 311 -5.66 -35.26 8.74
N VAL D 312 -5.59 -34.91 7.46
CA VAL D 312 -6.59 -35.36 6.49
C VAL D 312 -6.02 -36.24 5.38
N ASP D 313 -4.70 -36.42 5.29
CA ASP D 313 -4.15 -37.02 4.08
C ASP D 313 -4.45 -38.51 3.98
N TYR D 314 -4.25 -39.26 5.05
CA TYR D 314 -4.29 -40.72 4.96
C TYR D 314 -5.70 -41.30 5.12
N SER D 315 -6.71 -40.48 5.36
CA SER D 315 -8.09 -40.95 5.39
C SER D 315 -8.75 -40.92 4.02
N VAL D 316 -8.00 -40.60 2.97
CA VAL D 316 -8.55 -40.43 1.63
C VAL D 316 -7.71 -41.24 0.65
N ALA D 317 -8.39 -42.00 -0.20
CA ALA D 317 -7.73 -42.78 -1.24
C ALA D 317 -8.44 -42.54 -2.56
N LEU D 318 -7.75 -42.91 -3.63
CA LEU D 318 -8.30 -42.88 -4.99
C LEU D 318 -8.31 -44.29 -5.55
N LEU D 319 -9.50 -44.77 -5.92
CA LEU D 319 -9.64 -46.00 -6.68
C LEU D 319 -9.50 -45.70 -8.16
N THR D 320 -8.65 -46.46 -8.85
CA THR D 320 -8.44 -46.29 -10.28
C THR D 320 -8.42 -47.66 -10.94
N THR D 321 -8.78 -47.70 -12.21
CA THR D 321 -8.89 -48.94 -12.98
C THR D 321 -7.86 -48.95 -14.10
N ILE D 322 -7.24 -50.11 -14.30
CA ILE D 322 -6.42 -50.32 -15.49
C ILE D 322 -7.35 -50.42 -16.70
N VAL D 323 -7.13 -49.55 -17.69
CA VAL D 323 -8.02 -49.50 -18.85
C VAL D 323 -7.29 -49.75 -20.16
N GLY D 324 -6.03 -50.15 -20.10
CA GLY D 324 -5.31 -50.45 -21.32
C GLY D 324 -3.88 -50.87 -21.02
N THR D 325 -3.29 -51.55 -21.99
CA THR D 325 -1.91 -52.00 -21.91
C THR D 325 -1.15 -51.50 -23.13
N ARG D 326 0.05 -50.99 -22.91
CA ARG D 326 0.96 -50.62 -23.98
C ARG D 326 2.10 -51.62 -24.14
N GLU D 327 2.62 -52.14 -23.04
CA GLU D 327 3.68 -53.14 -23.05
C GLU D 327 3.41 -54.14 -21.92
N GLN D 328 3.60 -55.43 -22.22
CA GLN D 328 3.36 -56.48 -21.24
C GLN D 328 4.41 -57.57 -21.49
N ASN D 329 5.55 -57.43 -20.85
CA ASN D 329 6.64 -58.39 -20.87
C ASN D 329 6.73 -59.10 -19.52
N GLU D 330 7.57 -60.13 -19.45
CA GLU D 330 7.74 -60.80 -18.17
C GLU D 330 8.57 -59.98 -17.18
N ASP D 331 9.30 -58.96 -17.64
CA ASP D 331 10.10 -58.12 -16.77
C ASP D 331 9.63 -56.67 -16.73
N PHE D 332 8.57 -56.32 -17.44
CA PHE D 332 8.15 -54.93 -17.51
C PHE D 332 6.73 -54.86 -18.07
N GLN D 333 5.92 -53.95 -17.51
CA GLN D 333 4.59 -53.71 -18.03
C GLN D 333 4.32 -52.21 -18.04
N SER D 334 3.69 -51.74 -19.11
CA SER D 334 3.29 -50.35 -19.27
C SER D 334 1.78 -50.30 -19.44
N LEU D 335 1.10 -49.66 -18.49
CA LEU D 335 -0.33 -49.72 -18.38
C LEU D 335 -0.93 -48.32 -18.44
N ILE D 336 -2.21 -48.26 -18.83
CA ILE D 336 -2.97 -47.03 -18.88
C ILE D 336 -4.01 -47.10 -17.77
N THR D 337 -4.04 -46.08 -16.91
CA THR D 337 -5.04 -45.97 -15.87
C THR D 337 -6.07 -44.92 -16.25
N ASP D 338 -7.25 -44.99 -15.62
CA ASP D 338 -8.26 -43.96 -15.82
C ASP D 338 -8.07 -42.77 -14.88
N ALA D 339 -6.97 -42.72 -14.13
CA ALA D 339 -6.61 -41.58 -13.32
C ALA D 339 -5.18 -41.15 -13.63
N GLY D 340 -4.94 -39.83 -13.65
CA GLY D 340 -3.62 -39.30 -13.92
C GLY D 340 -3.28 -38.11 -13.07
N ILE D 341 -2.32 -37.29 -13.51
CA ILE D 341 -1.86 -36.18 -12.68
C ILE D 341 -2.91 -35.09 -12.53
N HIS D 342 -3.93 -35.07 -13.39
CA HIS D 342 -5.01 -34.12 -13.21
C HIS D 342 -6.03 -34.58 -12.17
N THR D 343 -6.01 -35.86 -11.81
CA THR D 343 -6.87 -36.36 -10.75
C THR D 343 -6.21 -36.22 -9.39
N ILE D 344 -4.93 -36.56 -9.28
CA ILE D 344 -4.19 -36.42 -8.03
C ILE D 344 -2.88 -35.70 -8.34
N PRO D 345 -2.91 -34.38 -8.54
CA PRO D 345 -1.69 -33.66 -8.94
C PRO D 345 -0.51 -33.82 -8.00
N THR D 346 -0.73 -34.13 -6.71
CA THR D 346 0.42 -34.23 -5.82
C THR D 346 1.23 -35.49 -6.06
N ILE D 347 0.76 -36.39 -6.92
CA ILE D 347 1.53 -37.60 -7.24
C ILE D 347 2.82 -37.27 -7.97
N SER D 348 2.92 -36.08 -8.56
CA SER D 348 4.17 -35.63 -9.15
CA SER D 348 4.17 -35.65 -9.15
C SER D 348 5.19 -35.21 -8.11
N THR D 349 4.78 -35.08 -6.84
CA THR D 349 5.66 -34.67 -5.75
C THR D 349 5.89 -35.77 -4.73
N TYR D 350 4.88 -36.59 -4.47
CA TYR D 350 4.94 -37.56 -3.38
C TYR D 350 4.79 -38.98 -3.91
N ARG D 351 5.43 -39.91 -3.21
CA ARG D 351 5.25 -41.34 -3.45
C ARG D 351 4.06 -41.83 -2.63
N HIS D 352 2.87 -41.47 -3.11
CA HIS D 352 1.66 -41.95 -2.48
C HIS D 352 1.61 -43.47 -2.62
N PRO D 353 1.30 -44.21 -1.54
CA PRO D 353 1.29 -45.67 -1.66
C PRO D 353 0.27 -46.13 -2.70
N ILE D 354 0.67 -47.14 -3.47
CA ILE D 354 -0.18 -47.72 -4.52
C ILE D 354 -0.33 -49.20 -4.21
N TYR D 355 -1.57 -49.62 -3.97
CA TYR D 355 -1.88 -51.00 -3.63
C TYR D 355 -2.72 -51.64 -4.72
N HIS D 356 -2.55 -52.95 -4.88
CA HIS D 356 -3.29 -53.77 -5.81
C HIS D 356 -4.11 -54.79 -5.04
N LEU D 357 -4.94 -55.54 -5.76
CA LEU D 357 -5.86 -56.48 -5.14
C LEU D 357 -5.60 -57.92 -5.58
N LYS D 358 -4.43 -58.21 -6.12
CA LYS D 358 -4.13 -59.50 -6.71
C LYS D 358 -3.47 -60.42 -5.70
N THR D 359 -3.71 -61.71 -5.86
CA THR D 359 -3.04 -62.74 -5.06
C THR D 359 -1.93 -63.36 -5.91
N ASP D 360 -0.86 -62.59 -6.08
CA ASP D 360 0.22 -62.95 -6.99
C ASP D 360 1.53 -62.46 -6.40
N SER D 361 2.51 -63.36 -6.33
CA SER D 361 3.78 -63.07 -5.68
C SER D 361 4.80 -62.42 -6.61
N TYR D 362 4.65 -62.59 -7.92
CA TYR D 362 5.68 -62.15 -8.87
C TYR D 362 5.41 -60.70 -9.29
N HIS D 363 6.36 -59.82 -8.98
CA HIS D 363 6.26 -58.40 -9.30
C HIS D 363 7.23 -58.04 -10.41
N LYS D 364 6.89 -57.01 -11.16
CA LYS D 364 7.73 -56.52 -12.25
C LYS D 364 7.70 -55.00 -12.28
N LYS D 365 8.74 -54.43 -12.87
CA LYS D 365 8.77 -52.98 -13.10
C LYS D 365 7.51 -52.56 -13.85
N THR D 366 6.87 -51.51 -13.37
CA THR D 366 5.59 -51.08 -13.93
C THR D 366 5.58 -49.59 -14.18
N LEU D 367 5.17 -49.20 -15.37
CA LEU D 367 4.90 -47.82 -15.73
C LEU D 367 3.39 -47.64 -15.73
N LEU D 368 2.90 -46.71 -14.92
CA LEU D 368 1.48 -46.40 -14.84
C LEU D 368 1.24 -45.05 -15.49
N LEU D 369 0.73 -45.07 -16.72
CA LEU D 369 0.44 -43.86 -17.47
C LEU D 369 -1.00 -43.44 -17.24
N GLY D 370 -1.21 -42.13 -17.17
CA GLY D 370 -2.53 -41.57 -17.03
C GLY D 370 -3.30 -41.56 -18.34
N PRO D 371 -4.58 -41.21 -18.27
CA PRO D 371 -5.45 -41.29 -19.45
C PRO D 371 -5.31 -40.11 -20.40
N SER D 372 -4.08 -39.64 -20.57
CA SER D 372 -3.73 -38.69 -21.61
C SER D 372 -2.41 -39.12 -22.19
N CYS D 373 -2.04 -38.54 -23.32
CA CYS D 373 -0.74 -38.78 -23.95
C CYS D 373 0.16 -37.56 -23.82
N GLN D 375 3.45 -36.19 -21.82
CA GLN D 375 4.62 -36.94 -21.40
C GLN D 375 4.79 -36.98 -19.89
N HIS D 376 4.20 -36.05 -19.14
CA HIS D 376 4.36 -35.99 -17.70
C HIS D 376 3.19 -36.59 -16.94
N ASP D 377 2.17 -37.09 -17.62
CA ASP D 377 0.99 -37.64 -16.96
C ASP D 377 1.23 -39.11 -16.68
N PHE D 378 1.87 -39.40 -15.54
CA PHE D 378 2.01 -40.77 -15.07
C PHE D 378 1.94 -40.76 -13.54
N LEU D 379 1.41 -41.85 -12.99
CA LEU D 379 1.32 -41.99 -11.55
C LEU D 379 2.63 -42.51 -10.95
N HIS D 380 3.40 -43.25 -11.72
CA HIS D 380 4.65 -43.86 -11.27
C HIS D 380 5.32 -44.49 -12.47
N ASP D 381 6.65 -44.39 -12.52
CA ASP D 381 7.40 -44.94 -13.64
C ASP D 381 8.34 -46.06 -13.25
N ASP D 382 8.48 -46.38 -11.97
CA ASP D 382 9.37 -47.48 -11.57
C ASP D 382 8.89 -48.10 -10.27
N ILE D 383 7.66 -48.63 -10.28
CA ILE D 383 7.07 -49.31 -9.13
C ILE D 383 6.91 -50.77 -9.51
N PHE D 384 7.07 -51.66 -8.54
CA PHE D 384 7.00 -53.10 -8.76
C PHE D 384 5.63 -53.60 -8.34
N LEU D 385 4.89 -54.15 -9.30
CA LEU D 385 3.55 -54.65 -9.10
C LEU D 385 3.40 -55.96 -9.83
N PRO D 386 2.44 -56.79 -9.42
CA PRO D 386 2.13 -58.01 -10.19
C PRO D 386 1.51 -57.65 -11.53
N LYS D 387 1.44 -58.66 -12.40
CA LYS D 387 0.84 -58.46 -13.71
C LYS D 387 -0.59 -57.96 -13.58
N LEU D 388 -0.90 -56.88 -14.27
CA LEU D 388 -2.23 -56.29 -14.25
C LEU D 388 -2.81 -56.23 -15.66
N GLU D 389 -4.14 -56.30 -15.73
CA GLU D 389 -4.85 -56.35 -16.99
C GLU D 389 -6.02 -55.38 -16.97
N TYR D 390 -6.58 -55.13 -18.15
CA TYR D 390 -7.81 -54.35 -18.27
C TYR D 390 -8.83 -54.82 -17.24
N GLY D 391 -9.30 -53.89 -16.43
CA GLY D 391 -10.29 -54.15 -15.41
C GLY D 391 -9.73 -54.30 -14.00
N ASP D 392 -8.42 -54.54 -13.87
CA ASP D 392 -7.83 -54.59 -12.54
C ASP D 392 -7.87 -53.22 -11.89
N LYS D 393 -7.94 -53.21 -10.57
CA LYS D 393 -8.06 -51.97 -9.80
C LYS D 393 -6.82 -51.72 -8.97
N LEU D 394 -6.53 -50.45 -8.75
CA LEU D 394 -5.49 -50.02 -7.83
C LEU D 394 -6.08 -49.02 -6.85
N LEU D 395 -5.53 -49.00 -5.64
CA LEU D 395 -5.89 -48.02 -4.62
C LEU D 395 -4.65 -47.18 -4.33
N ILE D 396 -4.76 -45.86 -4.51
CA ILE D 396 -3.69 -44.92 -4.25
C ILE D 396 -4.05 -44.18 -2.97
N ASP D 397 -3.25 -44.39 -1.94
CA ASP D 397 -3.57 -43.94 -0.60
C ASP D 397 -2.89 -42.62 -0.28
N GLY D 398 -3.42 -41.94 0.73
CA GLY D 398 -2.80 -40.73 1.25
C GLY D 398 -2.95 -39.50 0.39
N VAL D 399 -4.05 -39.36 -0.34
CA VAL D 399 -4.23 -38.26 -1.26
C VAL D 399 -5.24 -37.24 -0.75
N GLY D 400 -5.49 -37.22 0.57
CA GLY D 400 -6.53 -36.38 1.12
C GLY D 400 -6.25 -34.90 1.11
N ALA D 401 -5.00 -34.50 0.84
CA ALA D 401 -4.61 -33.10 0.90
C ALA D 401 -4.23 -32.60 -0.48
N TYR D 402 -4.87 -31.51 -0.89
CA TYR D 402 -4.47 -30.72 -2.06
C TYR D 402 -4.63 -31.47 -3.38
N ASN D 403 -5.64 -32.32 -3.48
CA ASN D 403 -5.94 -32.98 -4.75
C ASN D 403 -7.38 -32.74 -5.18
N ILE D 404 -8.37 -33.04 -4.34
CA ILE D 404 -9.75 -33.10 -4.78
C ILE D 404 -10.20 -31.75 -5.35
N SER D 405 -9.93 -30.67 -4.64
CA SER D 405 -10.39 -29.35 -5.08
C SER D 405 -9.55 -28.81 -6.23
N ARG D 406 -8.43 -29.45 -6.56
CA ARG D 406 -7.65 -29.07 -7.73
C ARG D 406 -8.03 -29.88 -8.97
N ASN D 407 -9.00 -30.78 -8.85
CA ASN D 407 -9.60 -31.38 -10.03
C ASN D 407 -10.19 -30.29 -10.92
N ASN D 408 -10.23 -30.55 -12.22
CA ASN D 408 -10.67 -29.54 -13.18
C ASN D 408 -11.40 -30.26 -14.31
N GLU D 409 -11.75 -29.49 -15.34
CA GLU D 409 -12.57 -29.99 -16.45
C GLU D 409 -11.74 -30.16 -17.73
N PHE D 410 -10.44 -30.36 -17.60
CA PHE D 410 -9.52 -30.56 -18.73
C PHE D 410 -9.56 -32.02 -19.14
N ILE D 411 -10.14 -32.28 -20.31
CA ILE D 411 -10.21 -33.60 -20.93
C ILE D 411 -11.24 -34.48 -20.22
N HIS D 412 -11.00 -34.79 -18.94
CA HIS D 412 -11.91 -35.62 -18.15
C HIS D 412 -12.57 -34.78 -17.08
N LEU D 413 -13.87 -35.00 -16.84
CA LEU D 413 -14.57 -34.26 -15.82
C LEU D 413 -14.27 -34.84 -14.44
N LYS D 414 -14.74 -34.15 -13.41
CA LYS D 414 -14.30 -34.46 -12.05
C LYS D 414 -14.96 -35.75 -11.55
N PRO D 415 -14.21 -36.64 -10.90
CA PRO D 415 -14.78 -37.91 -10.45
C PRO D 415 -15.56 -37.76 -9.14
N SER D 416 -16.24 -38.84 -8.79
CA SER D 416 -17.01 -38.87 -7.57
C SER D 416 -16.08 -38.81 -6.35
N VAL D 417 -16.61 -38.27 -5.26
CA VAL D 417 -16.00 -38.35 -3.94
C VAL D 417 -17.03 -38.99 -3.02
N ILE D 418 -16.68 -40.13 -2.43
CA ILE D 418 -17.59 -40.92 -1.61
C ILE D 418 -17.07 -40.99 -0.18
N LEU D 419 -17.97 -40.84 0.78
CA LEU D 419 -17.64 -41.02 2.19
C LEU D 419 -18.07 -42.41 2.63
N ILE D 420 -17.15 -43.17 3.21
CA ILE D 420 -17.49 -44.35 3.99
C ILE D 420 -17.79 -43.84 5.39
N ASP D 421 -19.07 -43.66 5.70
CA ASP D 421 -19.44 -42.94 6.91
C ASP D 421 -19.27 -43.83 8.13
N LYS D 422 -19.55 -43.24 9.31
CA LYS D 422 -19.26 -43.92 10.57
C LYS D 422 -20.08 -45.17 10.76
N ASN D 423 -21.11 -45.40 9.95
CA ASN D 423 -21.87 -46.63 9.97
C ASN D 423 -21.51 -47.55 8.81
N GLN D 424 -20.37 -47.29 8.16
CA GLN D 424 -19.93 -48.09 7.02
C GLN D 424 -20.93 -48.06 5.87
N GLN D 425 -21.60 -46.92 5.69
CA GLN D 425 -22.49 -46.70 4.56
C GLN D 425 -21.92 -45.61 3.68
N TYR D 426 -22.17 -45.73 2.38
CA TYR D 426 -21.61 -44.79 1.41
C TYR D 426 -22.47 -43.55 1.31
N GLN D 427 -21.83 -42.37 1.33
CA GLN D 427 -22.50 -41.10 1.14
C GLN D 427 -21.76 -40.32 0.06
N VAL D 428 -22.51 -39.76 -0.88
CA VAL D 428 -21.89 -39.00 -1.98
C VAL D 428 -21.59 -37.60 -1.48
N LEU D 429 -20.31 -37.22 -1.50
CA LEU D 429 -19.91 -35.86 -1.19
C LEU D 429 -19.75 -35.01 -2.44
N ARG D 430 -19.33 -35.60 -3.56
CA ARG D 430 -19.31 -34.92 -4.84
C ARG D 430 -19.77 -35.91 -5.90
N VAL D 431 -20.83 -35.56 -6.63
CA VAL D 431 -21.34 -36.44 -7.67
C VAL D 431 -20.41 -36.39 -8.87
N ARG D 432 -20.26 -37.53 -9.53
CA ARG D 432 -19.57 -37.61 -10.81
C ARG D 432 -20.10 -36.53 -11.76
N GLN D 433 -19.20 -35.70 -12.25
CA GLN D 433 -19.57 -34.63 -13.17
C GLN D 433 -19.75 -35.16 -14.58
N THR D 434 -20.81 -34.70 -15.25
CA THR D 434 -21.07 -35.04 -16.63
C THR D 434 -21.46 -33.78 -17.39
N HIS D 435 -21.31 -33.84 -18.72
CA HIS D 435 -21.68 -32.72 -19.57
C HIS D 435 -23.19 -32.64 -19.72
N GLN D 436 -23.71 -31.40 -19.75
CA GLN D 436 -25.14 -31.22 -20.00
C GLN D 436 -25.40 -29.79 -20.50
#